data_6XPR
#
_entry.id   6XPR
#
_cell.length_a   204.490
_cell.length_b   204.490
_cell.length_c   132.490
_cell.angle_alpha   90.000
_cell.angle_beta   90.000
_cell.angle_gamma   120.000
#
_symmetry.space_group_name_H-M   'P 3 2 1'
#
loop_
_entity.id
_entity.type
_entity.pdbx_description
1 polymer Hemagglutinin
2 polymer 'antibody D2 H1-1/H3-1 H3 heavy chain'
3 polymer 'antibody D2 H1-1/H3-1 H3 light chain'
4 branched beta-D-mannopyranose-(1-4)-2-acetamido-2-deoxy-beta-D-glucopyranose-(1-4)-2-acetamido-2-deoxy-beta-D-glucopyranose
5 branched 2-acetamido-2-deoxy-beta-D-glucopyranose-(1-4)-2-acetamido-2-deoxy-beta-D-glucopyranose
6 non-polymer 2-acetamido-2-deoxy-beta-D-glucopyranose
#
loop_
_entity_poly.entity_id
_entity_poly.type
_entity_poly.pdbx_seq_one_letter_code
_entity_poly.pdbx_strand_id
1 'polypeptide(L)'
;TNATELVQNSSIGEICDSPHQILDGENCTLIDALLGDPQCDGFQNKKWDLFVERSKAYSNCYPYDVPDYASLRSLVASSG
TLEFNNESFNWNGVTQNGTSSACIRRSNNSFFSRLNWLTHLNFKYPALNVTMPNNEQFDKLYIWGVHHPVTDKDQIFLYA
QPSGRITVSTKRSQQAVIPNIGFRPRIRNIPSRISIYWTIVKPGDILLINSTGNLIAPRGYFKIRSGKSSIMRSDAPIGK
CKSECITPNGSIPNDKPFQNVNRITYGACPRYVKQSTLKLATGGALEVLFQ
;
A,D
2 'polypeptide(L)'
;QVQLVQSGGGLVRPGGSLRLSCAASGFTFSSAWMTWVRQAPGKGLEWVANIKEDGSEKYYVDSVKGRFSISRDNAKNSLY
LQISSLRAEDTAVYYCARRFVERLWGQSKPYDAVDIWGQGTMVTVSGASTKGPSVFPLAPSSKSTSGGTAALGCLVKDYF
PEPVTVSWNSGALTSGVHTFPAVLQSSGLYSLSSVVTVPSSSLGTQTYICNVNHKPSNTKVDKRVEPKSCDKHHHHHH
;
B,E
3 'polypeptide(L)'
;DIQMTQSPSSLSASVGDRVTITCRASQSISNYLNWYQQKPGKAPKLLIYVASNLQSGVPSRFSGSGSGTDFALTISSLQP
EDFASYYCQQSYSPVTTFGGGTKVEIKRTVAAPSVFIFPPSDEQLKSGTASVVCLLNNFYPREAKVQWKVDNALQSGNSQ
ESVTEQDSKDSTYSLSSTLTLSKADYEKHKVYACEVTHQGLSSPVTKSFNRGEC
;
C,F
#
loop_
_chem_comp.id
_chem_comp.type
_chem_comp.name
_chem_comp.formula
BMA D-saccharide, beta linking beta-D-mannopyranose 'C6 H12 O6'
NAG D-saccharide, beta linking 2-acetamido-2-deoxy-beta-D-glucopyranose 'C8 H15 N O6'
#
# COMPACT_ATOMS: atom_id res chain seq x y z
N THR A 4 46.08 35.08 54.16
CA THR A 4 46.18 35.19 52.71
C THR A 4 46.07 33.83 52.03
N GLU A 5 46.09 33.84 50.70
CA GLU A 5 45.84 32.66 49.87
C GLU A 5 44.49 32.03 50.25
N LEU A 6 43.45 32.85 50.22
CA LEU A 6 42.08 32.42 50.47
C LEU A 6 41.32 32.53 49.17
N VAL A 7 40.95 31.38 48.59
CA VAL A 7 40.47 31.31 47.22
C VAL A 7 39.16 30.53 47.21
N GLN A 8 38.63 30.20 48.38
CA GLN A 8 37.38 29.45 48.51
C GLN A 8 37.49 28.13 47.76
N ASN A 9 38.27 27.23 48.35
CA ASN A 9 38.66 25.98 47.70
C ASN A 9 37.74 24.81 48.02
N SER A 10 36.55 25.08 48.55
CA SER A 10 35.62 24.04 48.92
C SER A 10 34.21 24.40 48.46
N SER A 11 33.45 23.37 48.07
CA SER A 11 32.05 23.54 47.69
C SER A 11 31.18 22.68 48.60
N ILE A 12 29.93 23.12 48.77
CA ILE A 12 29.01 22.43 49.67
C ILE A 12 28.52 21.10 49.11
N GLY A 13 28.82 20.80 47.85
CA GLY A 13 28.41 19.55 47.25
C GLY A 13 27.00 19.51 46.71
N GLU A 14 26.24 20.59 46.85
CA GLU A 14 24.87 20.65 46.34
C GLU A 14 24.63 22.03 45.74
N ILE A 15 23.55 22.14 44.98
CA ILE A 15 23.17 23.37 44.30
C ILE A 15 21.96 23.97 45.00
N CYS A 16 22.04 25.27 45.32
CA CYS A 16 20.96 25.95 46.02
C CYS A 16 19.88 26.38 45.05
N ASP A 17 18.62 26.16 45.45
CA ASP A 17 17.47 26.54 44.64
C ASP A 17 17.11 28.02 44.76
N SER A 18 17.91 28.80 45.47
CA SER A 18 17.66 30.23 45.67
C SER A 18 18.99 30.96 45.70
N PRO A 19 19.00 32.24 45.30
CA PRO A 19 17.87 33.03 44.80
C PRO A 19 17.52 32.71 43.36
N HIS A 20 18.44 32.05 42.66
CA HIS A 20 18.23 31.72 41.26
C HIS A 20 17.22 30.60 41.11
N GLN A 21 16.26 30.78 40.19
CA GLN A 21 15.25 29.77 39.94
C GLN A 21 15.87 28.61 39.19
N ILE A 22 16.11 27.51 39.90
CA ILE A 22 16.78 26.34 39.33
C ILE A 22 15.73 25.39 38.78
N LEU A 23 16.02 24.80 37.63
CA LEU A 23 15.16 23.80 37.02
C LEU A 23 16.00 22.55 36.74
N ASP A 24 15.61 21.44 37.33
CA ASP A 24 16.33 20.18 37.21
C ASP A 24 15.69 19.35 36.10
N GLY A 25 16.47 19.07 35.04
CA GLY A 25 15.94 18.29 33.94
C GLY A 25 15.76 16.82 34.29
N GLU A 26 16.57 16.31 35.21
CA GLU A 26 16.48 14.92 35.69
C GLU A 26 16.74 14.00 34.51
N ASN A 27 15.83 13.07 34.18
CA ASN A 27 16.01 12.16 33.05
C ASN A 27 15.89 12.85 31.70
N CYS A 28 15.67 14.16 31.65
CA CYS A 28 15.45 14.88 30.40
C CYS A 28 16.61 15.84 30.13
N THR A 29 16.95 15.98 28.85
CA THR A 29 17.81 17.07 28.41
C THR A 29 16.96 18.28 28.05
N LEU A 30 17.64 19.39 27.74
CA LEU A 30 16.91 20.58 27.31
C LEU A 30 16.21 20.36 25.98
N ILE A 31 16.85 19.61 25.07
CA ILE A 31 16.29 19.42 23.74
C ILE A 31 15.10 18.47 23.77
N ASP A 32 15.19 17.41 24.57
CA ASP A 32 14.06 16.48 24.67
C ASP A 32 12.83 17.17 25.26
N ALA A 33 13.02 17.98 26.30
CA ALA A 33 11.91 18.78 26.81
C ALA A 33 11.49 19.85 25.81
N LEU A 34 12.44 20.35 25.02
CA LEU A 34 12.12 21.33 23.98
C LEU A 34 11.24 20.73 22.90
N LEU A 35 11.53 19.49 22.48
CA LEU A 35 10.76 18.85 21.41
C LEU A 35 9.43 18.31 21.92
N GLY A 36 9.42 17.66 23.07
CA GLY A 36 8.18 17.11 23.62
C GLY A 36 8.24 15.61 23.85
N ASP A 37 9.40 15.12 24.27
CA ASP A 37 9.55 13.72 24.61
C ASP A 37 8.54 13.36 25.70
N PRO A 38 7.72 12.30 25.51
CA PRO A 38 6.69 11.95 26.50
C PRO A 38 7.10 12.01 27.95
N GLN A 39 8.32 11.57 28.27
CA GLN A 39 8.79 11.63 29.64
C GLN A 39 9.09 13.04 30.11
N CYS A 40 9.07 14.02 29.21
CA CYS A 40 9.43 15.40 29.53
C CYS A 40 8.23 16.34 29.48
N ASP A 41 7.01 15.80 29.50
CA ASP A 41 5.82 16.62 29.35
C ASP A 41 5.55 17.52 30.56
N GLY A 42 6.18 17.24 31.69
CA GLY A 42 6.06 18.10 32.85
C GLY A 42 6.85 19.38 32.78
N PHE A 43 7.64 19.56 31.72
CA PHE A 43 8.49 20.73 31.56
C PHE A 43 7.88 21.79 30.65
N GLN A 44 6.65 21.60 30.19
CA GLN A 44 6.06 22.52 29.21
C GLN A 44 5.85 23.90 29.83
N ASN A 45 6.23 24.93 29.07
CA ASN A 45 5.96 26.33 29.41
C ASN A 45 6.61 26.76 30.72
N LYS A 46 7.69 26.11 31.13
CA LYS A 46 8.31 26.36 32.42
C LYS A 46 9.58 27.19 32.25
N LYS A 47 9.82 28.10 33.20
CA LYS A 47 10.90 29.07 33.13
C LYS A 47 12.01 28.67 34.09
N TRP A 48 13.19 29.25 33.88
CA TRP A 48 14.34 28.97 34.73
C TRP A 48 15.35 30.11 34.62
N ASP A 49 16.14 30.28 35.68
CA ASP A 49 17.35 31.10 35.62
C ASP A 49 18.56 30.26 35.30
N LEU A 50 18.61 29.03 35.83
CA LEU A 50 19.64 28.06 35.48
C LEU A 50 18.98 26.71 35.28
N PHE A 51 19.33 26.02 34.20
CA PHE A 51 18.78 24.72 33.88
C PHE A 51 19.92 23.70 33.95
N VAL A 52 19.74 22.69 34.79
CA VAL A 52 20.80 21.73 35.10
C VAL A 52 20.49 20.42 34.38
N GLU A 53 21.29 20.09 33.37
CA GLU A 53 21.19 18.80 32.72
C GLU A 53 21.95 17.74 33.51
N ARG A 54 21.40 16.53 33.50
CA ARG A 54 21.98 15.41 34.24
C ARG A 54 22.69 14.45 33.29
N SER A 55 23.61 13.66 33.86
CA SER A 55 24.30 12.65 33.09
C SER A 55 23.41 11.45 32.79
N LYS A 56 22.37 11.24 33.59
CA LYS A 56 21.46 10.09 33.44
C LYS A 56 20.33 10.36 32.45
N ALA A 57 20.32 11.51 31.79
CA ALA A 57 19.25 11.83 30.86
C ALA A 57 19.28 10.92 29.64
N TYR A 58 18.11 10.68 29.06
CA TYR A 58 18.00 9.82 27.89
C TYR A 58 16.74 10.17 27.13
N SER A 59 16.70 9.77 25.87
CA SER A 59 15.55 9.98 25.00
C SER A 59 14.77 8.69 24.86
N ASN A 60 13.44 8.80 24.77
CA ASN A 60 12.56 7.63 24.68
C ASN A 60 11.39 7.94 23.76
N CYS A 61 11.65 8.63 22.64
CA CYS A 61 10.62 8.92 21.64
C CYS A 61 11.12 8.37 20.32
N TYR A 62 11.22 9.19 19.28
CA TYR A 62 11.66 8.73 17.96
C TYR A 62 13.12 9.13 17.76
N PRO A 63 13.97 8.24 17.24
CA PRO A 63 15.38 8.57 17.10
C PRO A 63 15.59 9.77 16.18
N TYR A 64 16.29 10.77 16.69
CA TYR A 64 16.44 12.05 16.01
C TYR A 64 17.87 12.56 16.19
N ASP A 65 18.33 13.34 15.21
CA ASP A 65 19.60 14.02 15.29
C ASP A 65 19.38 15.52 15.19
N VAL A 66 20.26 16.28 15.83
CA VAL A 66 20.29 17.73 15.72
C VAL A 66 21.66 18.15 15.22
N PRO A 67 21.78 18.51 13.95
CA PRO A 67 23.11 18.85 13.41
C PRO A 67 23.76 20.02 14.12
N ASP A 68 23.02 21.10 14.34
CA ASP A 68 23.53 22.26 15.07
C ASP A 68 23.00 22.20 16.51
N TYR A 69 23.54 21.24 17.26
CA TYR A 69 23.04 20.97 18.60
C TYR A 69 23.52 22.00 19.62
N ALA A 70 24.73 22.54 19.44
CA ALA A 70 25.31 23.42 20.44
C ALA A 70 24.61 24.76 20.48
N SER A 71 24.43 25.40 19.33
CA SER A 71 23.84 26.74 19.31
C SER A 71 22.37 26.70 19.72
N LEU A 72 21.63 25.69 19.25
CA LEU A 72 20.24 25.54 19.66
C LEU A 72 20.12 25.39 21.16
N ARG A 73 20.92 24.49 21.74
CA ARG A 73 20.89 24.27 23.19
C ARG A 73 21.24 25.56 23.95
N SER A 74 22.21 26.32 23.44
CA SER A 74 22.66 27.52 24.15
C SER A 74 21.63 28.63 24.05
N LEU A 75 21.13 28.91 22.84
CA LEU A 75 20.25 30.06 22.67
C LEU A 75 18.85 29.79 23.23
N VAL A 76 18.43 28.52 23.28
CA VAL A 76 17.17 28.21 23.94
C VAL A 76 17.28 28.40 25.44
N ALA A 77 18.39 27.95 26.03
CA ALA A 77 18.61 28.15 27.46
C ALA A 77 18.81 29.62 27.80
N SER A 78 19.34 30.41 26.86
CA SER A 78 19.57 31.82 27.11
C SER A 78 18.26 32.56 27.37
N SER A 79 17.20 32.19 26.66
CA SER A 79 15.90 32.82 26.89
C SER A 79 15.28 32.39 28.20
N GLY A 80 15.63 31.19 28.68
CA GLY A 80 15.18 30.75 29.98
C GLY A 80 13.73 30.34 30.06
N THR A 81 13.03 30.24 28.93
CA THR A 81 11.62 29.88 28.94
C THR A 81 11.35 28.80 27.90
N LEU A 82 10.47 27.86 28.26
CA LEU A 82 9.89 26.91 27.33
C LEU A 82 8.46 27.26 26.96
N GLU A 83 8.09 28.53 27.07
CA GLU A 83 6.74 28.96 26.72
C GLU A 83 6.51 28.77 25.23
N PHE A 84 5.49 27.97 24.89
CA PHE A 84 5.19 27.60 23.52
C PHE A 84 3.82 28.12 23.15
N ASN A 85 3.73 28.83 22.03
CA ASN A 85 2.48 29.39 21.53
C ASN A 85 2.06 28.60 20.30
N ASN A 86 0.97 27.85 20.43
CA ASN A 86 0.44 27.09 19.30
C ASN A 86 0.01 28.03 18.17
N GLU A 87 0.43 27.69 16.96
CA GLU A 87 -0.06 28.35 15.76
C GLU A 87 -0.75 27.35 14.85
N SER A 88 -1.77 27.84 14.14
CA SER A 88 -2.54 27.02 13.23
C SER A 88 -2.02 27.24 11.82
N PHE A 89 -1.29 26.27 11.30
CA PHE A 89 -0.87 26.27 9.91
C PHE A 89 -1.97 25.66 9.05
N ASN A 90 -2.02 26.08 7.79
CA ASN A 90 -3.01 25.56 6.84
C ASN A 90 -2.40 24.36 6.13
N TRP A 91 -2.61 23.18 6.69
CA TRP A 91 -2.10 21.94 6.11
C TRP A 91 -3.20 21.20 5.35
N ASN A 92 -3.76 21.86 4.34
CA ASN A 92 -4.77 21.21 3.51
C ASN A 92 -4.15 20.15 2.63
N GLY A 93 -4.84 19.01 2.51
CA GLY A 93 -4.42 17.95 1.63
C GLY A 93 -3.43 16.96 2.23
N VAL A 94 -3.09 17.08 3.51
CA VAL A 94 -2.15 16.18 4.16
C VAL A 94 -2.81 15.61 5.42
N THR A 95 -2.20 14.55 5.94
CA THR A 95 -2.65 13.91 7.16
C THR A 95 -1.72 14.32 8.31
N GLN A 96 -2.32 14.73 9.42
CA GLN A 96 -1.59 15.28 10.56
C GLN A 96 -1.51 14.26 11.70
N ASN A 97 -0.89 14.70 12.79
CA ASN A 97 -0.73 13.91 14.01
C ASN A 97 -0.21 12.50 13.70
N GLY A 98 0.98 12.45 13.10
CA GLY A 98 1.62 11.18 12.87
C GLY A 98 2.23 10.62 14.15
N THR A 99 2.01 9.32 14.37
CA THR A 99 2.44 8.66 15.59
C THR A 99 3.35 7.49 15.28
N SER A 100 4.11 7.07 16.29
CA SER A 100 5.03 5.94 16.17
C SER A 100 4.95 5.09 17.42
N SER A 101 5.45 3.86 17.29
CA SER A 101 5.42 2.92 18.41
C SER A 101 6.57 3.13 19.39
N ALA A 102 7.64 3.81 18.96
CA ALA A 102 8.78 4.07 19.83
C ALA A 102 8.55 5.27 20.76
N CYS A 103 7.42 5.96 20.63
CA CYS A 103 7.15 7.19 21.35
C CYS A 103 5.78 7.07 21.98
N ILE A 104 5.73 6.77 23.28
CA ILE A 104 4.52 6.32 23.96
C ILE A 104 4.05 7.38 24.94
N ARG A 105 2.79 7.81 24.77
CA ARG A 105 2.05 8.57 25.77
C ARG A 105 0.96 7.69 26.34
N ARG A 106 0.88 7.66 27.68
CA ARG A 106 -0.28 7.13 28.40
C ARG A 106 -0.74 5.78 27.84
N SER A 107 0.24 4.90 27.61
CA SER A 107 -0.01 3.56 27.09
C SER A 107 -0.60 3.60 25.68
N ASN A 108 -0.16 4.56 24.88
CA ASN A 108 -0.58 4.67 23.49
C ASN A 108 0.57 5.21 22.65
N ASN A 109 0.50 4.92 21.35
CA ASN A 109 1.51 5.44 20.43
C ASN A 109 1.33 6.94 20.24
N SER A 110 2.44 7.64 20.06
CA SER A 110 2.39 9.09 19.92
C SER A 110 3.70 9.59 19.30
N PHE A 111 3.99 10.87 19.51
CA PHE A 111 5.11 11.54 18.87
C PHE A 111 5.44 12.78 19.69
N PHE A 112 6.42 13.56 19.22
CA PHE A 112 6.82 14.77 19.93
C PHE A 112 5.64 15.73 20.06
N SER A 113 5.54 16.37 21.23
CA SER A 113 4.36 17.19 21.53
C SER A 113 4.34 18.47 20.71
N ARG A 114 5.50 19.02 20.37
CA ARG A 114 5.58 20.29 19.67
C ARG A 114 5.83 20.11 18.17
N LEU A 115 5.74 18.89 17.66
CA LEU A 115 5.98 18.60 16.25
C LEU A 115 4.79 17.85 15.66
N ASN A 116 4.55 18.09 14.37
CA ASN A 116 3.46 17.47 13.64
C ASN A 116 4.06 16.70 12.47
N TRP A 117 3.86 15.38 12.44
CA TRP A 117 4.47 14.50 11.45
C TRP A 117 3.45 14.28 10.33
N LEU A 118 3.66 15.00 9.22
CA LEU A 118 2.70 15.06 8.13
C LEU A 118 2.92 13.90 7.17
N THR A 119 1.83 13.22 6.80
CA THR A 119 1.84 12.14 5.83
C THR A 119 0.86 12.45 4.71
N HIS A 120 0.73 11.50 3.77
CA HIS A 120 -0.15 11.69 2.63
C HIS A 120 -1.61 11.57 3.05
N LEU A 121 -2.48 12.23 2.28
CA LEU A 121 -3.92 12.15 2.45
C LEU A 121 -4.50 11.51 1.20
N ASN A 122 -4.98 10.27 1.33
CA ASN A 122 -5.50 9.50 0.20
C ASN A 122 -4.43 9.34 -0.89
N PHE A 123 -3.18 9.17 -0.45
CA PHE A 123 -2.03 8.92 -1.33
C PHE A 123 -1.79 10.10 -2.28
N LYS A 124 -2.13 11.31 -1.82
CA LYS A 124 -1.75 12.55 -2.50
C LYS A 124 -1.21 13.52 -1.46
N TYR A 125 0.03 13.96 -1.67
CA TYR A 125 0.72 14.85 -0.73
C TYR A 125 1.16 16.07 -1.53
N PRO A 126 0.31 17.10 -1.61
CA PRO A 126 0.55 18.20 -2.55
C PRO A 126 1.74 19.06 -2.12
N ALA A 127 2.11 19.96 -3.03
CA ALA A 127 3.18 20.92 -2.77
C ALA A 127 2.69 21.95 -1.75
N LEU A 128 3.23 21.89 -0.55
CA LEU A 128 2.78 22.72 0.56
C LEU A 128 3.52 24.05 0.55
N ASN A 129 2.77 25.14 0.64
CA ASN A 129 3.33 26.50 0.71
C ASN A 129 2.59 27.26 1.82
N VAL A 130 3.14 27.22 3.04
CA VAL A 130 2.58 27.93 4.18
C VAL A 130 3.45 29.14 4.47
N THR A 131 2.82 30.29 4.68
CA THR A 131 3.49 31.52 5.03
C THR A 131 2.96 32.02 6.37
N MET A 132 3.87 32.33 7.28
CA MET A 132 3.50 32.74 8.63
C MET A 132 4.16 34.07 8.94
N PRO A 133 3.40 35.10 9.33
CA PRO A 133 3.92 36.48 9.32
C PRO A 133 4.81 36.87 10.50
N ASN A 134 4.44 36.47 11.72
CA ASN A 134 5.10 36.96 12.93
C ASN A 134 5.05 38.48 13.00
N ASN A 135 3.92 39.03 13.44
CA ASN A 135 3.79 40.46 13.68
C ASN A 135 3.99 40.82 15.14
N GLU A 136 4.61 39.94 15.92
CA GLU A 136 4.87 40.18 17.33
C GLU A 136 6.22 40.90 17.48
N GLN A 137 6.33 41.69 18.54
CA GLN A 137 7.48 42.58 18.74
C GLN A 137 8.74 41.86 19.18
N PHE A 138 8.92 40.61 18.77
CA PHE A 138 9.96 39.80 19.38
C PHE A 138 10.33 38.63 18.47
N ASP A 139 11.57 38.19 18.60
CA ASP A 139 12.09 37.11 17.76
C ASP A 139 11.42 35.80 18.10
N LYS A 140 10.95 35.08 17.08
CA LYS A 140 10.33 33.78 17.26
C LYS A 140 11.32 32.67 16.95
N LEU A 141 11.08 31.50 17.54
CA LEU A 141 11.89 30.31 17.31
C LEU A 141 10.98 29.17 16.86
N TYR A 142 11.17 28.72 15.62
CA TYR A 142 10.42 27.60 15.07
C TYR A 142 11.33 26.37 14.98
N ILE A 143 10.78 25.21 15.32
CA ILE A 143 11.52 23.97 15.33
C ILE A 143 10.79 22.96 14.44
N TRP A 144 11.52 22.39 13.49
CA TRP A 144 10.97 21.44 12.52
C TRP A 144 12.02 20.36 12.26
N GLY A 145 11.66 19.39 11.42
CA GLY A 145 12.54 18.28 11.15
C GLY A 145 12.27 17.65 9.81
N VAL A 146 13.14 16.71 9.45
CA VAL A 146 13.07 16.00 8.17
C VAL A 146 13.17 14.51 8.45
N HIS A 147 12.17 13.75 8.00
CA HIS A 147 12.14 12.32 8.21
C HIS A 147 12.95 11.61 7.13
N HIS A 148 13.75 10.62 7.53
CA HIS A 148 14.60 9.84 6.64
C HIS A 148 14.14 8.39 6.66
N PRO A 149 13.23 7.99 5.77
CA PRO A 149 12.78 6.60 5.74
C PRO A 149 13.92 5.64 5.43
N VAL A 150 13.71 4.38 5.77
CA VAL A 150 14.76 3.39 5.61
C VAL A 150 14.77 2.76 4.21
N THR A 151 13.61 2.66 3.56
CA THR A 151 13.51 2.08 2.23
C THR A 151 12.68 2.98 1.34
N ASP A 152 12.78 2.74 0.03
CA ASP A 152 11.89 3.42 -0.92
C ASP A 152 10.44 3.05 -0.69
N LYS A 153 10.19 1.87 -0.13
CA LYS A 153 8.81 1.46 0.15
C LYS A 153 8.18 2.34 1.22
N ASP A 154 8.92 2.61 2.31
CA ASP A 154 8.39 3.46 3.36
C ASP A 154 8.22 4.90 2.88
N GLN A 155 9.19 5.41 2.11
CA GLN A 155 9.05 6.73 1.51
C GLN A 155 7.75 6.84 0.72
N ILE A 156 7.43 5.81 -0.06
CA ILE A 156 6.24 5.86 -0.90
C ILE A 156 4.98 5.67 -0.07
N PHE A 157 4.99 4.73 0.87
CA PHE A 157 3.83 4.49 1.71
C PHE A 157 3.56 5.62 2.69
N LEU A 158 4.57 6.44 3.01
CA LEU A 158 4.37 7.52 3.96
C LEU A 158 3.99 8.85 3.31
N TYR A 159 4.49 9.11 2.11
CA TYR A 159 4.34 10.44 1.50
C TYR A 159 3.84 10.42 0.07
N ALA A 160 3.73 9.26 -0.58
CA ALA A 160 3.32 9.16 -1.98
C ALA A 160 4.15 10.10 -2.85
N GLN A 161 5.47 9.97 -2.73
CA GLN A 161 6.42 10.86 -3.38
C GLN A 161 7.82 10.26 -3.24
N PRO A 162 8.45 9.84 -4.34
CA PRO A 162 9.77 9.20 -4.21
C PRO A 162 10.87 10.17 -3.80
N SER A 163 10.78 11.44 -4.19
CA SER A 163 11.83 12.42 -3.91
C SER A 163 11.22 13.59 -3.16
N GLY A 164 11.20 13.50 -1.83
CA GLY A 164 10.73 14.60 -1.01
C GLY A 164 11.75 15.73 -0.94
N ARG A 165 11.24 16.95 -0.82
CA ARG A 165 12.07 18.14 -0.69
C ARG A 165 11.43 19.09 0.32
N ILE A 166 12.27 19.84 1.03
CA ILE A 166 11.81 20.77 2.05
C ILE A 166 12.62 22.06 1.93
N THR A 167 11.93 23.20 1.91
CA THR A 167 12.55 24.51 1.85
C THR A 167 11.88 25.42 2.87
N VAL A 168 12.64 25.83 3.89
CA VAL A 168 12.16 26.75 4.92
C VAL A 168 12.90 28.07 4.73
N SER A 169 12.15 29.13 4.47
CA SER A 169 12.72 30.40 4.04
C SER A 169 12.17 31.55 4.86
N THR A 170 12.96 32.61 4.96
CA THR A 170 12.52 33.88 5.54
C THR A 170 12.97 34.98 4.56
N LYS A 171 13.01 36.22 5.05
CA LYS A 171 13.55 37.32 4.26
C LYS A 171 15.03 37.58 4.54
N ARG A 172 15.63 36.82 5.45
CA ARG A 172 17.07 36.89 5.69
C ARG A 172 17.77 35.55 5.49
N SER A 173 17.04 34.43 5.44
CA SER A 173 17.65 33.12 5.36
C SER A 173 16.79 32.21 4.48
N GLN A 174 17.39 31.09 4.07
CA GLN A 174 16.70 30.09 3.26
C GLN A 174 17.35 28.73 3.52
N GLN A 175 16.54 27.78 4.00
CA GLN A 175 17.02 26.46 4.39
C GLN A 175 16.36 25.40 3.54
N ALA A 176 17.18 24.56 2.90
CA ALA A 176 16.69 23.49 2.04
C ALA A 176 17.34 22.18 2.42
N VAL A 177 16.53 21.14 2.63
CA VAL A 177 17.02 19.85 3.10
C VAL A 177 16.48 18.76 2.17
N ILE A 178 17.30 17.74 1.93
CA ILE A 178 16.94 16.61 1.08
C ILE A 178 17.03 15.34 1.93
N PRO A 179 15.96 14.55 2.03
CA PRO A 179 16.03 13.31 2.80
C PRO A 179 16.95 12.30 2.17
N ASN A 180 17.65 11.54 3.02
CA ASN A 180 18.59 10.51 2.58
C ASN A 180 18.05 9.15 3.02
N ILE A 181 17.40 8.46 2.08
CA ILE A 181 16.92 7.11 2.34
C ILE A 181 18.09 6.15 2.30
N GLY A 182 18.13 5.23 3.26
CA GLY A 182 19.21 4.26 3.32
C GLY A 182 18.93 3.15 4.29
N PHE A 183 19.62 2.03 4.08
CA PHE A 183 19.53 0.87 4.96
C PHE A 183 20.45 1.12 6.16
N ARG A 184 19.87 1.63 7.25
CA ARG A 184 20.60 2.02 8.44
C ARG A 184 20.08 1.28 9.67
N PRO A 185 20.93 1.05 10.66
CA PRO A 185 20.52 0.22 11.81
C PRO A 185 19.39 0.87 12.61
N ARG A 186 18.82 0.06 13.50
CA ARG A 186 17.73 0.49 14.36
C ARG A 186 18.25 1.22 15.59
N ILE A 187 17.45 2.16 16.08
CA ILE A 187 17.67 2.83 17.35
C ILE A 187 16.34 2.87 18.08
N ARG A 188 16.28 2.26 19.26
CA ARG A 188 15.01 2.03 19.96
C ARG A 188 14.03 1.29 19.05
N ASN A 189 14.55 0.30 18.32
CA ASN A 189 13.76 -0.55 17.43
C ASN A 189 13.13 0.25 16.29
N ILE A 190 13.87 1.24 15.80
CA ILE A 190 13.41 2.07 14.67
C ILE A 190 14.56 2.29 13.69
N PRO A 191 14.44 1.85 12.44
CA PRO A 191 15.51 2.11 11.46
C PRO A 191 15.45 3.50 10.84
N SER A 192 14.32 4.19 10.92
CA SER A 192 14.19 5.53 10.36
C SER A 192 14.71 6.56 11.35
N ARG A 193 15.00 7.76 10.82
CA ARG A 193 15.64 8.79 11.63
C ARG A 193 15.14 10.16 11.17
N ILE A 194 15.27 11.14 12.07
CA ILE A 194 14.82 12.51 11.84
C ILE A 194 15.97 13.46 12.13
N SER A 195 16.08 14.51 11.33
CA SER A 195 17.07 15.57 11.54
C SER A 195 16.34 16.85 11.94
N ILE A 196 16.60 17.32 13.15
CA ILE A 196 15.91 18.48 13.71
C ILE A 196 16.65 19.75 13.36
N TYR A 197 15.92 20.74 12.83
CA TYR A 197 16.49 22.02 12.45
C TYR A 197 15.66 23.13 13.10
N TRP A 198 16.25 24.33 13.16
CA TRP A 198 15.58 25.49 13.73
C TRP A 198 15.74 26.69 12.80
N THR A 199 14.86 27.68 13.01
CA THR A 199 14.88 28.89 12.21
C THR A 199 14.37 30.04 13.07
N ILE A 200 15.13 31.14 13.10
CA ILE A 200 14.75 32.33 13.85
C ILE A 200 13.98 33.27 12.92
N VAL A 201 12.84 33.75 13.39
CA VAL A 201 11.98 34.64 12.64
C VAL A 201 11.91 35.97 13.39
N LYS A 202 12.51 37.01 12.82
CA LYS A 202 12.54 38.31 13.45
C LYS A 202 11.22 39.06 13.20
N PRO A 203 10.90 40.06 14.02
CA PRO A 203 9.61 40.75 13.88
C PRO A 203 9.46 41.40 12.51
N GLY A 204 8.26 41.29 11.95
CA GLY A 204 7.97 41.83 10.64
C GLY A 204 8.45 40.99 9.48
N ASP A 205 9.01 39.82 9.74
CA ASP A 205 9.53 38.93 8.70
C ASP A 205 8.65 37.68 8.63
N ILE A 206 8.24 37.31 7.42
CA ILE A 206 7.31 36.21 7.20
C ILE A 206 8.09 34.90 7.10
N LEU A 207 7.60 33.88 7.80
CA LEU A 207 8.16 32.54 7.68
C LEU A 207 7.58 31.83 6.46
N LEU A 208 8.45 31.28 5.62
CA LEU A 208 8.05 30.56 4.42
C LEU A 208 8.53 29.12 4.50
N ILE A 209 7.63 28.18 4.20
CA ILE A 209 7.94 26.76 4.25
C ILE A 209 7.38 26.10 3.00
N ASN A 210 8.27 25.60 2.14
CA ASN A 210 7.89 24.71 1.05
C ASN A 210 8.37 23.30 1.38
N SER A 211 7.49 22.32 1.18
CA SER A 211 7.82 20.94 1.51
C SER A 211 7.00 20.00 0.63
N THR A 212 7.69 19.18 -0.17
CA THR A 212 7.05 18.18 -1.01
C THR A 212 7.05 16.80 -0.38
N GLY A 213 7.64 16.66 0.80
CA GLY A 213 7.66 15.37 1.49
C GLY A 213 8.54 15.40 2.71
N ASN A 214 8.34 14.43 3.60
CA ASN A 214 9.22 14.16 4.73
C ASN A 214 9.27 15.30 5.74
N LEU A 215 8.22 16.12 5.83
CA LEU A 215 8.25 17.30 6.68
C LEU A 215 7.75 16.99 8.09
N ILE A 216 8.60 17.21 9.08
CA ILE A 216 8.18 17.18 10.48
C ILE A 216 7.74 18.61 10.80
N ALA A 217 6.43 18.84 10.69
CA ALA A 217 5.93 20.20 10.72
C ALA A 217 5.95 20.76 12.14
N PRO A 218 6.20 22.07 12.29
CA PRO A 218 6.08 22.69 13.60
C PRO A 218 4.63 23.01 13.95
N ARG A 219 4.37 23.13 15.25
CA ARG A 219 3.05 23.49 15.75
C ARG A 219 2.97 24.90 16.29
N GLY A 220 4.08 25.63 16.29
CA GLY A 220 4.12 26.99 16.79
C GLY A 220 5.56 27.43 16.99
N TYR A 221 5.75 28.36 17.93
CA TYR A 221 7.03 28.99 18.15
C TYR A 221 7.34 29.07 19.65
N PHE A 222 8.61 29.35 19.95
CA PHE A 222 9.06 29.64 21.30
C PHE A 222 9.51 31.08 21.39
N LYS A 223 9.34 31.68 22.56
CA LYS A 223 9.78 33.04 22.82
C LYS A 223 11.29 33.03 23.04
N ILE A 224 12.04 33.63 22.12
CA ILE A 224 13.49 33.62 22.19
C ILE A 224 13.99 35.02 22.51
N ARG A 225 15.11 35.08 23.23
CA ARG A 225 15.77 36.32 23.63
C ARG A 225 17.10 35.97 24.28
N SER A 226 18.11 36.81 24.05
CA SER A 226 19.44 36.60 24.64
C SER A 226 19.42 37.15 26.06
N GLY A 227 18.81 36.39 26.96
CA GLY A 227 18.61 36.82 28.33
C GLY A 227 19.74 36.39 29.26
N LYS A 228 19.46 36.49 30.55
CA LYS A 228 20.47 36.23 31.57
C LYS A 228 20.56 34.74 31.90
N SER A 229 19.48 33.99 31.70
CA SER A 229 19.46 32.58 32.06
C SER A 229 20.51 31.80 31.28
N SER A 230 20.88 30.63 31.82
CA SER A 230 21.93 29.82 31.23
C SER A 230 21.66 28.35 31.55
N ILE A 231 22.57 27.48 31.08
CA ILE A 231 22.46 26.04 31.25
C ILE A 231 23.77 25.53 31.81
N MET A 232 23.70 24.37 32.48
CA MET A 232 24.87 23.81 33.14
C MET A 232 24.72 22.30 33.23
N ARG A 233 25.80 21.58 32.92
CA ARG A 233 25.85 20.14 33.08
C ARG A 233 26.41 19.81 34.46
N SER A 234 25.60 19.16 35.29
CA SER A 234 26.02 18.88 36.66
C SER A 234 25.21 17.72 37.22
N ASP A 235 25.87 16.86 37.99
CA ASP A 235 25.23 15.76 38.70
C ASP A 235 25.06 16.05 40.18
N ALA A 236 25.34 17.26 40.63
CA ALA A 236 25.17 17.61 42.04
C ALA A 236 23.69 17.79 42.35
N PRO A 237 23.16 17.16 43.39
CA PRO A 237 21.74 17.26 43.70
C PRO A 237 21.33 18.69 44.04
N ILE A 238 20.04 18.96 43.90
CA ILE A 238 19.47 20.27 44.20
C ILE A 238 19.01 20.26 45.65
N GLY A 239 19.53 21.20 46.45
CA GLY A 239 19.21 21.29 47.85
C GLY A 239 18.44 22.57 48.18
N LYS A 240 18.00 22.63 49.44
CA LYS A 240 17.26 23.78 49.97
C LYS A 240 18.24 24.67 50.72
N CYS A 241 18.70 25.73 50.05
CA CYS A 241 19.68 26.66 50.59
C CYS A 241 19.68 27.90 49.71
N LYS A 242 20.54 28.86 50.05
CA LYS A 242 20.63 30.11 49.30
C LYS A 242 22.09 30.44 49.06
N SER A 243 22.45 30.61 47.79
CA SER A 243 23.82 30.93 47.42
C SER A 243 23.82 31.65 46.08
N GLU A 244 24.54 32.77 46.01
CA GLU A 244 24.60 33.54 44.77
C GLU A 244 25.38 32.80 43.68
N CYS A 245 26.35 31.99 44.05
CA CYS A 245 27.25 31.35 43.11
C CYS A 245 26.92 29.87 42.96
N ILE A 246 26.96 29.38 41.73
CA ILE A 246 26.62 27.99 41.41
C ILE A 246 27.64 27.46 40.41
N THR A 247 28.18 26.28 40.68
CA THR A 247 29.11 25.58 39.80
C THR A 247 28.64 24.15 39.64
N PRO A 248 29.10 23.46 38.59
CA PRO A 248 28.72 22.05 38.41
C PRO A 248 29.10 21.17 39.60
N ASN A 249 30.02 21.60 40.45
CA ASN A 249 30.39 20.85 41.64
C ASN A 249 29.55 21.25 42.86
N GLY A 250 28.67 22.24 42.73
CA GLY A 250 27.80 22.68 43.80
C GLY A 250 27.77 24.19 43.89
N SER A 251 27.04 24.66 44.90
CA SER A 251 26.95 26.08 45.20
C SER A 251 28.11 26.49 46.11
N ILE A 252 28.48 27.77 46.03
CA ILE A 252 29.74 28.24 46.62
C ILE A 252 29.58 29.66 47.14
N PRO A 253 30.13 29.99 48.32
CA PRO A 253 30.08 31.37 48.80
C PRO A 253 30.92 32.30 47.94
N ASN A 254 30.38 33.50 47.70
CA ASN A 254 31.03 34.52 46.88
C ASN A 254 31.77 35.56 47.72
N ASP A 255 32.23 35.17 48.92
CA ASP A 255 32.88 36.14 49.80
C ASP A 255 34.35 36.34 49.44
N LYS A 256 35.06 35.24 49.13
CA LYS A 256 36.47 35.33 48.81
C LYS A 256 36.66 35.78 47.37
N PRO A 257 37.85 36.34 47.04
CA PRO A 257 37.96 37.00 45.74
C PRO A 257 38.09 36.04 44.57
N PHE A 258 38.66 34.84 44.77
CA PHE A 258 38.92 33.88 43.69
C PHE A 258 38.26 32.53 44.00
N GLN A 259 38.47 31.54 43.13
CA GLN A 259 37.72 30.28 43.26
C GLN A 259 38.28 29.12 42.44
N ASN A 260 39.11 28.26 43.04
CA ASN A 260 39.70 27.17 42.28
C ASN A 260 38.80 25.95 42.17
N VAL A 261 37.48 26.15 42.18
CA VAL A 261 36.57 25.00 42.14
C VAL A 261 36.33 24.53 40.72
N ASN A 262 35.82 25.42 39.87
CA ASN A 262 35.51 25.03 38.50
C ASN A 262 35.45 26.29 37.64
N ARG A 263 35.97 26.18 36.42
CA ARG A 263 35.94 27.29 35.48
C ARG A 263 34.53 27.63 35.02
N ILE A 264 33.56 26.75 35.26
CA ILE A 264 32.16 26.99 34.91
C ILE A 264 31.44 27.51 36.14
N THR A 265 30.87 28.70 36.04
CA THR A 265 30.15 29.33 37.14
C THR A 265 28.89 30.00 36.61
N TYR A 266 27.93 30.22 37.51
CA TYR A 266 26.73 30.98 37.19
C TYR A 266 26.42 31.94 38.32
N GLY A 267 26.05 33.16 37.96
CA GLY A 267 25.74 34.18 38.94
C GLY A 267 26.98 34.99 39.33
N ALA A 268 26.86 35.67 40.48
CA ALA A 268 27.96 36.43 41.03
C ALA A 268 28.96 35.47 41.65
N CYS A 269 30.11 35.31 41.01
CA CYS A 269 31.11 34.33 41.42
C CYS A 269 32.50 34.96 41.39
N PRO A 270 33.45 34.39 42.14
CA PRO A 270 34.77 35.04 42.30
C PRO A 270 35.81 34.76 41.22
N ARG A 271 35.40 34.44 39.99
CA ARG A 271 36.22 34.70 38.80
C ARG A 271 37.61 34.07 38.86
N TYR A 272 37.68 32.75 38.92
CA TYR A 272 39.02 32.14 38.82
C TYR A 272 39.49 32.19 37.38
N VAL B 2 20.89 -6.32 -0.26
CA VAL B 2 22.04 -6.11 -1.13
C VAL B 2 23.31 -6.53 -0.41
N GLN B 3 24.37 -6.84 -1.17
CA GLN B 3 25.60 -7.35 -0.59
C GLN B 3 26.79 -6.78 -1.34
N LEU B 4 27.98 -7.28 -0.98
CA LEU B 4 29.23 -6.92 -1.61
C LEU B 4 29.87 -8.17 -2.21
N VAL B 5 30.82 -7.97 -3.10
CA VAL B 5 31.56 -9.07 -3.72
C VAL B 5 33.05 -8.72 -3.72
N GLN B 6 33.89 -9.71 -3.40
CA GLN B 6 35.34 -9.53 -3.37
C GLN B 6 36.01 -10.41 -4.39
N SER B 7 37.28 -10.11 -4.64
CA SER B 7 38.19 -10.97 -5.39
C SER B 7 39.59 -10.38 -5.28
N GLY B 8 40.59 -11.23 -5.49
CA GLY B 8 41.97 -10.80 -5.45
C GLY B 8 42.80 -11.43 -4.36
N GLY B 9 42.27 -12.49 -3.74
CA GLY B 9 42.96 -13.18 -2.67
C GLY B 9 43.56 -14.50 -3.12
N GLY B 10 44.57 -14.94 -2.38
CA GLY B 10 45.23 -16.19 -2.70
C GLY B 10 46.59 -16.26 -2.01
N LEU B 11 47.37 -17.24 -2.45
CA LEU B 11 48.71 -17.43 -1.91
C LEU B 11 49.69 -16.41 -2.51
N VAL B 12 50.54 -15.86 -1.66
CA VAL B 12 51.62 -14.97 -2.07
C VAL B 12 52.84 -15.27 -1.19
N ARG B 13 54.01 -15.34 -1.80
CA ARG B 13 55.24 -15.50 -1.04
C ARG B 13 55.38 -14.33 -0.06
N PRO B 14 55.88 -14.57 1.16
CA PRO B 14 56.09 -13.46 2.09
C PRO B 14 57.06 -12.44 1.52
N GLY B 15 56.72 -11.16 1.67
CA GLY B 15 57.42 -10.09 1.00
C GLY B 15 56.83 -9.68 -0.34
N GLY B 16 55.88 -10.46 -0.87
CA GLY B 16 55.24 -10.15 -2.12
C GLY B 16 54.07 -9.19 -1.94
N SER B 17 53.48 -8.83 -3.07
CA SER B 17 52.37 -7.88 -3.11
C SER B 17 51.10 -8.57 -3.58
N LEU B 18 49.97 -7.96 -3.27
CA LEU B 18 48.67 -8.48 -3.65
C LEU B 18 47.65 -7.36 -3.55
N ARG B 19 46.64 -7.41 -4.42
CA ARG B 19 45.62 -6.37 -4.50
C ARG B 19 44.24 -7.00 -4.29
N LEU B 20 43.49 -6.45 -3.33
CA LEU B 20 42.13 -6.90 -3.07
C LEU B 20 41.12 -5.88 -3.60
N SER B 21 40.07 -6.39 -4.22
CA SER B 21 39.01 -5.56 -4.76
C SER B 21 37.67 -5.93 -4.13
N CYS B 22 36.81 -4.94 -3.95
CA CYS B 22 35.51 -5.13 -3.31
C CYS B 22 34.48 -4.25 -4.04
N ALA B 23 33.65 -4.88 -4.86
CA ALA B 23 32.63 -4.17 -5.62
C ALA B 23 31.37 -4.00 -4.80
N ALA B 24 30.70 -2.86 -4.97
CA ALA B 24 29.53 -2.51 -4.18
C ALA B 24 28.30 -2.36 -5.07
N SER B 25 27.12 -2.56 -4.48
CA SER B 25 25.87 -2.45 -5.20
C SER B 25 24.72 -2.35 -4.21
N GLY B 26 23.72 -1.56 -4.57
CA GLY B 26 22.50 -1.47 -3.80
C GLY B 26 22.37 -0.28 -2.88
N PHE B 27 23.29 0.68 -2.93
CA PHE B 27 23.25 1.84 -2.05
C PHE B 27 24.05 2.96 -2.71
N THR B 28 24.06 4.12 -2.05
CA THR B 28 24.86 5.25 -2.52
C THR B 28 26.28 5.06 -2.01
N PHE B 29 27.17 4.58 -2.86
CA PHE B 29 28.52 4.23 -2.42
C PHE B 29 29.31 5.46 -2.03
N SER B 30 29.20 6.54 -2.79
CA SER B 30 29.98 7.75 -2.56
C SER B 30 29.60 8.50 -1.28
N SER B 31 28.74 7.98 -0.40
CA SER B 31 28.32 8.69 0.79
C SER B 31 28.40 7.80 2.03
N ALA B 32 29.39 6.91 2.09
CA ALA B 32 29.52 6.02 3.23
C ALA B 32 30.98 5.66 3.45
N TRP B 33 31.41 5.71 4.71
CA TRP B 33 32.70 5.17 5.10
C TRP B 33 32.78 3.69 4.73
N MET B 34 33.99 3.22 4.45
CA MET B 34 34.22 1.86 3.99
C MET B 34 35.44 1.29 4.68
N THR B 35 35.41 -0.01 4.99
CA THR B 35 36.41 -0.62 5.85
C THR B 35 36.92 -1.93 5.27
N TRP B 36 38.02 -2.40 5.86
CA TRP B 36 38.54 -3.75 5.67
C TRP B 36 38.76 -4.37 7.04
N VAL B 37 38.32 -5.62 7.20
CA VAL B 37 38.39 -6.32 8.49
C VAL B 37 38.82 -7.75 8.22
N ARG B 38 39.76 -8.24 9.02
CA ARG B 38 40.32 -9.57 8.83
C ARG B 38 40.20 -10.41 10.09
N GLN B 39 40.25 -11.73 9.90
CA GLN B 39 40.41 -12.67 11.00
C GLN B 39 41.27 -13.83 10.53
N ALA B 40 42.32 -14.12 11.29
CA ALA B 40 43.13 -15.30 11.04
C ALA B 40 42.29 -16.56 11.29
N PRO B 41 42.65 -17.68 10.66
CA PRO B 41 41.90 -18.92 10.89
C PRO B 41 41.88 -19.30 12.37
N GLY B 42 40.67 -19.49 12.89
CA GLY B 42 40.49 -19.86 14.28
C GLY B 42 40.69 -18.75 15.29
N LYS B 43 40.96 -17.53 14.84
CA LYS B 43 41.22 -16.40 15.73
C LYS B 43 40.05 -15.42 15.66
N GLY B 44 40.17 -14.33 16.44
CA GLY B 44 39.15 -13.32 16.42
C GLY B 44 39.30 -12.35 15.26
N LEU B 45 38.32 -11.45 15.16
CA LEU B 45 38.30 -10.45 14.10
C LEU B 45 39.22 -9.28 14.45
N GLU B 46 39.76 -8.65 13.42
CA GLU B 46 40.70 -7.55 13.57
C GLU B 46 40.40 -6.46 12.56
N TRP B 47 40.26 -5.23 13.03
CA TRP B 47 40.13 -4.09 12.12
C TRP B 47 41.43 -3.86 11.36
N VAL B 48 41.30 -3.35 10.13
CA VAL B 48 42.47 -3.09 9.29
C VAL B 48 42.48 -1.65 8.82
N ALA B 49 41.41 -1.21 8.16
CA ALA B 49 41.45 0.08 7.49
C ALA B 49 40.09 0.76 7.50
N ASN B 50 40.14 2.10 7.49
CA ASN B 50 38.99 2.96 7.26
C ASN B 50 39.29 3.88 6.08
N ILE B 51 38.25 4.20 5.30
CA ILE B 51 38.37 5.22 4.27
C ILE B 51 37.08 6.04 4.26
N LYS B 52 37.23 7.35 4.05
CA LYS B 52 36.12 8.28 4.15
C LYS B 52 35.30 8.24 2.86
N GLU B 53 34.07 8.77 2.94
CA GLU B 53 33.18 8.79 1.78
C GLU B 53 33.82 9.45 0.58
N ASP B 54 34.67 10.45 0.79
CA ASP B 54 35.36 11.13 -0.29
C ASP B 54 36.77 10.59 -0.53
N GLY B 55 37.19 9.57 0.22
CA GLY B 55 38.53 9.05 0.08
C GLY B 55 39.62 10.03 0.49
N SER B 56 39.35 10.86 1.50
CA SER B 56 40.30 11.86 1.96
C SER B 56 41.04 11.46 3.23
N GLU B 57 40.33 10.84 4.18
CA GLU B 57 40.90 10.48 5.47
C GLU B 57 40.98 8.96 5.56
N LYS B 58 42.18 8.45 5.80
CA LYS B 58 42.44 7.02 5.81
C LYS B 58 43.08 6.64 7.14
N TYR B 59 42.59 5.55 7.74
CA TYR B 59 43.04 5.12 9.06
C TYR B 59 43.36 3.64 8.99
N TYR B 60 44.53 3.24 9.52
CA TYR B 60 44.99 1.87 9.45
C TYR B 60 45.33 1.37 10.84
N VAL B 61 45.23 0.05 11.03
CA VAL B 61 45.76 -0.56 12.24
C VAL B 61 47.27 -0.47 12.20
N ASP B 62 47.89 -0.41 13.39
CA ASP B 62 49.30 -0.04 13.48
C ASP B 62 50.21 -1.06 12.80
N SER B 63 49.79 -2.33 12.75
CA SER B 63 50.67 -3.36 12.23
C SER B 63 50.77 -3.34 10.70
N VAL B 64 49.97 -2.54 10.02
CA VAL B 64 49.95 -2.51 8.56
C VAL B 64 50.30 -1.14 7.99
N LYS B 65 50.64 -0.17 8.85
CA LYS B 65 51.01 1.15 8.36
C LYS B 65 52.26 1.07 7.49
N GLY B 66 52.24 1.79 6.37
CA GLY B 66 53.33 1.76 5.42
C GLY B 66 53.33 0.56 4.50
N ARG B 67 52.60 -0.50 4.82
CA ARG B 67 52.51 -1.70 3.98
C ARG B 67 51.20 -1.79 3.21
N PHE B 68 50.07 -1.48 3.84
CA PHE B 68 48.79 -1.51 3.15
C PHE B 68 48.38 -0.09 2.75
N SER B 69 47.48 0.00 1.78
CA SER B 69 46.91 1.27 1.39
C SER B 69 45.49 1.05 0.88
N ILE B 70 44.51 1.57 1.62
CA ILE B 70 43.11 1.49 1.20
C ILE B 70 42.83 2.58 0.16
N SER B 71 41.91 2.28 -0.76
CA SER B 71 41.48 3.25 -1.75
C SER B 71 40.11 2.84 -2.25
N ARG B 72 39.50 3.74 -3.02
CA ARG B 72 38.13 3.55 -3.48
C ARG B 72 37.89 4.36 -4.74
N ASP B 73 36.86 3.99 -5.49
CA ASP B 73 36.47 4.70 -6.70
C ASP B 73 34.98 5.02 -6.60
N ASN B 74 34.65 6.30 -6.47
CA ASN B 74 33.26 6.69 -6.28
C ASN B 74 32.49 6.74 -7.59
N ALA B 75 33.18 7.03 -8.71
CA ALA B 75 32.52 6.98 -10.01
C ALA B 75 32.00 5.57 -10.29
N LYS B 76 32.81 4.56 -10.00
CA LYS B 76 32.34 3.18 -10.00
C LYS B 76 31.86 2.86 -8.59
N ASN B 77 31.87 1.57 -8.22
CA ASN B 77 31.41 1.15 -6.89
C ASN B 77 32.35 0.04 -6.42
N SER B 78 33.55 0.43 -6.00
CA SER B 78 34.59 -0.55 -5.71
C SER B 78 35.56 -0.01 -4.66
N LEU B 79 35.94 -0.88 -3.73
CA LEU B 79 37.05 -0.63 -2.82
C LEU B 79 38.32 -1.31 -3.31
N TYR B 80 39.44 -0.91 -2.72
CA TYR B 80 40.74 -1.49 -3.05
C TYR B 80 41.58 -1.48 -1.79
N LEU B 81 42.38 -2.53 -1.61
CA LEU B 81 43.30 -2.63 -0.47
C LEU B 81 44.63 -3.15 -1.03
N GLN B 82 45.46 -2.22 -1.52
CA GLN B 82 46.82 -2.58 -1.89
C GLN B 82 47.55 -3.17 -0.69
N ILE B 83 48.19 -4.31 -0.91
CA ILE B 83 48.80 -5.09 0.15
C ILE B 83 50.21 -5.45 -0.31
N SER B 84 51.21 -4.77 0.25
CA SER B 84 52.61 -5.00 -0.08
C SER B 84 53.37 -5.43 1.17
N SER B 85 54.54 -6.03 0.94
CA SER B 85 55.41 -6.52 2.02
C SER B 85 54.63 -7.46 2.94
N LEU B 86 54.04 -8.48 2.35
CA LEU B 86 53.27 -9.47 3.12
C LEU B 86 54.14 -10.21 4.13
N ARG B 87 53.65 -10.26 5.37
N ARG B 87 53.65 -10.27 5.36
CA ARG B 87 54.26 -11.02 6.44
CA ARG B 87 54.27 -11.03 6.43
C ARG B 87 53.42 -12.24 6.75
C ARG B 87 53.41 -12.24 6.77
N ALA B 88 54.05 -13.24 7.38
CA ALA B 88 53.36 -14.50 7.66
C ALA B 88 52.13 -14.32 8.54
N GLU B 89 52.13 -13.33 9.41
CA GLU B 89 50.98 -13.06 10.27
C GLU B 89 49.88 -12.27 9.57
N ASP B 90 49.97 -12.09 8.26
CA ASP B 90 48.90 -11.45 7.49
C ASP B 90 47.95 -12.47 6.87
N THR B 91 48.12 -13.75 7.15
CA THR B 91 47.24 -14.79 6.63
C THR B 91 45.89 -14.71 7.32
N ALA B 92 44.85 -14.27 6.59
CA ALA B 92 43.53 -14.10 7.17
C ALA B 92 42.52 -13.94 6.04
N VAL B 93 41.26 -14.12 6.40
CA VAL B 93 40.14 -13.88 5.48
C VAL B 93 39.75 -12.42 5.62
N TYR B 94 40.11 -11.60 4.63
CA TYR B 94 39.89 -10.16 4.71
C TYR B 94 38.46 -9.87 4.26
N TYR B 95 37.61 -9.48 5.21
CA TYR B 95 36.23 -9.12 4.91
C TYR B 95 36.17 -7.68 4.38
N CYS B 96 34.99 -7.32 3.88
CA CYS B 96 34.73 -5.99 3.33
C CYS B 96 33.43 -5.48 3.93
N ALA B 97 33.52 -4.50 4.82
CA ALA B 97 32.36 -3.91 5.47
C ALA B 97 32.17 -2.48 4.99
N ARG B 98 31.01 -1.91 5.33
CA ARG B 98 30.60 -0.60 4.87
C ARG B 98 30.34 0.32 6.06
N ARG B 99 31.15 0.16 7.11
CA ARG B 99 30.98 0.82 8.39
C ARG B 99 30.78 2.33 8.26
N PHE B 100 29.54 2.81 8.37
CA PHE B 100 29.26 4.22 8.27
C PHE B 100 29.11 4.81 9.67
N VAL B 101 28.86 6.13 9.73
CA VAL B 101 28.83 6.83 11.00
C VAL B 101 27.97 8.08 10.85
N GLU B 102 27.27 8.44 11.93
CA GLU B 102 26.44 9.63 11.95
C GLU B 102 26.21 10.01 13.41
N ARG B 103 25.73 11.23 13.62
CA ARG B 103 25.38 11.68 14.96
C ARG B 103 23.98 11.22 15.32
N LEU B 104 23.82 10.77 16.57
CA LEU B 104 22.56 10.18 17.01
C LEU B 104 21.72 11.06 17.91
N TRP B 105 22.33 12.04 18.59
CA TRP B 105 21.56 13.03 19.34
C TRP B 105 22.31 14.37 19.35
N GLY B 106 22.89 14.73 18.21
CA GLY B 106 23.70 15.93 18.13
C GLY B 106 25.01 15.81 18.90
N GLN B 107 25.61 14.63 18.92
CA GLN B 107 26.79 14.38 19.73
C GLN B 107 28.03 14.99 19.09
N SER B 108 29.02 15.28 19.94
CA SER B 108 30.29 15.80 19.44
C SER B 108 30.94 14.82 18.47
N LYS B 109 31.09 13.57 18.88
CA LYS B 109 31.63 12.50 18.08
C LYS B 109 30.53 11.52 17.70
N PRO B 110 30.50 11.06 16.45
CA PRO B 110 29.38 10.23 15.98
C PRO B 110 29.59 8.73 16.18
N TYR B 111 28.46 8.05 16.39
CA TYR B 111 28.46 6.62 16.67
C TYR B 111 28.55 5.83 15.37
N ASP B 112 29.38 4.79 15.33
CA ASP B 112 29.55 4.00 14.12
C ASP B 112 29.37 2.52 14.40
N ALA B 113 29.25 1.76 13.31
CA ALA B 113 29.02 0.33 13.32
C ALA B 113 29.15 -0.14 11.86
N VAL B 114 29.21 -1.47 11.68
CA VAL B 114 29.23 -2.00 10.33
C VAL B 114 27.89 -1.74 9.67
N ASP B 115 27.92 -1.57 8.35
CA ASP B 115 26.67 -1.45 7.60
C ASP B 115 26.24 -2.82 7.07
N ILE B 116 27.18 -3.56 6.48
CA ILE B 116 26.99 -4.98 6.20
C ILE B 116 28.38 -5.58 6.00
N TRP B 117 28.44 -6.89 5.76
CA TRP B 117 29.69 -7.60 5.55
C TRP B 117 29.72 -8.26 4.18
N GLY B 118 30.91 -8.41 3.63
CA GLY B 118 31.13 -9.25 2.48
C GLY B 118 31.26 -10.69 2.90
N GLN B 119 31.93 -11.48 2.05
CA GLN B 119 32.24 -12.85 2.41
C GLN B 119 33.71 -13.08 2.68
N GLY B 120 34.60 -12.25 2.13
CA GLY B 120 36.01 -12.36 2.45
C GLY B 120 36.75 -13.37 1.61
N THR B 121 37.96 -13.02 1.19
CA THR B 121 38.81 -13.90 0.42
C THR B 121 40.03 -14.28 1.24
N MET B 122 40.48 -15.52 1.09
CA MET B 122 41.64 -16.01 1.82
C MET B 122 42.92 -15.41 1.25
N VAL B 123 43.75 -14.84 2.12
CA VAL B 123 45.03 -14.29 1.70
C VAL B 123 46.14 -14.98 2.49
N THR B 124 46.56 -16.15 2.01
CA THR B 124 47.64 -16.90 2.63
C THR B 124 48.99 -16.41 2.12
N VAL B 125 50.00 -16.53 2.97
CA VAL B 125 51.35 -16.11 2.64
C VAL B 125 52.33 -17.15 3.17
N SER B 126 53.15 -17.69 2.27
CA SER B 126 54.17 -18.68 2.58
C SER B 126 54.89 -19.04 1.29
N GLY B 127 56.12 -19.54 1.43
CA GLY B 127 56.82 -20.09 0.30
C GLY B 127 56.29 -21.47 -0.04
N ALA B 128 55.31 -21.53 -0.94
CA ALA B 128 54.66 -22.80 -1.26
C ALA B 128 54.24 -22.79 -2.72
N SER B 129 53.77 -23.95 -3.18
CA SER B 129 53.33 -24.12 -4.55
C SER B 129 51.88 -24.62 -4.56
N THR B 130 51.12 -24.19 -5.57
CA THR B 130 49.72 -24.57 -5.68
C THR B 130 49.59 -25.93 -6.33
N LYS B 131 48.75 -26.78 -5.75
CA LYS B 131 48.38 -28.04 -6.38
C LYS B 131 46.93 -28.36 -6.06
N GLY B 132 46.26 -29.02 -7.00
CA GLY B 132 44.88 -29.40 -6.82
C GLY B 132 44.74 -30.65 -5.98
N PRO B 133 43.58 -30.81 -5.34
CA PRO B 133 43.35 -32.00 -4.52
C PRO B 133 43.23 -33.25 -5.35
N SER B 134 43.26 -34.38 -4.64
CA SER B 134 42.97 -35.69 -5.21
C SER B 134 41.77 -36.22 -4.44
N VAL B 135 40.58 -36.05 -4.99
CA VAL B 135 39.35 -36.42 -4.29
C VAL B 135 39.18 -37.94 -4.39
N PHE B 136 38.98 -38.58 -3.25
CA PHE B 136 38.78 -40.02 -3.23
C PHE B 136 37.48 -40.35 -2.51
N PRO B 137 36.78 -41.38 -2.96
CA PRO B 137 35.47 -41.70 -2.38
C PRO B 137 35.58 -42.44 -1.05
N LEU B 138 34.52 -42.33 -0.26
CA LEU B 138 34.36 -43.07 0.99
C LEU B 138 33.26 -44.10 0.76
N ALA B 139 33.66 -45.33 0.47
CA ALA B 139 32.71 -46.37 0.11
C ALA B 139 31.81 -46.73 1.28
N PRO B 140 30.48 -46.58 1.16
CA PRO B 140 29.55 -46.99 2.24
C PRO B 140 29.29 -48.49 2.23
N SER B 141 30.37 -49.28 2.33
CA SER B 141 30.27 -50.72 2.24
C SER B 141 29.72 -51.31 3.53
N SER B 142 29.78 -52.64 3.65
CA SER B 142 29.27 -53.32 4.84
C SER B 142 30.09 -52.93 6.07
N LYS B 143 29.44 -53.02 7.23
CA LYS B 143 30.00 -52.61 8.52
C LYS B 143 30.27 -51.11 8.59
N SER B 144 30.30 -50.45 7.44
CA SER B 144 30.28 -48.99 7.36
C SER B 144 28.86 -48.46 7.23
N THR B 145 27.86 -49.28 7.53
CA THR B 145 26.45 -48.91 7.49
C THR B 145 25.78 -49.43 8.74
N SER B 146 25.11 -48.54 9.47
CA SER B 146 24.41 -48.96 10.68
C SER B 146 23.12 -49.70 10.31
N GLY B 147 22.39 -50.14 11.34
CA GLY B 147 21.18 -50.93 11.09
C GLY B 147 20.11 -50.15 10.37
N GLY B 148 19.92 -48.88 10.72
CA GLY B 148 18.86 -48.09 10.15
C GLY B 148 19.29 -47.13 9.06
N THR B 149 20.51 -46.61 9.15
CA THR B 149 20.97 -45.57 8.24
C THR B 149 22.44 -45.82 7.89
N ALA B 150 22.79 -45.55 6.64
CA ALA B 150 24.15 -45.70 6.14
C ALA B 150 24.88 -44.36 6.18
N ALA B 151 26.16 -44.38 5.81
CA ALA B 151 26.98 -43.18 5.81
C ALA B 151 28.08 -43.32 4.78
N LEU B 152 28.37 -42.23 4.08
CA LEU B 152 29.41 -42.18 3.06
C LEU B 152 30.01 -40.78 3.03
N GLY B 153 30.88 -40.53 2.07
CA GLY B 153 31.47 -39.21 1.92
C GLY B 153 32.54 -39.20 0.87
N CYS B 154 33.33 -38.11 0.89
CA CYS B 154 34.48 -37.94 0.01
C CYS B 154 35.64 -37.36 0.80
N LEU B 155 36.83 -37.90 0.56
CA LEU B 155 38.05 -37.37 1.15
C LEU B 155 38.75 -36.48 0.13
N VAL B 156 39.05 -35.26 0.54
CA VAL B 156 39.71 -34.27 -0.30
C VAL B 156 41.10 -34.07 0.29
N LYS B 157 42.09 -34.72 -0.31
CA LYS B 157 43.43 -34.84 0.27
C LYS B 157 44.47 -34.15 -0.59
N ASP B 158 45.47 -33.54 0.06
CA ASP B 158 46.66 -33.01 -0.60
C ASP B 158 46.30 -31.92 -1.60
N TYR B 159 46.25 -30.68 -1.12
CA TYR B 159 45.70 -29.54 -1.84
C TYR B 159 46.12 -28.27 -1.12
N PHE B 160 46.36 -27.20 -1.88
CA PHE B 160 46.82 -26.04 -1.13
C PHE B 160 45.81 -24.91 -1.31
N PRO B 161 46.20 -23.63 -1.12
CA PRO B 161 45.51 -22.81 -0.12
C PRO B 161 44.01 -22.98 -0.10
N GLU B 162 43.45 -23.34 1.05
CA GLU B 162 42.02 -23.58 0.95
C GLU B 162 41.16 -22.34 1.01
N PRO B 163 40.51 -22.03 -0.07
CA PRO B 163 39.05 -22.03 -0.05
C PRO B 163 38.58 -23.16 -0.95
N VAL B 164 38.05 -24.24 -0.37
CA VAL B 164 37.62 -25.39 -1.13
C VAL B 164 36.14 -25.61 -0.89
N THR B 165 35.44 -26.03 -1.94
CA THR B 165 33.99 -26.17 -1.92
C THR B 165 33.61 -27.59 -2.31
N VAL B 166 32.77 -28.22 -1.50
CA VAL B 166 32.27 -29.57 -1.76
C VAL B 166 30.75 -29.52 -1.73
N SER B 167 30.12 -29.96 -2.81
CA SER B 167 28.67 -30.10 -2.89
C SER B 167 28.34 -31.51 -3.34
N TRP B 168 27.10 -31.92 -3.09
CA TRP B 168 26.66 -33.29 -3.37
C TRP B 168 25.58 -33.26 -4.45
N ASN B 169 25.86 -33.91 -5.58
CA ASN B 169 24.92 -34.05 -6.68
C ASN B 169 24.47 -32.68 -7.19
N SER B 170 25.46 -31.80 -7.41
CA SER B 170 25.27 -30.43 -7.90
C SER B 170 24.41 -29.58 -6.98
N GLY B 171 24.17 -30.04 -5.75
CA GLY B 171 23.36 -29.30 -4.80
C GLY B 171 22.02 -29.92 -4.47
N ALA B 172 21.73 -31.14 -4.95
CA ALA B 172 20.49 -31.80 -4.61
C ALA B 172 20.52 -32.34 -3.18
N LEU B 173 21.50 -33.21 -2.89
CA LEU B 173 21.66 -33.77 -1.55
C LEU B 173 22.32 -32.73 -0.66
N THR B 174 21.57 -32.20 0.29
CA THR B 174 22.06 -31.15 1.18
C THR B 174 21.77 -31.43 2.65
N SER B 175 20.61 -31.99 2.97
CA SER B 175 20.23 -32.21 4.36
C SER B 175 21.04 -33.36 4.94
N GLY B 176 21.75 -33.09 6.04
CA GLY B 176 22.54 -34.11 6.70
C GLY B 176 23.96 -34.21 6.18
N VAL B 177 24.57 -33.06 5.87
CA VAL B 177 25.92 -32.99 5.35
C VAL B 177 26.82 -32.30 6.36
N HIS B 178 28.01 -32.86 6.57
CA HIS B 178 29.01 -32.26 7.45
C HIS B 178 30.31 -32.11 6.67
N THR B 179 30.65 -30.89 6.29
CA THR B 179 31.93 -30.60 5.64
C THR B 179 32.92 -30.19 6.73
N PHE B 180 33.89 -31.04 6.97
CA PHE B 180 34.84 -30.88 8.06
C PHE B 180 35.87 -29.80 7.73
N PRO B 181 36.29 -29.01 8.72
CA PRO B 181 37.30 -27.98 8.48
C PRO B 181 38.62 -28.60 8.02
N ALA B 182 39.39 -27.82 7.27
CA ALA B 182 40.64 -28.34 6.72
C ALA B 182 41.67 -28.53 7.81
N VAL B 183 42.41 -29.63 7.72
CA VAL B 183 43.53 -29.92 8.60
C VAL B 183 44.80 -29.81 7.78
N LEU B 184 45.75 -29.00 8.27
CA LEU B 184 47.04 -28.86 7.61
C LEU B 184 47.93 -30.01 8.05
N GLN B 185 48.21 -30.93 7.13
CA GLN B 185 49.06 -32.07 7.45
C GLN B 185 50.53 -31.71 7.26
N SER B 186 51.39 -32.58 7.81
CA SER B 186 52.81 -32.23 7.97
C SER B 186 53.47 -31.87 6.64
N SER B 187 52.97 -32.40 5.53
CA SER B 187 53.54 -32.10 4.23
C SER B 187 53.24 -30.69 3.74
N GLY B 188 52.79 -29.77 4.60
CA GLY B 188 52.40 -28.45 4.16
C GLY B 188 51.12 -28.39 3.36
N LEU B 189 50.53 -29.53 3.01
CA LEU B 189 49.27 -29.58 2.29
C LEU B 189 48.11 -29.72 3.27
N TYR B 190 46.91 -29.41 2.79
CA TYR B 190 45.71 -29.55 3.59
C TYR B 190 45.01 -30.88 3.27
N SER B 191 43.94 -31.16 4.03
CA SER B 191 43.13 -32.36 3.85
C SER B 191 41.86 -32.26 4.67
N LEU B 192 40.71 -32.42 4.04
CA LEU B 192 39.43 -32.47 4.74
C LEU B 192 38.56 -33.56 4.12
N SER B 193 37.39 -33.75 4.72
CA SER B 193 36.42 -34.72 4.23
C SER B 193 35.04 -34.14 4.40
N SER B 194 34.13 -34.54 3.51
CA SER B 194 32.73 -34.14 3.57
C SER B 194 31.88 -35.40 3.53
N VAL B 195 31.06 -35.59 4.56
CA VAL B 195 30.27 -36.80 4.71
C VAL B 195 28.78 -36.45 4.64
N VAL B 196 27.98 -37.49 4.42
CA VAL B 196 26.52 -37.34 4.38
C VAL B 196 25.91 -38.69 4.71
N THR B 197 24.81 -38.66 5.46
CA THR B 197 24.09 -39.87 5.85
C THR B 197 22.83 -40.01 5.01
N VAL B 198 22.68 -41.16 4.37
CA VAL B 198 21.53 -41.45 3.53
C VAL B 198 20.88 -42.73 4.04
N PRO B 199 19.61 -42.96 3.74
CA PRO B 199 18.96 -44.20 4.18
C PRO B 199 19.72 -45.42 3.68
N SER B 200 19.89 -46.39 4.58
CA SER B 200 20.62 -47.62 4.31
C SER B 200 19.92 -48.55 3.32
N SER B 201 18.83 -48.11 2.69
CA SER B 201 18.11 -48.94 1.72
C SER B 201 18.22 -48.43 0.29
N SER B 202 18.59 -47.17 0.09
CA SER B 202 18.71 -46.57 -1.25
C SER B 202 20.19 -46.42 -1.57
N LEU B 203 20.82 -47.53 -1.95
CA LEU B 203 22.23 -47.56 -2.30
C LEU B 203 22.49 -48.12 -3.68
N GLY B 204 21.78 -49.18 -4.08
CA GLY B 204 21.97 -49.76 -5.40
C GLY B 204 21.21 -49.09 -6.52
N THR B 205 20.35 -48.12 -6.19
CA THR B 205 19.57 -47.42 -7.20
C THR B 205 19.80 -45.92 -7.22
N GLN B 206 20.24 -45.31 -6.12
CA GLN B 206 20.45 -43.87 -6.04
C GLN B 206 21.92 -43.56 -6.25
N THR B 207 22.20 -42.62 -7.15
CA THR B 207 23.56 -42.23 -7.48
C THR B 207 24.02 -41.08 -6.59
N TYR B 208 25.24 -41.18 -6.08
CA TYR B 208 25.81 -40.17 -5.19
C TYR B 208 27.14 -39.70 -5.75
N ILE B 209 27.23 -38.39 -6.01
CA ILE B 209 28.46 -37.78 -6.52
C ILE B 209 28.71 -36.50 -5.74
N CYS B 210 29.88 -36.40 -5.12
CA CYS B 210 30.31 -35.16 -4.51
C CYS B 210 30.99 -34.29 -5.55
N ASN B 211 30.79 -32.97 -5.43
CA ASN B 211 31.28 -32.01 -6.42
C ASN B 211 32.28 -31.09 -5.72
N VAL B 212 33.57 -31.43 -5.86
CA VAL B 212 34.65 -30.66 -5.25
C VAL B 212 35.19 -29.69 -6.28
N ASN B 213 35.38 -28.43 -5.87
CA ASN B 213 35.92 -27.40 -6.74
C ASN B 213 37.01 -26.65 -5.99
N HIS B 214 38.20 -26.57 -6.59
CA HIS B 214 39.33 -25.86 -6.02
C HIS B 214 39.70 -24.72 -6.98
N LYS B 215 39.33 -23.50 -6.60
CA LYS B 215 39.57 -22.35 -7.48
C LYS B 215 41.04 -22.06 -7.72
N PRO B 216 41.91 -22.00 -6.71
CA PRO B 216 43.31 -21.62 -6.97
C PRO B 216 44.07 -22.56 -7.90
N SER B 217 43.52 -23.74 -8.20
CA SER B 217 44.18 -24.69 -9.09
C SER B 217 43.33 -25.07 -10.30
N ASN B 218 42.13 -24.50 -10.45
CA ASN B 218 41.25 -24.80 -11.57
C ASN B 218 40.95 -26.29 -11.66
N THR B 219 40.58 -26.85 -10.51
CA THR B 219 40.38 -28.30 -10.36
C THR B 219 38.98 -28.54 -9.81
N LYS B 220 38.11 -29.11 -10.63
CA LYS B 220 36.79 -29.53 -10.21
C LYS B 220 36.59 -30.99 -10.62
N VAL B 221 36.26 -31.83 -9.65
CA VAL B 221 36.12 -33.27 -9.87
C VAL B 221 34.73 -33.69 -9.41
N ASP B 222 34.16 -34.67 -10.11
CA ASP B 222 32.83 -35.21 -9.83
C ASP B 222 32.99 -36.72 -9.65
N LYS B 223 33.25 -37.15 -8.41
CA LYS B 223 33.56 -38.54 -8.12
C LYS B 223 32.32 -39.27 -7.64
N ARG B 224 32.07 -40.46 -8.19
CA ARG B 224 30.94 -41.28 -7.78
C ARG B 224 31.30 -42.06 -6.52
N VAL B 225 30.53 -41.86 -5.46
CA VAL B 225 30.65 -42.65 -4.24
C VAL B 225 29.75 -43.87 -4.41
N GLU B 226 30.36 -45.03 -4.64
CA GLU B 226 29.64 -46.24 -4.97
C GLU B 226 30.00 -47.34 -3.97
N PRO B 227 29.00 -47.99 -3.34
CA PRO B 227 29.17 -48.95 -2.24
C PRO B 227 30.18 -50.06 -2.51
N ASP C 1 44.72 2.99 19.73
CA ASP C 1 45.04 3.72 20.95
C ASP C 1 44.36 3.07 22.15
N ILE C 2 43.09 2.73 21.98
CA ILE C 2 42.26 2.22 23.08
C ILE C 2 41.93 0.76 22.79
N GLN C 3 42.14 -0.10 23.79
CA GLN C 3 42.04 -1.54 23.64
C GLN C 3 40.96 -2.08 24.57
N MET C 4 40.40 -3.24 24.22
CA MET C 4 39.35 -3.85 25.00
C MET C 4 39.80 -5.14 25.67
N THR C 5 38.84 -5.75 26.38
CA THR C 5 39.01 -7.04 27.03
C THR C 5 37.63 -7.66 27.20
N GLN C 6 37.38 -8.78 26.53
CA GLN C 6 36.13 -9.50 26.69
C GLN C 6 36.30 -10.63 27.70
N SER C 7 35.20 -10.94 28.40
CA SER C 7 35.20 -11.99 29.39
C SER C 7 33.85 -12.69 29.35
N PRO C 8 33.81 -14.03 29.33
CA PRO C 8 35.02 -14.86 29.26
C PRO C 8 35.45 -15.11 27.81
N SER C 9 36.59 -15.77 27.63
CA SER C 9 37.02 -16.12 26.28
C SER C 9 36.09 -17.16 25.67
N SER C 10 35.65 -18.13 26.48
CA SER C 10 34.72 -19.15 26.04
C SER C 10 33.92 -19.62 27.24
N LEU C 11 32.71 -20.09 26.99
CA LEU C 11 31.84 -20.52 28.08
C LEU C 11 30.93 -21.64 27.61
N SER C 12 30.16 -22.16 28.57
CA SER C 12 29.26 -23.28 28.36
C SER C 12 28.06 -23.10 29.27
N ALA C 13 26.87 -23.07 28.67
CA ALA C 13 25.62 -22.92 29.41
C ALA C 13 24.61 -23.93 28.87
N SER C 14 23.48 -24.04 29.57
CA SER C 14 22.41 -24.96 29.19
C SER C 14 21.33 -24.22 28.41
N VAL C 15 20.42 -24.98 27.82
CA VAL C 15 19.29 -24.40 27.12
C VAL C 15 18.36 -23.74 28.13
N GLY C 16 18.12 -22.44 27.95
CA GLY C 16 17.28 -21.68 28.85
C GLY C 16 18.02 -20.92 29.92
N ASP C 17 19.34 -21.12 30.05
CA ASP C 17 20.11 -20.33 31.00
C ASP C 17 20.21 -18.88 30.55
N ARG C 18 20.55 -18.02 31.50
CA ARG C 18 20.78 -16.60 31.23
C ARG C 18 22.27 -16.36 31.24
N VAL C 19 22.86 -16.18 30.06
CA VAL C 19 24.29 -15.99 29.90
C VAL C 19 24.57 -14.52 29.60
N THR C 20 25.67 -14.01 30.15
CA THR C 20 26.08 -12.63 29.94
C THR C 20 27.56 -12.61 29.57
N ILE C 21 27.92 -11.65 28.72
CA ILE C 21 29.29 -11.46 28.25
C ILE C 21 29.73 -10.05 28.59
N THR C 22 30.89 -9.94 29.23
CA THR C 22 31.42 -8.66 29.70
C THR C 22 32.41 -8.11 28.68
N CYS C 23 32.43 -6.79 28.53
CA CYS C 23 33.19 -6.13 27.47
C CYS C 23 33.66 -4.78 28.00
N ARG C 24 34.93 -4.71 28.40
CA ARG C 24 35.52 -3.52 29.01
C ARG C 24 36.67 -3.00 28.16
N ALA C 25 36.95 -1.70 28.30
CA ALA C 25 37.98 -1.03 27.50
C ALA C 25 38.73 -0.03 28.38
N SER C 26 39.69 0.66 27.75
CA SER C 26 40.53 1.63 28.45
C SER C 26 39.77 2.90 28.78
N GLN C 27 39.59 3.79 27.80
CA GLN C 27 38.92 5.06 28.06
C GLN C 27 37.43 4.85 28.34
N SER C 28 36.77 5.93 28.76
CA SER C 28 35.33 5.95 28.97
C SER C 28 34.65 6.23 27.63
N ILE C 29 33.88 5.26 27.14
CA ILE C 29 33.35 5.31 25.78
C ILE C 29 31.90 5.74 25.84
N SER C 30 31.22 5.39 26.92
CA SER C 30 29.78 5.58 27.06
C SER C 30 29.10 4.80 25.91
N ASN C 31 28.13 5.40 25.22
CA ASN C 31 27.26 4.66 24.31
C ASN C 31 27.98 4.00 23.15
N TYR C 32 29.24 4.35 22.90
CA TYR C 32 29.95 3.93 21.68
C TYR C 32 30.31 2.44 21.68
N LEU C 33 29.33 1.55 21.84
CA LEU C 33 29.55 0.12 21.80
C LEU C 33 28.55 -0.55 20.86
N ASN C 34 29.01 -1.57 20.14
CA ASN C 34 28.15 -2.40 19.30
C ASN C 34 28.50 -3.86 19.55
N TRP C 35 27.51 -4.74 19.35
CA TRP C 35 27.70 -6.18 19.55
C TRP C 35 27.47 -6.93 18.24
N TYR C 36 28.23 -8.01 18.06
CA TYR C 36 28.23 -8.78 16.81
C TYR C 36 28.07 -10.26 17.09
N GLN C 37 27.68 -11.00 16.05
CA GLN C 37 27.49 -12.45 16.13
C GLN C 37 27.97 -13.08 14.83
N GLN C 38 28.98 -13.93 14.92
CA GLN C 38 29.40 -14.77 13.79
C GLN C 38 28.73 -16.12 13.89
N LYS C 39 27.73 -16.35 13.04
CA LYS C 39 27.27 -17.71 12.81
C LYS C 39 28.45 -18.51 12.27
N PRO C 40 28.70 -19.72 12.77
CA PRO C 40 29.96 -20.41 12.46
C PRO C 40 30.28 -20.47 10.97
N GLY C 41 31.52 -20.08 10.63
CA GLY C 41 31.96 -20.10 9.26
C GLY C 41 31.26 -19.11 8.36
N LYS C 42 30.76 -18.00 8.90
CA LYS C 42 29.99 -17.03 8.14
C LYS C 42 30.48 -15.63 8.50
N ALA C 43 29.88 -14.63 7.84
CA ALA C 43 30.20 -13.24 8.13
C ALA C 43 29.54 -12.79 9.42
N PRO C 44 30.10 -11.79 10.09
CA PRO C 44 29.46 -11.27 11.31
C PRO C 44 28.11 -10.64 11.02
N LYS C 45 27.30 -10.54 12.06
CA LYS C 45 25.98 -9.96 11.96
C LYS C 45 25.83 -8.88 13.02
N LEU C 46 25.33 -7.72 12.60
CA LEU C 46 24.94 -6.68 13.55
C LEU C 46 23.93 -7.23 14.55
N LEU C 47 24.31 -7.17 15.83
CA LEU C 47 23.45 -7.57 16.93
C LEU C 47 22.85 -6.38 17.66
N ILE C 48 23.67 -5.55 18.32
CA ILE C 48 23.18 -4.43 19.12
C ILE C 48 23.94 -3.17 18.73
N TYR C 49 23.20 -2.06 18.59
CA TYR C 49 23.76 -0.78 18.18
C TYR C 49 23.67 0.19 19.36
N VAL C 50 24.79 0.81 19.71
CA VAL C 50 24.84 1.74 20.84
C VAL C 50 24.40 1.01 22.10
N ALA C 51 25.26 0.13 22.59
CA ALA C 51 25.10 -0.54 23.88
C ALA C 51 23.85 -1.41 23.99
N SER C 52 22.68 -0.85 23.71
CA SER C 52 21.41 -1.48 24.12
C SER C 52 20.37 -1.67 23.02
N ASN C 53 20.54 -1.07 21.84
CA ASN C 53 19.49 -1.07 20.83
C ASN C 53 19.60 -2.31 19.95
N LEU C 54 18.54 -3.11 19.90
CA LEU C 54 18.51 -4.31 19.09
C LEU C 54 18.23 -3.98 17.62
N GLN C 55 18.50 -4.96 16.75
CA GLN C 55 18.48 -4.71 15.31
C GLN C 55 17.56 -5.65 14.55
N SER C 56 17.72 -5.68 13.22
CA SER C 56 16.88 -6.51 12.36
C SER C 56 17.24 -7.98 12.52
N GLY C 57 16.21 -8.82 12.64
CA GLY C 57 16.43 -10.24 12.84
C GLY C 57 17.05 -10.63 14.16
N VAL C 58 17.08 -9.73 15.14
CA VAL C 58 17.65 -10.02 16.45
C VAL C 58 16.52 -10.51 17.36
N PRO C 59 16.58 -11.73 17.89
CA PRO C 59 15.50 -12.21 18.76
C PRO C 59 15.35 -11.36 20.01
N SER C 60 14.19 -11.49 20.64
CA SER C 60 13.87 -10.70 21.82
C SER C 60 14.72 -11.08 23.04
N ARG C 61 15.31 -12.27 23.03
CA ARG C 61 16.05 -12.74 24.20
C ARG C 61 17.40 -12.04 24.36
N PHE C 62 17.92 -11.42 23.30
CA PHE C 62 19.16 -10.66 23.41
C PHE C 62 18.89 -9.28 24.00
N SER C 63 19.87 -8.78 24.74
CA SER C 63 19.76 -7.46 25.36
C SER C 63 21.15 -6.99 25.78
N GLY C 64 21.47 -5.75 25.43
CA GLY C 64 22.74 -5.16 25.77
C GLY C 64 22.53 -4.01 26.74
N SER C 65 23.57 -3.72 27.53
CA SER C 65 23.49 -2.70 28.56
C SER C 65 24.89 -2.22 28.90
N GLY C 66 24.95 -1.11 29.61
CA GLY C 66 26.20 -0.56 30.09
C GLY C 66 26.42 0.87 29.64
N SER C 67 27.46 1.47 30.20
CA SER C 67 27.91 2.82 29.87
C SER C 67 29.30 3.02 30.45
N GLY C 68 30.06 3.90 29.82
CA GLY C 68 31.40 4.21 30.29
C GLY C 68 32.44 3.19 29.89
N THR C 69 32.68 2.20 30.75
CA THR C 69 33.67 1.17 30.49
C THR C 69 33.20 -0.25 30.76
N ASP C 70 32.00 -0.44 31.31
CA ASP C 70 31.51 -1.77 31.67
C ASP C 70 30.24 -2.05 30.89
N PHE C 71 30.27 -3.10 30.06
CA PHE C 71 29.17 -3.42 29.17
C PHE C 71 28.88 -4.92 29.22
N ALA C 72 27.62 -5.26 28.96
CA ALA C 72 27.15 -6.64 29.09
C ALA C 72 26.19 -6.98 27.96
N LEU C 73 26.46 -8.11 27.29
CA LEU C 73 25.53 -8.71 26.34
C LEU C 73 24.85 -9.89 27.02
N THR C 74 23.52 -9.85 27.09
CA THR C 74 22.75 -10.80 27.87
C THR C 74 21.78 -11.57 26.97
N ILE C 75 21.78 -12.90 27.12
CA ILE C 75 20.80 -13.78 26.49
C ILE C 75 19.87 -14.27 27.58
N SER C 76 18.60 -13.88 27.51
CA SER C 76 17.65 -14.17 28.58
C SER C 76 17.18 -15.62 28.59
N SER C 77 17.32 -16.34 27.47
CA SER C 77 16.93 -17.75 27.43
C SER C 77 17.71 -18.40 26.29
N LEU C 78 18.83 -19.02 26.62
CA LEU C 78 19.76 -19.50 25.60
C LEU C 78 19.11 -20.60 24.76
N GLN C 79 19.43 -20.61 23.47
CA GLN C 79 18.77 -21.45 22.48
C GLN C 79 19.79 -22.21 21.63
N PRO C 80 19.35 -23.29 20.96
CA PRO C 80 20.28 -24.07 20.14
C PRO C 80 20.99 -23.29 19.04
N GLU C 81 20.29 -22.39 18.37
CA GLU C 81 20.87 -21.62 17.26
C GLU C 81 21.74 -20.46 17.73
N ASP C 82 21.89 -20.27 19.04
CA ASP C 82 22.73 -19.18 19.55
C ASP C 82 24.21 -19.53 19.56
N PHE C 83 24.57 -20.75 19.18
CA PHE C 83 25.97 -21.14 19.01
C PHE C 83 26.69 -20.20 18.05
N ALA C 84 27.60 -19.38 18.58
CA ALA C 84 28.32 -18.39 17.77
C ALA C 84 29.45 -17.82 18.60
N SER C 85 30.33 -17.09 17.92
CA SER C 85 31.39 -16.31 18.57
C SER C 85 30.97 -14.85 18.55
N TYR C 86 30.85 -14.26 19.73
CA TYR C 86 30.31 -12.91 19.88
C TYR C 86 31.42 -11.89 20.02
N TYR C 87 31.24 -10.75 19.35
CA TYR C 87 32.21 -9.66 19.35
C TYR C 87 31.51 -8.38 19.74
N CYS C 88 32.28 -7.45 20.33
CA CYS C 88 31.74 -6.16 20.75
C CYS C 88 32.60 -5.05 20.18
N GLN C 89 31.99 -4.17 19.36
CA GLN C 89 32.71 -3.14 18.64
C GLN C 89 32.72 -1.82 19.40
N GLN C 90 33.85 -1.12 19.32
CA GLN C 90 34.04 0.17 19.97
C GLN C 90 33.94 1.29 18.94
N SER C 91 33.03 2.22 19.17
CA SER C 91 32.87 3.36 18.27
C SER C 91 33.80 4.51 18.65
N TYR C 92 35.10 4.20 18.79
CA TYR C 92 36.08 5.27 18.88
C TYR C 92 36.17 5.97 17.52
N SER C 93 37.06 6.96 17.44
CA SER C 93 37.26 7.65 16.18
C SER C 93 37.70 6.71 15.06
N PRO C 94 38.68 5.78 15.25
CA PRO C 94 39.13 4.97 14.12
C PRO C 94 38.68 3.52 14.14
N VAL C 95 37.85 3.15 15.12
CA VAL C 95 37.54 1.74 15.41
C VAL C 95 38.87 1.00 15.46
N THR C 96 39.68 1.31 16.49
CA THR C 96 40.99 0.69 16.66
C THR C 96 40.86 -0.82 16.58
N THR C 97 40.18 -1.40 17.57
CA THR C 97 39.94 -2.83 17.62
C THR C 97 38.53 -3.07 18.16
N PHE C 98 38.23 -4.35 18.37
CA PHE C 98 37.00 -4.78 19.02
C PHE C 98 37.21 -6.20 19.50
N GLY C 99 36.55 -6.51 20.61
CA GLY C 99 37.11 -7.47 21.55
C GLY C 99 37.37 -8.84 20.94
N GLY C 100 38.32 -9.54 21.54
CA GLY C 100 38.54 -10.93 21.18
C GLY C 100 37.33 -11.78 21.55
N GLY C 101 36.98 -12.70 20.66
CA GLY C 101 35.65 -13.28 20.67
C GLY C 101 35.32 -14.05 21.94
N THR C 102 34.02 -14.29 22.10
CA THR C 102 33.47 -15.14 23.15
C THR C 102 32.66 -16.24 22.48
N LYS C 103 33.11 -17.48 22.63
CA LYS C 103 32.53 -18.61 21.91
C LYS C 103 31.61 -19.38 22.84
N VAL C 104 30.32 -19.39 22.50
CA VAL C 104 29.30 -20.02 23.33
C VAL C 104 28.91 -21.37 22.72
N GLU C 105 28.53 -22.30 23.60
CA GLU C 105 28.18 -23.65 23.20
C GLU C 105 26.93 -24.07 23.95
N ILE C 106 25.98 -24.68 23.23
CA ILE C 106 24.73 -25.07 23.89
C ILE C 106 24.95 -26.11 24.96
N LYS C 107 25.83 -27.09 24.67
CA LYS C 107 26.33 -28.06 25.64
C LYS C 107 25.21 -28.72 26.46
N ARG C 108 24.50 -29.65 25.81
CA ARG C 108 23.38 -30.32 26.47
C ARG C 108 23.11 -31.69 25.85
N THR C 109 22.43 -32.54 26.65
CA THR C 109 21.69 -33.76 26.30
C THR C 109 22.54 -35.02 26.36
N VAL C 110 23.86 -34.89 26.24
CA VAL C 110 24.79 -36.01 26.38
C VAL C 110 24.39 -37.13 25.40
N ALA C 111 24.47 -36.85 24.11
CA ALA C 111 24.08 -37.83 23.10
C ALA C 111 25.26 -38.69 22.69
N ALA C 112 25.00 -39.96 22.44
CA ALA C 112 26.05 -40.93 22.12
C ALA C 112 26.44 -40.85 20.66
N PRO C 113 27.67 -41.26 20.32
CA PRO C 113 28.13 -41.18 18.94
C PRO C 113 27.79 -42.42 18.11
N SER C 114 27.95 -42.27 16.79
CA SER C 114 27.90 -43.37 15.84
C SER C 114 29.21 -43.37 15.05
N VAL C 115 29.77 -44.56 14.84
CA VAL C 115 31.12 -44.71 14.30
C VAL C 115 31.07 -45.52 13.01
N PHE C 116 31.78 -45.04 11.99
CA PHE C 116 31.93 -45.74 10.73
C PHE C 116 33.36 -45.63 10.26
N ILE C 117 33.90 -46.71 9.70
CA ILE C 117 35.25 -46.74 9.18
C ILE C 117 35.19 -46.89 7.66
N PHE C 118 36.19 -46.34 6.98
CA PHE C 118 36.22 -46.31 5.52
C PHE C 118 37.60 -46.73 5.03
N PRO C 119 37.69 -47.73 4.14
CA PRO C 119 38.99 -48.14 3.61
C PRO C 119 39.53 -47.12 2.63
N PRO C 120 40.81 -47.22 2.26
CA PRO C 120 41.31 -46.37 1.17
C PRO C 120 40.73 -46.79 -0.16
N SER C 121 40.42 -45.80 -0.99
CA SER C 121 39.83 -46.08 -2.29
C SER C 121 40.83 -46.79 -3.19
N ASP C 122 40.29 -47.52 -4.18
CA ASP C 122 41.15 -48.23 -5.12
C ASP C 122 41.98 -47.26 -5.96
N GLU C 123 41.39 -46.13 -6.33
CA GLU C 123 42.12 -45.15 -7.14
C GLU C 123 43.23 -44.50 -6.34
N GLN C 124 43.07 -44.38 -5.02
CA GLN C 124 44.13 -43.81 -4.20
C GLN C 124 45.28 -44.78 -4.02
N LEU C 125 44.99 -46.06 -3.87
CA LEU C 125 46.02 -47.06 -3.65
C LEU C 125 46.94 -47.22 -4.85
N LYS C 126 46.51 -46.79 -6.04
CA LYS C 126 47.39 -46.80 -7.19
C LYS C 126 48.38 -45.65 -7.15
N SER C 127 48.00 -44.53 -6.53
CA SER C 127 48.86 -43.35 -6.44
C SER C 127 49.91 -43.46 -5.34
N GLY C 128 49.98 -44.60 -4.65
CA GLY C 128 51.04 -44.83 -3.68
C GLY C 128 50.74 -44.32 -2.27
N THR C 129 49.50 -43.96 -1.97
CA THR C 129 49.13 -43.48 -0.65
C THR C 129 47.83 -44.14 -0.22
N ALA C 130 47.75 -44.53 1.04
CA ALA C 130 46.55 -45.10 1.62
C ALA C 130 46.00 -44.16 2.69
N SER C 131 44.67 -44.00 2.70
CA SER C 131 44.03 -43.12 3.66
C SER C 131 42.80 -43.83 4.21
N VAL C 132 42.82 -44.15 5.50
CA VAL C 132 41.70 -44.78 6.18
C VAL C 132 40.99 -43.71 7.00
N VAL C 133 39.69 -43.54 6.76
CA VAL C 133 38.89 -42.50 7.40
C VAL C 133 37.96 -43.15 8.41
N CYS C 134 37.83 -42.51 9.57
CA CYS C 134 36.91 -42.95 10.61
C CYS C 134 36.00 -41.78 10.98
N LEU C 135 34.71 -42.05 11.07
CA LEU C 135 33.69 -41.01 11.23
C LEU C 135 33.01 -41.15 12.59
N LEU C 136 32.94 -40.04 13.32
CA LEU C 136 32.16 -39.93 14.55
C LEU C 136 31.05 -38.92 14.29
N ASN C 137 29.81 -39.39 14.26
CA ASN C 137 28.70 -38.59 13.76
C ASN C 137 27.69 -38.30 14.88
N ASN C 138 27.34 -37.03 15.03
CA ASN C 138 26.28 -36.58 15.93
C ASN C 138 26.47 -37.12 17.35
N PHE C 139 27.46 -36.53 18.03
CA PHE C 139 27.74 -36.85 19.41
C PHE C 139 27.89 -35.56 20.21
N TYR C 140 27.79 -35.71 21.53
CA TYR C 140 28.06 -34.65 22.47
C TYR C 140 28.38 -35.31 23.81
N PRO C 141 29.35 -34.82 24.62
CA PRO C 141 30.20 -33.61 24.56
C PRO C 141 31.32 -33.58 23.51
N ARG C 142 31.95 -32.41 23.37
CA ARG C 142 33.12 -32.28 22.50
C ARG C 142 34.08 -33.44 22.67
N GLU C 143 34.44 -33.72 23.92
CA GLU C 143 35.57 -34.58 24.23
C GLU C 143 35.31 -36.01 23.76
N ALA C 144 36.17 -36.49 22.88
CA ALA C 144 36.12 -37.85 22.38
C ALA C 144 37.51 -38.22 21.87
N LYS C 145 37.86 -39.49 22.01
CA LYS C 145 39.19 -39.97 21.67
C LYS C 145 39.09 -41.02 20.56
N VAL C 146 39.89 -40.82 19.50
CA VAL C 146 39.98 -41.77 18.39
C VAL C 146 41.32 -42.48 18.49
N GLN C 147 41.28 -43.82 18.50
CA GLN C 147 42.48 -44.63 18.62
C GLN C 147 42.58 -45.54 17.41
N TRP C 148 43.69 -45.43 16.68
CA TRP C 148 43.95 -46.28 15.52
C TRP C 148 44.82 -47.46 15.94
N LYS C 149 44.52 -48.63 15.39
CA LYS C 149 45.27 -49.84 15.70
C LYS C 149 45.53 -50.62 14.42
N VAL C 150 46.81 -50.74 14.06
CA VAL C 150 47.23 -51.45 12.86
C VAL C 150 47.77 -52.80 13.29
N ASP C 151 47.06 -53.87 12.92
CA ASP C 151 47.35 -55.21 13.43
C ASP C 151 47.37 -55.23 14.95
N ASN C 152 46.41 -54.54 15.55
CA ASN C 152 46.27 -54.42 17.00
C ASN C 152 47.48 -53.72 17.62
N ALA C 153 48.12 -52.84 16.87
CA ALA C 153 49.26 -52.05 17.36
C ALA C 153 48.86 -50.58 17.41
N LEU C 154 49.16 -49.94 18.55
CA LEU C 154 48.79 -48.54 18.73
C LEU C 154 49.48 -47.65 17.71
N GLN C 155 48.76 -46.66 17.21
CA GLN C 155 49.25 -45.75 16.17
C GLN C 155 49.27 -44.33 16.69
N SER C 156 50.37 -43.62 16.43
CA SER C 156 50.52 -42.24 16.87
C SER C 156 51.44 -41.52 15.87
N GLY C 157 51.17 -40.22 15.69
CA GLY C 157 51.98 -39.39 14.83
C GLY C 157 51.70 -39.52 13.35
N ASN C 158 50.77 -40.39 12.94
CA ASN C 158 50.45 -40.57 11.53
C ASN C 158 48.95 -40.42 11.26
N SER C 159 48.21 -39.79 12.17
CA SER C 159 46.78 -39.59 12.01
C SER C 159 46.43 -38.14 12.31
N GLN C 160 45.34 -37.67 11.70
CA GLN C 160 44.85 -36.31 11.93
C GLN C 160 43.33 -36.33 11.93
N GLU C 161 42.75 -35.35 12.64
CA GLU C 161 41.32 -35.32 12.88
C GLU C 161 40.83 -33.87 12.88
N SER C 162 39.56 -33.70 12.52
CA SER C 162 38.89 -32.41 12.60
C SER C 162 37.49 -32.62 13.13
N VAL C 163 36.93 -31.56 13.71
CA VAL C 163 35.60 -31.59 14.29
C VAL C 163 34.75 -30.51 13.62
N THR C 164 33.50 -30.86 13.31
CA THR C 164 32.58 -29.87 12.77
C THR C 164 32.17 -28.89 13.86
N GLU C 165 31.99 -27.63 13.45
CA GLU C 165 31.37 -26.66 14.33
C GLU C 165 29.97 -27.14 14.70
N GLN C 166 29.48 -26.63 15.82
CA GLN C 166 28.26 -27.16 16.42
C GLN C 166 27.07 -26.94 15.51
N ASP C 167 26.26 -27.97 15.34
CA ASP C 167 25.06 -27.88 14.51
C ASP C 167 24.05 -26.93 15.14
N SER C 168 23.38 -26.15 14.32
CA SER C 168 22.42 -25.17 14.80
C SER C 168 21.08 -25.79 15.17
N LYS C 169 20.89 -27.09 14.94
CA LYS C 169 19.61 -27.73 15.19
C LYS C 169 19.71 -28.71 16.36
N ASP C 170 20.21 -29.92 16.11
CA ASP C 170 20.36 -30.91 17.17
C ASP C 170 21.58 -30.64 18.06
N SER C 171 22.46 -29.72 17.65
CA SER C 171 23.52 -29.15 18.48
C SER C 171 24.66 -30.12 18.76
N THR C 172 24.72 -31.25 18.07
CA THR C 172 25.78 -32.23 18.31
C THR C 172 27.05 -31.82 17.56
N TYR C 173 28.08 -32.65 17.70
CA TYR C 173 29.35 -32.47 16.99
C TYR C 173 29.59 -33.67 16.09
N SER C 174 30.54 -33.51 15.18
CA SER C 174 30.96 -34.59 14.28
C SER C 174 32.47 -34.52 14.10
N LEU C 175 33.12 -35.69 14.05
CA LEU C 175 34.57 -35.78 13.97
C LEU C 175 34.96 -36.80 12.92
N SER C 176 36.08 -36.52 12.24
CA SER C 176 36.64 -37.44 11.25
C SER C 176 38.16 -37.48 11.42
N SER C 177 38.65 -38.56 12.02
CA SER C 177 40.07 -38.83 12.10
C SER C 177 40.49 -39.67 10.91
N THR C 178 41.53 -39.23 10.20
CA THR C 178 42.03 -39.92 9.03
C THR C 178 43.45 -40.40 9.27
N LEU C 179 43.69 -41.68 9.00
CA LEU C 179 45.01 -42.28 9.10
C LEU C 179 45.60 -42.38 7.70
N THR C 180 46.86 -41.95 7.56
CA THR C 180 47.54 -41.92 6.28
C THR C 180 48.81 -42.75 6.37
N LEU C 181 48.94 -43.75 5.50
CA LEU C 181 50.13 -44.59 5.43
C LEU C 181 50.50 -44.78 3.96
N SER C 182 51.80 -44.90 3.71
CA SER C 182 52.27 -45.18 2.36
C SER C 182 51.76 -46.55 1.91
N LYS C 183 51.45 -46.66 0.62
CA LYS C 183 50.91 -47.91 0.08
C LYS C 183 51.84 -49.09 0.33
N ALA C 184 53.16 -48.85 0.29
CA ALA C 184 54.10 -49.91 0.62
C ALA C 184 54.01 -50.30 2.09
N ASP C 185 53.91 -49.31 2.98
CA ASP C 185 53.74 -49.60 4.39
C ASP C 185 52.35 -50.13 4.70
N TYR C 186 51.37 -49.79 3.86
CA TYR C 186 49.99 -50.16 4.13
C TYR C 186 49.76 -51.66 3.93
N GLU C 187 50.11 -52.17 2.75
CA GLU C 187 49.85 -53.57 2.43
C GLU C 187 50.60 -54.55 3.31
N LYS C 188 51.48 -54.08 4.19
CA LYS C 188 52.15 -54.95 5.15
C LYS C 188 51.22 -55.43 6.25
N HIS C 189 49.98 -54.98 6.27
CA HIS C 189 49.07 -55.24 7.37
C HIS C 189 47.71 -55.65 6.82
N LYS C 190 46.81 -56.03 7.72
CA LYS C 190 45.49 -56.49 7.30
C LYS C 190 44.38 -55.91 8.16
N VAL C 191 44.57 -55.93 9.48
CA VAL C 191 43.56 -55.49 10.43
C VAL C 191 43.84 -54.04 10.81
N TYR C 192 42.94 -53.14 10.43
CA TYR C 192 42.97 -51.74 10.84
C TYR C 192 41.69 -51.45 11.60
N ALA C 193 41.81 -50.94 12.82
CA ALA C 193 40.67 -50.71 13.69
C ALA C 193 40.61 -49.26 14.13
N CYS C 194 39.39 -48.78 14.35
CA CYS C 194 39.13 -47.44 14.88
C CYS C 194 38.45 -47.58 16.23
N GLU C 195 39.19 -47.32 17.30
CA GLU C 195 38.66 -47.40 18.65
C GLU C 195 38.20 -46.01 19.09
N VAL C 196 36.94 -45.91 19.49
CA VAL C 196 36.32 -44.65 19.87
C VAL C 196 35.95 -44.71 21.35
N THR C 197 36.38 -43.71 22.11
CA THR C 197 36.08 -43.60 23.54
C THR C 197 35.27 -42.33 23.76
N HIS C 198 34.16 -42.45 24.50
CA HIS C 198 33.29 -41.32 24.73
C HIS C 198 32.44 -41.59 25.96
N GLN C 199 31.93 -40.52 26.57
CA GLN C 199 31.13 -40.64 27.78
C GLN C 199 29.84 -41.42 27.52
N GLY C 200 29.09 -41.03 26.48
CA GLY C 200 27.84 -41.67 26.15
C GLY C 200 27.94 -43.14 25.77
N LEU C 201 29.16 -43.65 25.64
CA LEU C 201 29.37 -45.07 25.37
C LEU C 201 29.79 -45.78 26.64
N SER C 202 29.06 -46.84 26.99
CA SER C 202 29.39 -47.61 28.19
C SER C 202 30.75 -48.30 28.08
N SER C 203 31.23 -48.52 26.86
CA SER C 203 32.51 -49.18 26.62
C SER C 203 33.01 -48.73 25.26
N PRO C 204 34.33 -48.62 25.08
CA PRO C 204 34.86 -48.19 23.78
C PRO C 204 34.38 -49.09 22.65
N VAL C 205 33.98 -48.46 21.55
CA VAL C 205 33.45 -49.15 20.37
C VAL C 205 34.55 -49.20 19.32
N THR C 206 34.73 -50.36 18.69
CA THR C 206 35.77 -50.57 17.70
C THR C 206 35.13 -51.00 16.38
N LYS C 207 35.21 -50.13 15.39
CA LYS C 207 34.84 -50.47 14.01
C LYS C 207 36.11 -50.85 13.26
N SER C 208 36.16 -52.11 12.79
CA SER C 208 37.36 -52.59 12.12
C SER C 208 37.03 -53.15 10.74
N PHE C 209 38.04 -53.72 10.08
CA PHE C 209 37.97 -54.12 8.69
C PHE C 209 39.26 -54.81 8.28
N ASN C 210 39.20 -55.69 7.29
CA ASN C 210 40.33 -56.51 6.90
C ASN C 210 40.85 -56.10 5.53
N ARG C 211 41.96 -56.72 5.14
CA ARG C 211 42.66 -56.45 3.88
C ARG C 211 43.18 -55.02 3.84
N THR D 4 -29.93 1.35 -72.42
CA THR D 4 -29.92 2.43 -71.45
C THR D 4 -30.39 1.95 -70.08
N GLU D 5 -30.13 2.75 -69.04
CA GLU D 5 -30.48 2.43 -67.67
C GLU D 5 -29.85 1.12 -67.21
N LEU D 6 -28.63 0.87 -67.68
CA LEU D 6 -27.85 -0.30 -67.28
C LEU D 6 -26.83 0.17 -66.25
N VAL D 7 -27.15 0.01 -64.97
CA VAL D 7 -26.41 0.67 -63.90
C VAL D 7 -26.09 -0.34 -62.79
N GLN D 8 -26.30 -1.62 -63.05
CA GLN D 8 -26.07 -2.68 -62.06
C GLN D 8 -26.83 -2.37 -60.76
N ASN D 9 -28.15 -2.51 -60.86
CA ASN D 9 -29.03 -2.04 -59.79
C ASN D 9 -28.87 -2.82 -58.49
N SER D 10 -28.37 -4.05 -58.52
CA SER D 10 -28.36 -4.91 -57.34
C SER D 10 -27.06 -5.69 -57.26
N SER D 11 -26.82 -6.26 -56.08
CA SER D 11 -25.66 -7.07 -55.79
C SER D 11 -26.07 -8.49 -55.39
N ILE D 12 -25.09 -9.38 -55.36
CA ILE D 12 -25.34 -10.78 -55.02
C ILE D 12 -25.59 -11.01 -53.53
N GLY D 13 -25.33 -10.01 -52.69
CA GLY D 13 -25.53 -10.12 -51.26
C GLY D 13 -24.34 -10.66 -50.49
N GLU D 14 -23.41 -11.33 -51.16
CA GLU D 14 -22.21 -11.85 -50.52
C GLU D 14 -20.97 -11.19 -51.12
N ILE D 15 -19.85 -11.32 -50.42
CA ILE D 15 -18.58 -10.77 -50.85
C ILE D 15 -17.68 -11.91 -51.29
N CYS D 16 -17.13 -11.80 -52.48
CA CYS D 16 -16.30 -12.86 -53.05
C CYS D 16 -14.90 -12.83 -52.46
N ASP D 17 -14.37 -14.02 -52.16
CA ASP D 17 -13.01 -14.15 -51.64
C ASP D 17 -11.95 -14.14 -52.74
N SER D 18 -12.35 -13.90 -53.99
CA SER D 18 -11.43 -13.84 -55.12
C SER D 18 -11.87 -12.72 -56.04
N PRO D 19 -10.93 -12.07 -56.75
CA PRO D 19 -9.48 -12.31 -56.72
C PRO D 19 -8.81 -11.65 -55.53
N HIS D 20 -9.46 -10.64 -54.95
CA HIS D 20 -8.90 -9.93 -53.82
C HIS D 20 -8.81 -10.83 -52.60
N GLN D 21 -7.70 -10.71 -51.87
CA GLN D 21 -7.50 -11.47 -50.64
C GLN D 21 -8.31 -10.82 -49.53
N ILE D 22 -9.42 -11.45 -49.16
CA ILE D 22 -10.36 -10.89 -48.20
C ILE D 22 -10.07 -11.45 -46.82
N LEU D 23 -10.02 -10.58 -45.82
CA LEU D 23 -9.81 -10.97 -44.44
C LEU D 23 -11.03 -10.54 -43.62
N ASP D 24 -11.70 -11.51 -43.00
CA ASP D 24 -12.93 -11.27 -42.25
C ASP D 24 -12.59 -11.17 -40.77
N GLY D 25 -12.98 -10.05 -40.15
CA GLY D 25 -12.66 -9.85 -38.74
C GLY D 25 -13.61 -10.57 -37.80
N GLU D 26 -14.87 -10.77 -38.20
CA GLU D 26 -15.89 -11.39 -37.37
C GLU D 26 -15.98 -10.73 -36.00
N ASN D 27 -15.59 -11.45 -34.95
CA ASN D 27 -15.64 -10.91 -33.59
C ASN D 27 -14.44 -10.03 -33.25
N CYS D 28 -13.87 -9.35 -34.25
CA CYS D 28 -12.72 -8.50 -34.02
C CYS D 28 -12.75 -7.29 -34.94
N THR D 29 -12.39 -6.14 -34.40
CA THR D 29 -12.10 -4.97 -35.20
C THR D 29 -10.62 -4.99 -35.59
N LEU D 30 -10.24 -4.06 -36.47
CA LEU D 30 -8.83 -3.96 -36.87
C LEU D 30 -7.98 -3.50 -35.70
N ILE D 31 -8.47 -2.56 -34.90
CA ILE D 31 -7.69 -2.02 -33.80
C ILE D 31 -7.54 -3.06 -32.68
N ASP D 32 -8.60 -3.84 -32.44
CA ASP D 32 -8.48 -4.93 -31.47
C ASP D 32 -7.48 -5.99 -31.94
N ALA D 33 -7.49 -6.30 -33.24
CA ALA D 33 -6.48 -7.18 -33.79
C ALA D 33 -5.12 -6.49 -33.87
N LEU D 34 -5.12 -5.17 -34.01
CA LEU D 34 -3.87 -4.41 -34.01
C LEU D 34 -3.18 -4.53 -32.65
N LEU D 35 -3.94 -4.37 -31.57
CA LEU D 35 -3.36 -4.31 -30.23
C LEU D 35 -3.04 -5.71 -29.69
N GLY D 36 -3.94 -6.67 -29.87
CA GLY D 36 -3.70 -8.01 -29.39
C GLY D 36 -4.74 -8.52 -28.42
N ASP D 37 -6.00 -8.16 -28.65
CA ASP D 37 -7.11 -8.68 -27.88
C ASP D 37 -7.09 -10.21 -27.94
N PRO D 38 -7.11 -10.91 -26.78
CA PRO D 38 -7.04 -12.38 -26.78
C PRO D 38 -7.92 -13.08 -27.82
N GLN D 39 -9.08 -12.49 -28.12
CA GLN D 39 -9.91 -13.04 -29.19
C GLN D 39 -9.18 -13.03 -30.52
N CYS D 40 -8.39 -12.00 -30.77
CA CYS D 40 -7.89 -11.68 -32.11
C CYS D 40 -6.48 -12.21 -32.34
N ASP D 41 -6.04 -13.21 -31.56
CA ASP D 41 -4.69 -13.73 -31.72
C ASP D 41 -4.51 -14.48 -33.04
N GLY D 42 -5.60 -14.93 -33.67
CA GLY D 42 -5.50 -15.57 -34.97
C GLY D 42 -5.23 -14.62 -36.11
N PHE D 43 -5.16 -13.31 -35.85
CA PHE D 43 -4.94 -12.31 -36.87
C PHE D 43 -3.49 -11.81 -36.93
N GLN D 44 -2.61 -12.35 -36.09
CA GLN D 44 -1.25 -11.84 -36.01
C GLN D 44 -0.50 -12.08 -37.32
N ASN D 45 0.14 -11.02 -37.80
CA ASN D 45 1.06 -11.07 -38.95
C ASN D 45 0.36 -11.45 -40.25
N LYS D 46 -0.95 -11.25 -40.35
CA LYS D 46 -1.71 -11.69 -41.51
C LYS D 46 -1.96 -10.51 -42.45
N LYS D 47 -1.89 -10.79 -43.75
CA LYS D 47 -2.03 -9.79 -44.80
C LYS D 47 -3.43 -9.83 -45.41
N TRP D 48 -3.83 -8.72 -46.02
CA TRP D 48 -5.12 -8.63 -46.68
C TRP D 48 -5.05 -7.57 -47.77
N ASP D 49 -5.89 -7.75 -48.79
CA ASP D 49 -6.16 -6.68 -49.74
C ASP D 49 -7.34 -5.83 -49.29
N LEU D 50 -8.36 -6.47 -48.71
CA LEU D 50 -9.49 -5.79 -48.11
C LEU D 50 -9.82 -6.46 -46.79
N PHE D 51 -9.94 -5.66 -45.73
CA PHE D 51 -10.30 -6.15 -44.40
C PHE D 51 -11.71 -5.70 -44.08
N VAL D 52 -12.52 -6.62 -43.55
CA VAL D 52 -13.93 -6.38 -43.31
C VAL D 52 -14.19 -6.40 -41.81
N GLU D 53 -14.61 -5.24 -41.27
CA GLU D 53 -15.08 -5.17 -39.89
C GLU D 53 -16.57 -5.48 -39.84
N ARG D 54 -16.97 -6.22 -38.81
CA ARG D 54 -18.35 -6.61 -38.64
C ARG D 54 -19.04 -5.72 -37.60
N SER D 55 -20.38 -5.79 -37.59
CA SER D 55 -21.16 -5.10 -36.58
C SER D 55 -21.17 -5.84 -35.25
N LYS D 56 -20.89 -7.14 -35.25
CA LYS D 56 -20.84 -7.94 -34.04
C LYS D 56 -19.50 -7.88 -33.34
N ALA D 57 -18.53 -7.15 -33.87
CA ALA D 57 -17.21 -7.08 -33.26
C ALA D 57 -17.29 -6.38 -31.91
N TYR D 58 -16.44 -6.82 -30.99
CA TYR D 58 -16.47 -6.30 -29.63
C TYR D 58 -15.13 -6.57 -28.96
N SER D 59 -14.76 -5.70 -28.04
CA SER D 59 -13.50 -5.83 -27.32
C SER D 59 -13.69 -6.66 -26.06
N ASN D 60 -12.61 -7.35 -25.65
CA ASN D 60 -12.68 -8.23 -24.50
C ASN D 60 -11.32 -8.30 -23.81
N CYS D 61 -10.65 -7.15 -23.68
CA CYS D 61 -9.38 -7.09 -22.97
C CYS D 61 -9.40 -5.97 -21.94
N TYR D 62 -8.35 -5.15 -21.94
CA TYR D 62 -8.40 -4.06 -20.97
C TYR D 62 -9.03 -2.83 -21.63
N PRO D 63 -9.88 -2.11 -20.90
CA PRO D 63 -10.56 -0.95 -21.47
C PRO D 63 -9.58 0.10 -22.00
N TYR D 64 -9.79 0.51 -23.25
CA TYR D 64 -8.89 1.40 -23.94
C TYR D 64 -9.68 2.36 -24.83
N ASP D 65 -9.09 3.53 -25.08
CA ASP D 65 -9.61 4.47 -26.05
C ASP D 65 -8.50 4.84 -27.03
N VAL D 66 -8.90 5.20 -28.25
CA VAL D 66 -7.96 5.70 -29.24
C VAL D 66 -8.40 7.11 -29.62
N PRO D 67 -7.68 8.15 -29.20
CA PRO D 67 -8.13 9.52 -29.53
C PRO D 67 -8.24 9.78 -31.01
N ASP D 68 -7.23 9.40 -31.79
CA ASP D 68 -7.27 9.55 -33.24
C ASP D 68 -7.52 8.16 -33.83
N TYR D 69 -8.79 7.73 -33.76
CA TYR D 69 -9.14 6.39 -34.17
C TYR D 69 -9.15 6.24 -35.69
N ALA D 70 -9.59 7.27 -36.40
CA ALA D 70 -9.80 7.15 -37.84
C ALA D 70 -8.48 7.04 -38.59
N SER D 71 -7.52 7.91 -38.27
CA SER D 71 -6.25 7.92 -39.01
C SER D 71 -5.47 6.63 -38.77
N LEU D 72 -5.42 6.17 -37.52
CA LEU D 72 -4.74 4.91 -37.23
C LEU D 72 -5.40 3.75 -37.98
N ARG D 73 -6.72 3.62 -37.86
CA ARG D 73 -7.44 2.57 -38.55
C ARG D 73 -7.24 2.63 -40.06
N SER D 74 -7.23 3.85 -40.62
CA SER D 74 -7.09 4.00 -42.06
C SER D 74 -5.68 3.68 -42.53
N LEU D 75 -4.67 4.22 -41.85
CA LEU D 75 -3.30 4.03 -42.28
C LEU D 75 -2.74 2.67 -41.90
N VAL D 76 -3.37 1.96 -40.96
CA VAL D 76 -3.01 0.56 -40.73
C VAL D 76 -3.57 -0.32 -41.85
N ALA D 77 -4.83 -0.09 -42.22
CA ALA D 77 -5.44 -0.89 -43.28
C ALA D 77 -4.80 -0.63 -44.63
N SER D 78 -4.29 0.59 -44.84
CA SER D 78 -3.66 0.91 -46.12
C SER D 78 -2.44 0.06 -46.37
N SER D 79 -1.67 -0.25 -45.31
CA SER D 79 -0.52 -1.13 -45.45
C SER D 79 -0.92 -2.58 -45.70
N GLY D 80 -2.12 -2.96 -45.26
CA GLY D 80 -2.62 -4.30 -45.51
C GLY D 80 -1.87 -5.41 -44.81
N THR D 81 -1.04 -5.09 -43.83
CA THR D 81 -0.24 -6.11 -43.15
C THR D 81 -0.23 -5.84 -41.64
N LEU D 82 -0.42 -6.90 -40.87
CA LEU D 82 -0.25 -6.87 -39.42
C LEU D 82 1.07 -7.49 -38.99
N GLU D 83 2.05 -7.54 -39.89
CA GLU D 83 3.35 -8.11 -39.56
C GLU D 83 4.03 -7.30 -38.48
N PHE D 84 4.40 -7.97 -37.40
CA PHE D 84 5.00 -7.34 -36.23
C PHE D 84 6.40 -7.89 -36.02
N ASN D 85 7.35 -7.01 -35.81
CA ASN D 85 8.75 -7.38 -35.56
C ASN D 85 9.10 -6.97 -34.13
N ASN D 86 9.30 -7.98 -33.27
CA ASN D 86 9.68 -7.72 -31.89
C ASN D 86 11.01 -6.99 -31.83
N GLU D 87 11.05 -5.95 -30.98
CA GLU D 87 12.30 -5.28 -30.65
C GLU D 87 12.57 -5.39 -29.16
N SER D 88 13.84 -5.30 -28.80
CA SER D 88 14.30 -5.44 -27.42
C SER D 88 14.67 -4.05 -26.90
N PHE D 89 13.70 -3.36 -26.32
CA PHE D 89 13.97 -2.11 -25.63
C PHE D 89 14.72 -2.39 -24.34
N ASN D 90 15.34 -1.35 -23.80
CA ASN D 90 16.10 -1.45 -22.54
C ASN D 90 15.23 -0.87 -21.43
N TRP D 91 14.49 -1.75 -20.74
CA TRP D 91 13.63 -1.30 -19.65
C TRP D 91 14.21 -1.67 -18.29
N ASN D 92 15.45 -1.28 -18.01
CA ASN D 92 16.03 -1.56 -16.71
C ASN D 92 15.34 -0.75 -15.62
N GLY D 93 15.08 -1.41 -14.49
CA GLY D 93 14.53 -0.75 -13.32
C GLY D 93 13.02 -0.78 -13.20
N VAL D 94 12.32 -1.46 -14.12
CA VAL D 94 10.86 -1.49 -14.10
C VAL D 94 10.40 -2.94 -14.19
N THR D 95 9.21 -3.21 -13.65
CA THR D 95 8.60 -4.52 -13.75
C THR D 95 7.80 -4.61 -15.04
N GLN D 96 7.79 -5.81 -15.62
CA GLN D 96 7.46 -5.98 -17.03
C GLN D 96 6.38 -7.06 -17.15
N ASN D 97 5.68 -7.05 -18.29
CA ASN D 97 4.56 -7.95 -18.56
C ASN D 97 3.46 -7.79 -17.50
N GLY D 98 2.83 -6.62 -17.52
CA GLY D 98 1.72 -6.35 -16.63
C GLY D 98 0.44 -7.01 -17.14
N THR D 99 -0.27 -7.67 -16.22
CA THR D 99 -1.47 -8.42 -16.56
C THR D 99 -2.68 -7.87 -15.81
N SER D 100 -3.86 -8.28 -16.28
CA SER D 100 -5.11 -7.84 -15.69
C SER D 100 -6.13 -8.97 -15.77
N SER D 101 -7.22 -8.81 -15.00
CA SER D 101 -8.26 -9.84 -14.93
C SER D 101 -9.31 -9.71 -16.00
N ALA D 102 -9.46 -8.54 -16.61
CA ALA D 102 -10.43 -8.35 -17.68
C ALA D 102 -9.90 -8.75 -19.04
N CYS D 103 -8.68 -9.28 -19.12
CA CYS D 103 -8.04 -9.63 -20.39
C CYS D 103 -7.47 -11.04 -20.22
N ILE D 104 -8.24 -12.04 -20.67
CA ILE D 104 -8.00 -13.44 -20.32
C ILE D 104 -7.43 -14.17 -21.52
N ARG D 105 -6.24 -14.75 -21.36
CA ARG D 105 -5.67 -15.73 -22.27
C ARG D 105 -5.71 -17.11 -21.63
N ARG D 106 -6.23 -18.09 -22.37
CA ARG D 106 -6.09 -19.50 -22.05
C ARG D 106 -6.34 -19.79 -20.58
N SER D 107 -7.44 -19.21 -20.07
CA SER D 107 -7.86 -19.37 -18.67
C SER D 107 -6.82 -18.80 -17.71
N ASN D 108 -6.17 -17.70 -18.11
CA ASN D 108 -5.22 -17.00 -17.25
C ASN D 108 -5.29 -15.51 -17.54
N ASN D 109 -4.78 -14.73 -16.60
CA ASN D 109 -4.73 -13.27 -16.75
C ASN D 109 -3.61 -12.88 -17.70
N SER D 110 -3.86 -11.84 -18.49
CA SER D 110 -2.85 -11.38 -19.45
C SER D 110 -3.23 -9.98 -19.92
N PHE D 111 -2.66 -9.56 -21.05
CA PHE D 111 -2.76 -8.20 -21.53
C PHE D 111 -2.63 -8.23 -23.05
N PHE D 112 -2.65 -7.05 -23.67
CA PHE D 112 -2.48 -6.96 -25.13
C PHE D 112 -1.13 -7.58 -25.53
N SER D 113 -1.17 -8.45 -26.55
CA SER D 113 0.04 -9.17 -26.95
C SER D 113 1.11 -8.24 -27.50
N ARG D 114 0.71 -7.11 -28.07
CA ARG D 114 1.65 -6.18 -28.68
C ARG D 114 2.05 -5.04 -27.76
N LEU D 115 1.57 -5.04 -26.52
CA LEU D 115 1.82 -3.96 -25.58
C LEU D 115 2.45 -4.50 -24.30
N ASN D 116 3.28 -3.67 -23.68
CA ASN D 116 4.02 -4.02 -22.48
C ASN D 116 3.67 -3.01 -21.40
N TRP D 117 3.03 -3.49 -20.33
CA TRP D 117 2.53 -2.62 -19.27
C TRP D 117 3.55 -2.59 -18.14
N LEU D 118 4.25 -1.47 -18.00
CA LEU D 118 5.39 -1.36 -17.11
C LEU D 118 4.96 -0.81 -15.75
N THR D 119 5.39 -1.48 -14.70
CA THR D 119 5.16 -1.04 -13.32
C THR D 119 6.50 -0.85 -12.62
N HIS D 120 6.43 -0.46 -11.35
CA HIS D 120 7.64 -0.16 -10.58
C HIS D 120 8.39 -1.44 -10.24
N LEU D 121 9.64 -1.26 -9.81
CA LEU D 121 10.50 -2.36 -9.36
C LEU D 121 11.02 -2.01 -7.97
N ASN D 122 10.61 -2.80 -6.96
CA ASN D 122 10.98 -2.54 -5.57
C ASN D 122 10.58 -1.14 -5.14
N PHE D 123 9.38 -0.72 -5.57
CA PHE D 123 8.85 0.61 -5.27
C PHE D 123 9.78 1.71 -5.76
N LYS D 124 10.38 1.49 -6.93
CA LYS D 124 11.22 2.48 -7.58
C LYS D 124 11.01 2.35 -9.08
N TYR D 125 10.52 3.42 -9.70
CA TYR D 125 10.22 3.45 -11.14
C TYR D 125 11.02 4.58 -11.74
N PRO D 126 12.24 4.34 -12.21
CA PRO D 126 13.15 5.43 -12.56
C PRO D 126 12.73 6.13 -13.84
N ALA D 127 13.41 7.25 -14.11
CA ALA D 127 13.19 8.03 -15.33
C ALA D 127 13.74 7.24 -16.51
N LEU D 128 12.85 6.64 -17.30
CA LEU D 128 13.26 5.81 -18.42
C LEU D 128 13.60 6.68 -19.62
N ASN D 129 14.72 6.37 -20.26
CA ASN D 129 15.16 7.03 -21.48
C ASN D 129 15.63 5.96 -22.45
N VAL D 130 14.81 5.66 -23.46
CA VAL D 130 15.13 4.65 -24.46
C VAL D 130 15.07 5.30 -25.84
N THR D 131 16.00 4.91 -26.70
CA THR D 131 16.03 5.35 -28.08
C THR D 131 15.90 4.15 -29.00
N MET D 132 15.47 4.40 -30.24
CA MET D 132 15.37 3.31 -31.18
C MET D 132 15.57 3.83 -32.61
N PRO D 133 16.58 3.32 -33.33
CA PRO D 133 17.08 4.03 -34.51
C PRO D 133 16.26 3.94 -35.77
N ASN D 134 15.70 2.77 -36.08
CA ASN D 134 15.02 2.50 -37.36
C ASN D 134 15.97 2.80 -38.52
N ASN D 135 16.92 1.90 -38.68
CA ASN D 135 17.84 1.93 -39.81
C ASN D 135 17.34 1.10 -40.99
N GLU D 136 16.02 0.90 -41.10
CA GLU D 136 15.42 0.11 -42.15
C GLU D 136 14.87 1.03 -43.25
N GLN D 137 14.78 0.48 -44.46
CA GLN D 137 14.44 1.27 -45.64
C GLN D 137 12.93 1.46 -45.82
N PHE D 138 12.25 1.82 -44.72
CA PHE D 138 10.78 1.85 -44.72
C PHE D 138 10.27 2.49 -43.43
N ASP D 139 9.04 2.99 -43.50
CA ASP D 139 8.44 3.65 -42.34
C ASP D 139 8.04 2.61 -41.30
N LYS D 140 8.17 2.98 -40.04
CA LYS D 140 7.80 2.11 -38.92
C LYS D 140 6.61 2.70 -38.16
N LEU D 141 5.76 1.83 -37.65
CA LEU D 141 4.61 2.21 -36.83
C LEU D 141 4.75 1.59 -35.45
N TYR D 142 4.84 2.45 -34.43
CA TYR D 142 4.88 2.01 -33.05
C TYR D 142 3.55 2.32 -32.38
N ILE D 143 3.01 1.34 -31.67
CA ILE D 143 1.74 1.48 -30.96
C ILE D 143 2.02 1.45 -29.47
N TRP D 144 1.64 2.53 -28.78
CA TRP D 144 1.85 2.65 -27.35
C TRP D 144 0.60 3.27 -26.71
N GLY D 145 0.60 3.33 -25.38
CA GLY D 145 -0.56 3.81 -24.65
C GLY D 145 -0.18 4.42 -23.32
N VAL D 146 -1.18 4.96 -22.64
CA VAL D 146 -1.02 5.61 -21.35
C VAL D 146 -2.09 5.07 -20.41
N HIS D 147 -1.66 4.60 -19.24
CA HIS D 147 -2.59 4.06 -18.26
C HIS D 147 -3.15 5.18 -17.40
N HIS D 148 -4.45 5.09 -17.11
CA HIS D 148 -5.18 6.11 -16.34
C HIS D 148 -5.76 5.46 -15.10
N PRO D 149 -5.05 5.49 -13.97
CA PRO D 149 -5.58 4.88 -12.74
C PRO D 149 -6.84 5.58 -12.27
N VAL D 150 -7.57 4.89 -11.40
CA VAL D 150 -8.85 5.43 -10.91
C VAL D 150 -8.66 6.25 -9.64
N THR D 151 -7.68 5.93 -8.80
CA THR D 151 -7.39 6.68 -7.59
C THR D 151 -5.90 6.95 -7.52
N ASP D 152 -5.54 7.89 -6.64
CA ASP D 152 -4.13 8.13 -6.38
C ASP D 152 -3.46 6.93 -5.72
N LYS D 153 -4.24 6.05 -5.09
CA LYS D 153 -3.69 4.85 -4.49
C LYS D 153 -3.16 3.89 -5.56
N ASP D 154 -3.96 3.65 -6.60
CA ASP D 154 -3.52 2.77 -7.68
C ASP D 154 -2.32 3.37 -8.42
N GLN D 155 -2.35 4.69 -8.63
CA GLN D 155 -1.19 5.38 -9.21
C GLN D 155 0.07 5.09 -8.42
N ILE D 156 -0.04 5.07 -7.10
CA ILE D 156 1.12 4.88 -6.23
C ILE D 156 1.54 3.42 -6.18
N PHE D 157 0.57 2.51 -5.98
CA PHE D 157 0.91 1.10 -5.88
C PHE D 157 1.45 0.55 -7.19
N LEU D 158 1.07 1.15 -8.32
CA LEU D 158 1.50 0.65 -9.62
C LEU D 158 2.84 1.23 -10.06
N TYR D 159 3.09 2.52 -9.77
CA TYR D 159 4.21 3.21 -10.38
C TYR D 159 5.14 3.91 -9.39
N ALA D 160 4.82 3.93 -8.10
CA ALA D 160 5.64 4.61 -7.09
C ALA D 160 5.96 6.04 -7.53
N GLN D 161 4.93 6.73 -8.04
CA GLN D 161 5.08 8.04 -8.64
C GLN D 161 3.72 8.72 -8.70
N PRO D 162 3.52 9.82 -7.97
CA PRO D 162 2.18 10.45 -7.96
C PRO D 162 1.85 11.19 -9.23
N SER D 163 2.86 11.67 -9.97
CA SER D 163 2.65 12.48 -11.18
C SER D 163 3.46 11.85 -12.31
N GLY D 164 2.81 11.00 -13.10
CA GLY D 164 3.45 10.39 -14.25
C GLY D 164 3.39 11.26 -15.48
N ARG D 165 4.43 11.18 -16.30
CA ARG D 165 4.51 11.87 -17.57
C ARG D 165 5.12 10.93 -18.60
N ILE D 166 4.77 11.13 -19.87
CA ILE D 166 5.23 10.28 -20.95
C ILE D 166 5.55 11.16 -22.16
N THR D 167 6.78 11.03 -22.67
CA THR D 167 7.22 11.79 -23.83
C THR D 167 7.80 10.82 -24.86
N VAL D 168 7.11 10.70 -26.00
CA VAL D 168 7.57 9.86 -27.11
C VAL D 168 7.95 10.79 -28.27
N SER D 169 9.22 10.78 -28.65
CA SER D 169 9.76 11.76 -29.57
C SER D 169 10.45 11.09 -30.75
N THR D 170 10.50 11.82 -31.86
CA THR D 170 11.34 11.49 -33.00
C THR D 170 12.10 12.74 -33.41
N LYS D 171 12.83 12.70 -34.53
CA LYS D 171 13.50 13.89 -35.02
C LYS D 171 12.57 14.81 -35.81
N ARG D 172 11.30 14.43 -35.97
CA ARG D 172 10.32 15.26 -36.65
C ARG D 172 9.12 15.63 -35.78
N SER D 173 8.79 14.82 -34.77
CA SER D 173 7.60 15.06 -33.96
C SER D 173 7.93 14.84 -32.49
N GLN D 174 7.09 15.40 -31.63
CA GLN D 174 7.17 15.21 -30.19
C GLN D 174 5.76 15.02 -29.64
N GLN D 175 5.61 14.07 -28.73
CA GLN D 175 4.30 13.73 -28.16
C GLN D 175 4.44 13.59 -26.66
N ALA D 176 3.62 14.34 -25.91
CA ALA D 176 3.63 14.29 -24.45
C ALA D 176 2.20 14.11 -23.96
N VAL D 177 1.99 13.11 -23.09
CA VAL D 177 0.69 12.78 -22.55
C VAL D 177 0.77 12.76 -21.04
N ILE D 178 -0.24 13.33 -20.39
CA ILE D 178 -0.33 13.39 -18.93
C ILE D 178 -1.53 12.56 -18.49
N PRO D 179 -1.36 11.54 -17.65
CA PRO D 179 -2.51 10.76 -17.20
C PRO D 179 -3.49 11.60 -16.41
N ASN D 180 -4.75 11.17 -16.40
CA ASN D 180 -5.84 11.87 -15.72
C ASN D 180 -6.50 10.88 -14.76
N ILE D 181 -6.11 10.96 -13.49
CA ILE D 181 -6.67 10.10 -12.45
C ILE D 181 -8.05 10.63 -12.06
N GLY D 182 -8.98 9.74 -11.82
CA GLY D 182 -10.30 10.14 -11.37
C GLY D 182 -11.21 8.93 -11.24
N PHE D 183 -12.26 9.11 -10.46
CA PHE D 183 -13.27 8.07 -10.31
C PHE D 183 -13.98 7.87 -11.65
N ARG D 184 -13.78 6.71 -12.25
CA ARG D 184 -14.35 6.41 -13.55
C ARG D 184 -15.18 5.14 -13.47
N PRO D 185 -16.43 5.17 -13.93
CA PRO D 185 -17.25 3.95 -13.90
C PRO D 185 -16.58 2.82 -14.67
N ARG D 186 -16.77 1.62 -14.15
CA ARG D 186 -16.08 0.45 -14.67
C ARG D 186 -16.48 0.20 -16.12
N ILE D 187 -15.52 -0.28 -16.91
CA ILE D 187 -15.81 -0.92 -18.20
C ILE D 187 -15.06 -2.24 -18.29
N ARG D 188 -15.80 -3.30 -18.61
CA ARG D 188 -15.41 -4.68 -18.32
C ARG D 188 -14.91 -4.82 -16.89
N ASN D 189 -15.72 -4.33 -15.96
CA ASN D 189 -15.46 -4.43 -14.51
C ASN D 189 -14.08 -3.89 -14.15
N ILE D 190 -13.67 -2.82 -14.83
CA ILE D 190 -12.40 -2.15 -14.58
C ILE D 190 -12.63 -0.64 -14.59
N PRO D 191 -12.33 0.06 -13.49
CA PRO D 191 -12.53 1.51 -13.49
C PRO D 191 -11.48 2.29 -14.26
N SER D 192 -10.31 1.72 -14.50
CA SER D 192 -9.23 2.44 -15.15
C SER D 192 -9.45 2.50 -16.67
N ARG D 193 -8.72 3.41 -17.31
CA ARG D 193 -8.75 3.59 -18.75
C ARG D 193 -7.34 3.52 -19.31
N ILE D 194 -7.26 3.33 -20.63
CA ILE D 194 -6.00 3.47 -21.37
C ILE D 194 -6.29 4.24 -22.64
N SER D 195 -5.39 5.17 -22.98
CA SER D 195 -5.46 5.93 -24.22
C SER D 195 -4.37 5.45 -25.16
N ILE D 196 -4.76 4.94 -26.32
CA ILE D 196 -3.83 4.35 -27.27
C ILE D 196 -3.35 5.43 -28.25
N TYR D 197 -2.04 5.54 -28.41
CA TYR D 197 -1.43 6.50 -29.31
C TYR D 197 -0.47 5.78 -30.25
N TRP D 198 -0.16 6.42 -31.38
CA TRP D 198 0.76 5.86 -32.35
C TRP D 198 1.80 6.90 -32.74
N THR D 199 2.88 6.41 -33.35
CA THR D 199 3.98 7.27 -33.78
C THR D 199 4.65 6.64 -35.00
N ILE D 200 4.84 7.44 -36.05
CA ILE D 200 5.49 6.98 -37.28
C ILE D 200 6.97 7.34 -37.21
N VAL D 201 7.82 6.38 -37.52
CA VAL D 201 9.27 6.54 -37.46
C VAL D 201 9.82 6.29 -38.86
N LYS D 202 10.25 7.35 -39.53
CA LYS D 202 10.73 7.26 -40.90
C LYS D 202 12.18 6.79 -40.94
N PRO D 203 12.63 6.27 -42.08
CA PRO D 203 13.99 5.73 -42.17
C PRO D 203 15.05 6.79 -41.84
N GLY D 204 16.00 6.41 -41.00
CA GLY D 204 17.04 7.33 -40.57
C GLY D 204 16.65 8.23 -39.43
N ASP D 205 15.52 7.98 -38.78
CA ASP D 205 15.03 8.79 -37.67
C ASP D 205 14.91 7.92 -36.43
N ILE D 206 15.47 8.40 -35.33
CA ILE D 206 15.49 7.66 -34.06
C ILE D 206 14.20 7.93 -33.31
N LEU D 207 13.64 6.88 -32.72
CA LEU D 207 12.49 7.01 -31.83
C LEU D 207 12.99 7.24 -30.41
N LEU D 208 12.45 8.27 -29.74
CA LEU D 208 12.80 8.60 -28.37
C LEU D 208 11.57 8.46 -27.50
N ILE D 209 11.69 7.67 -26.43
CA ILE D 209 10.58 7.43 -25.51
C ILE D 209 11.08 7.66 -24.09
N ASN D 210 10.42 8.56 -23.37
CA ASN D 210 10.69 8.82 -21.96
C ASN D 210 9.41 8.61 -21.18
N SER D 211 9.50 7.86 -20.08
CA SER D 211 8.33 7.57 -19.25
C SER D 211 8.68 7.79 -17.80
N THR D 212 7.93 8.67 -17.15
CA THR D 212 8.03 8.86 -15.71
C THR D 212 6.89 8.19 -14.96
N GLY D 213 6.09 7.39 -15.65
CA GLY D 213 4.97 6.69 -15.06
C GLY D 213 3.89 6.45 -16.10
N ASN D 214 3.10 5.39 -15.86
CA ASN D 214 1.87 5.11 -16.61
C ASN D 214 2.12 4.72 -18.05
N LEU D 215 3.31 4.22 -18.39
CA LEU D 215 3.60 3.90 -19.78
C LEU D 215 3.11 2.51 -20.14
N ILE D 216 2.36 2.43 -21.24
CA ILE D 216 2.02 1.17 -21.88
C ILE D 216 3.05 1.00 -23.00
N ALA D 217 4.14 0.30 -22.72
CA ALA D 217 5.28 0.24 -23.63
C ALA D 217 4.99 -0.62 -24.86
N PRO D 218 5.55 -0.23 -26.00
CA PRO D 218 5.45 -1.09 -27.18
C PRO D 218 6.50 -2.19 -27.16
N ARG D 219 6.18 -3.27 -27.87
CA ARG D 219 7.09 -4.41 -28.00
C ARG D 219 7.83 -4.39 -29.33
N GLY D 220 7.54 -3.43 -30.20
CA GLY D 220 8.16 -3.39 -31.52
C GLY D 220 7.35 -2.50 -32.44
N TYR D 221 7.50 -2.76 -33.74
CA TYR D 221 6.90 -1.91 -34.76
C TYR D 221 6.07 -2.74 -35.73
N PHE D 222 5.25 -2.03 -36.51
CA PHE D 222 4.42 -2.61 -37.55
C PHE D 222 4.96 -2.13 -38.89
N LYS D 223 5.34 -3.06 -39.76
CA LYS D 223 5.84 -2.71 -41.08
C LYS D 223 4.71 -2.07 -41.88
N ILE D 224 4.94 -0.86 -42.39
CA ILE D 224 3.91 -0.11 -43.09
C ILE D 224 4.43 0.36 -44.44
N ARG D 225 3.60 0.20 -45.46
CA ARG D 225 3.81 0.76 -46.79
C ARG D 225 2.51 1.36 -47.28
N SER D 226 2.57 2.50 -47.95
CA SER D 226 1.39 3.15 -48.51
C SER D 226 0.86 2.25 -49.64
N GLY D 227 0.19 1.17 -49.24
CA GLY D 227 -0.25 0.15 -50.17
C GLY D 227 -1.66 0.37 -50.67
N LYS D 228 -2.07 -0.53 -51.57
CA LYS D 228 -3.37 -0.46 -52.24
C LYS D 228 -4.51 -0.95 -51.35
N SER D 229 -4.21 -1.58 -50.21
CA SER D 229 -5.25 -2.18 -49.39
C SER D 229 -6.17 -1.11 -48.79
N SER D 230 -7.29 -1.58 -48.24
CA SER D 230 -8.30 -0.71 -47.66
C SER D 230 -9.13 -1.52 -46.67
N ILE D 231 -10.10 -0.85 -46.04
CA ILE D 231 -10.96 -1.47 -45.04
C ILE D 231 -12.41 -1.09 -45.37
N MET D 232 -13.33 -1.96 -44.98
CA MET D 232 -14.75 -1.79 -45.31
C MET D 232 -15.61 -2.33 -44.17
N ARG D 233 -16.67 -1.59 -43.85
CA ARG D 233 -17.65 -2.01 -42.85
C ARG D 233 -18.81 -2.67 -43.58
N SER D 234 -19.01 -3.96 -43.34
CA SER D 234 -20.06 -4.69 -44.04
C SER D 234 -20.51 -5.88 -43.20
N ASP D 235 -21.79 -6.22 -43.36
CA ASP D 235 -22.36 -7.41 -42.74
C ASP D 235 -22.69 -8.49 -43.76
N ALA D 236 -22.22 -8.35 -45.01
CA ALA D 236 -22.50 -9.32 -46.05
C ALA D 236 -21.59 -10.53 -45.89
N PRO D 237 -22.12 -11.76 -45.96
CA PRO D 237 -21.28 -12.94 -45.77
C PRO D 237 -20.20 -13.03 -46.84
N ILE D 238 -19.13 -13.75 -46.50
CA ILE D 238 -18.04 -14.01 -47.42
C ILE D 238 -18.29 -15.34 -48.10
N GLY D 239 -18.42 -15.33 -49.43
CA GLY D 239 -18.71 -16.50 -50.21
C GLY D 239 -17.55 -16.95 -51.08
N LYS D 240 -17.78 -18.07 -51.78
CA LYS D 240 -16.81 -18.64 -52.70
C LYS D 240 -17.23 -18.25 -54.12
N CYS D 241 -16.55 -17.24 -54.66
CA CYS D 241 -16.87 -16.68 -55.97
C CYS D 241 -15.75 -15.73 -56.37
N LYS D 242 -15.84 -15.23 -57.60
CA LYS D 242 -14.85 -14.31 -58.15
C LYS D 242 -15.54 -13.04 -58.63
N SER D 243 -15.08 -11.89 -58.13
CA SER D 243 -15.68 -10.62 -58.48
C SER D 243 -14.66 -9.51 -58.29
N GLU D 244 -14.46 -8.69 -59.32
CA GLU D 244 -13.51 -7.59 -59.25
C GLU D 244 -14.00 -6.42 -58.42
N CYS D 245 -15.26 -6.40 -58.02
CA CYS D 245 -15.83 -5.27 -57.30
C CYS D 245 -16.46 -5.75 -55.99
N ILE D 246 -16.32 -4.93 -54.95
CA ILE D 246 -16.80 -5.27 -53.61
C ILE D 246 -17.39 -4.01 -52.98
N THR D 247 -18.62 -4.13 -52.48
CA THR D 247 -19.30 -3.08 -51.75
C THR D 247 -19.74 -3.60 -50.40
N PRO D 248 -20.10 -2.71 -49.46
CA PRO D 248 -20.67 -3.19 -48.19
C PRO D 248 -21.94 -4.00 -48.36
N ASN D 249 -22.59 -3.93 -49.52
CA ASN D 249 -23.79 -4.72 -49.79
C ASN D 249 -23.50 -6.04 -50.49
N GLY D 250 -22.25 -6.27 -50.90
CA GLY D 250 -21.85 -7.50 -51.54
C GLY D 250 -20.89 -7.23 -52.68
N SER D 251 -20.71 -8.22 -53.53
CA SER D 251 -19.89 -8.11 -54.73
C SER D 251 -20.76 -7.84 -55.94
N ILE D 252 -20.20 -7.10 -56.90
CA ILE D 252 -20.99 -6.59 -58.02
C ILE D 252 -20.22 -6.75 -59.33
N PRO D 253 -20.88 -7.18 -60.42
CA PRO D 253 -20.21 -7.23 -61.72
C PRO D 253 -19.75 -5.85 -62.18
N ASN D 254 -18.64 -5.82 -62.91
CA ASN D 254 -18.02 -4.59 -63.36
C ASN D 254 -18.22 -4.37 -64.87
N ASP D 255 -19.28 -4.92 -65.44
CA ASP D 255 -19.51 -4.79 -66.88
C ASP D 255 -20.24 -3.49 -67.24
N LYS D 256 -21.14 -3.02 -66.37
CA LYS D 256 -21.90 -1.81 -66.66
C LYS D 256 -21.12 -0.57 -66.22
N PRO D 257 -21.43 0.59 -66.79
CA PRO D 257 -20.60 1.78 -66.54
C PRO D 257 -20.90 2.53 -65.26
N PHE D 258 -22.06 2.34 -64.63
CA PHE D 258 -22.39 3.05 -63.41
C PHE D 258 -22.97 2.07 -62.39
N GLN D 259 -23.27 2.59 -61.20
CA GLN D 259 -23.65 1.75 -60.06
C GLN D 259 -24.35 2.47 -58.90
N ASN D 260 -25.66 2.30 -58.76
CA ASN D 260 -26.41 2.97 -57.70
C ASN D 260 -26.55 2.15 -56.43
N VAL D 261 -25.71 1.13 -56.24
CA VAL D 261 -25.85 0.26 -55.08
C VAL D 261 -25.33 0.96 -53.83
N ASN D 262 -24.07 1.38 -53.84
CA ASN D 262 -23.48 2.02 -52.68
C ASN D 262 -22.30 2.87 -53.13
N ARG D 263 -22.14 4.03 -52.49
CA ARG D 263 -21.05 4.94 -52.79
C ARG D 263 -19.69 4.40 -52.33
N ILE D 264 -19.68 3.40 -51.45
CA ILE D 264 -18.44 2.80 -50.96
C ILE D 264 -18.11 1.59 -51.83
N THR D 265 -16.94 1.62 -52.46
CA THR D 265 -16.50 0.56 -53.36
C THR D 265 -15.02 0.30 -53.18
N TYR D 266 -14.61 -0.93 -53.50
CA TYR D 266 -13.21 -1.32 -53.53
C TYR D 266 -12.91 -2.07 -54.81
N GLY D 267 -11.78 -1.75 -55.43
CA GLY D 267 -11.36 -2.42 -56.64
C GLY D 267 -11.86 -1.71 -57.90
N ALA D 268 -11.88 -2.47 -58.99
CA ALA D 268 -12.38 -1.97 -60.27
C ALA D 268 -13.91 -1.97 -60.20
N CYS D 269 -14.48 -0.77 -60.02
CA CYS D 269 -15.92 -0.62 -59.84
C CYS D 269 -16.42 0.57 -60.62
N PRO D 270 -17.68 0.53 -61.07
CA PRO D 270 -18.25 1.69 -61.76
C PRO D 270 -18.65 2.78 -60.78
N ARG D 271 -18.15 3.99 -61.01
CA ARG D 271 -18.40 5.14 -60.15
C ARG D 271 -19.86 5.56 -60.20
N TYR D 272 -20.31 6.21 -59.12
CA TYR D 272 -21.64 6.81 -59.01
C TYR D 272 -21.81 7.45 -57.64
N VAL E 2 -16.67 10.48 -1.88
CA VAL E 2 -16.91 11.92 -1.88
C VAL E 2 -18.34 12.17 -2.38
N GLN E 3 -18.93 13.30 -2.00
CA GLN E 3 -20.34 13.56 -2.27
C GLN E 3 -20.55 15.02 -2.61
N LEU E 4 -21.79 15.36 -2.91
CA LEU E 4 -22.25 16.71 -3.17
C LEU E 4 -23.13 17.19 -2.02
N VAL E 5 -23.28 18.50 -1.91
CA VAL E 5 -24.18 19.12 -0.95
C VAL E 5 -24.94 20.25 -1.65
N GLN E 6 -26.26 20.28 -1.46
CA GLN E 6 -27.12 21.28 -2.05
C GLN E 6 -27.81 22.12 -0.98
N SER E 7 -28.40 23.22 -1.44
CA SER E 7 -29.26 24.07 -0.63
C SER E 7 -29.95 25.04 -1.58
N GLY E 8 -30.92 25.78 -1.03
CA GLY E 8 -31.65 26.77 -1.79
C GLY E 8 -33.05 26.36 -2.21
N GLY E 9 -33.53 25.20 -1.78
CA GLY E 9 -34.86 24.75 -2.15
C GLY E 9 -35.90 25.13 -1.11
N GLY E 10 -37.11 25.37 -1.59
CA GLY E 10 -38.19 25.76 -0.70
C GLY E 10 -39.46 26.03 -1.47
N LEU E 11 -40.36 26.77 -0.83
CA LEU E 11 -41.64 27.12 -1.43
C LEU E 11 -41.58 28.51 -2.04
N VAL E 12 -42.33 28.69 -3.13
CA VAL E 12 -42.26 29.90 -3.93
C VAL E 12 -43.51 29.98 -4.80
N ARG E 13 -44.06 31.18 -4.93
CA ARG E 13 -45.28 31.39 -5.68
C ARG E 13 -45.07 31.04 -7.16
N PRO E 14 -46.09 30.52 -7.83
CA PRO E 14 -45.99 30.33 -9.28
C PRO E 14 -45.75 31.66 -9.99
N GLY E 15 -44.73 31.68 -10.84
CA GLY E 15 -44.25 32.91 -11.43
C GLY E 15 -43.08 33.53 -10.72
N GLY E 16 -42.77 33.07 -9.51
CA GLY E 16 -41.63 33.58 -8.76
C GLY E 16 -40.32 33.01 -9.24
N SER E 17 -39.25 33.42 -8.57
CA SER E 17 -37.89 33.00 -8.91
C SER E 17 -37.24 32.31 -7.73
N LEU E 18 -36.24 31.49 -8.04
CA LEU E 18 -35.52 30.74 -7.02
C LEU E 18 -34.19 30.29 -7.61
N ARG E 19 -33.17 30.20 -6.76
CA ARG E 19 -31.82 29.86 -7.18
C ARG E 19 -31.30 28.69 -6.37
N LEU E 20 -30.79 27.67 -7.06
CA LEU E 20 -30.27 26.48 -6.41
C LEU E 20 -28.74 26.46 -6.49
N SER E 21 -28.13 25.80 -5.50
CA SER E 21 -26.68 25.69 -5.42
C SER E 21 -26.31 24.23 -5.17
N CYS E 22 -25.06 23.89 -5.54
CA CYS E 22 -24.58 22.52 -5.43
C CYS E 22 -23.06 22.57 -5.29
N ALA E 23 -22.57 22.38 -4.07
CA ALA E 23 -21.14 22.45 -3.80
C ALA E 23 -20.49 21.08 -3.98
N ALA E 24 -19.32 21.06 -4.62
CA ALA E 24 -18.63 19.84 -4.97
C ALA E 24 -17.34 19.68 -4.18
N SER E 25 -16.90 18.43 -4.03
CA SER E 25 -15.69 18.14 -3.27
C SER E 25 -15.24 16.71 -3.57
N GLY E 26 -13.93 16.53 -3.72
CA GLY E 26 -13.34 15.22 -3.83
C GLY E 26 -12.95 14.76 -5.21
N PHE E 27 -12.76 15.67 -6.16
CA PHE E 27 -12.43 15.32 -7.54
C PHE E 27 -11.96 16.60 -8.23
N THR E 28 -11.75 16.52 -9.54
CA THR E 28 -11.39 17.69 -10.34
C THR E 28 -12.68 18.26 -10.92
N PHE E 29 -13.17 19.35 -10.33
CA PHE E 29 -14.46 19.90 -10.73
C PHE E 29 -14.40 20.56 -12.10
N SER E 30 -13.30 21.24 -12.40
CA SER E 30 -13.16 21.96 -13.66
C SER E 30 -13.00 21.05 -14.87
N SER E 31 -13.17 19.74 -14.78
CA SER E 31 -12.96 18.85 -15.92
C SER E 31 -14.02 17.75 -15.94
N ALA E 32 -15.26 18.10 -15.61
CA ALA E 32 -16.35 17.13 -15.64
C ALA E 32 -17.65 17.86 -15.97
N TRP E 33 -18.37 17.35 -16.97
CA TRP E 33 -19.71 17.84 -17.25
C TRP E 33 -20.59 17.74 -16.01
N MET E 34 -21.51 18.68 -15.87
CA MET E 34 -22.35 18.79 -14.68
C MET E 34 -23.80 18.95 -15.09
N THR E 35 -24.69 18.24 -14.40
CA THR E 35 -26.08 18.12 -14.83
C THR E 35 -27.03 18.43 -13.67
N TRP E 36 -28.31 18.53 -14.02
CA TRP E 36 -29.40 18.70 -13.07
C TRP E 36 -30.53 17.75 -13.45
N VAL E 37 -31.05 17.02 -12.47
CA VAL E 37 -32.10 16.03 -12.69
C VAL E 37 -33.15 16.20 -11.61
N ARG E 38 -34.41 16.33 -12.01
CA ARG E 38 -35.51 16.52 -11.07
C ARG E 38 -36.42 15.30 -11.06
N GLN E 39 -37.25 15.22 -10.02
CA GLN E 39 -38.17 14.11 -9.85
C GLN E 39 -39.39 14.60 -9.08
N ALA E 40 -40.52 14.71 -9.75
CA ALA E 40 -41.76 15.05 -9.08
C ALA E 40 -42.10 13.97 -8.05
N PRO E 41 -42.77 14.33 -6.95
CA PRO E 41 -43.15 13.33 -5.95
C PRO E 41 -44.02 12.22 -6.52
N GLY E 42 -43.48 11.01 -6.58
CA GLY E 42 -44.21 9.87 -7.11
C GLY E 42 -44.06 9.65 -8.60
N LYS E 43 -43.36 10.53 -9.31
CA LYS E 43 -43.18 10.40 -10.74
C LYS E 43 -41.77 9.92 -11.06
N GLY E 44 -41.47 9.85 -12.35
CA GLY E 44 -40.16 9.43 -12.79
C GLY E 44 -39.13 10.54 -12.78
N LEU E 45 -37.91 10.18 -13.15
CA LEU E 45 -36.80 11.12 -13.21
C LEU E 45 -36.78 11.84 -14.54
N GLU E 46 -36.50 13.14 -14.51
CA GLU E 46 -36.50 13.98 -15.70
C GLU E 46 -35.22 14.81 -15.73
N TRP E 47 -34.44 14.65 -16.80
CA TRP E 47 -33.29 15.51 -17.02
C TRP E 47 -33.73 16.96 -17.16
N VAL E 48 -32.87 17.88 -16.73
CA VAL E 48 -33.19 19.29 -16.77
C VAL E 48 -32.15 20.05 -17.59
N ALA E 49 -30.87 19.97 -17.20
CA ALA E 49 -29.85 20.78 -17.83
C ALA E 49 -28.49 20.10 -17.75
N ASN E 50 -27.63 20.42 -18.72
CA ASN E 50 -26.23 20.06 -18.69
C ASN E 50 -25.39 21.32 -18.87
N ILE E 51 -24.18 21.30 -18.32
CA ILE E 51 -23.21 22.38 -18.53
C ILE E 51 -21.85 21.75 -18.76
N LYS E 52 -21.06 22.38 -19.63
CA LYS E 52 -19.77 21.84 -20.03
C LYS E 52 -18.72 22.10 -18.95
N GLU E 53 -17.56 21.45 -19.11
CA GLU E 53 -16.44 21.62 -18.19
C GLU E 53 -16.08 23.09 -18.04
N ASP E 54 -15.89 23.79 -19.17
CA ASP E 54 -15.50 25.20 -19.16
C ASP E 54 -16.69 26.14 -19.03
N GLY E 55 -17.91 25.62 -18.99
CA GLY E 55 -19.08 26.47 -18.91
C GLY E 55 -19.35 27.27 -20.17
N SER E 56 -19.20 26.65 -21.33
CA SER E 56 -19.40 27.32 -22.62
C SER E 56 -20.58 26.79 -23.41
N GLU E 57 -20.95 25.53 -23.23
CA GLU E 57 -22.08 24.93 -23.93
C GLU E 57 -23.10 24.44 -22.91
N LYS E 58 -24.37 24.79 -23.14
CA LYS E 58 -25.45 24.51 -22.20
C LYS E 58 -26.64 23.94 -22.95
N TYR E 59 -27.29 22.95 -22.34
CA TYR E 59 -28.45 22.28 -22.91
C TYR E 59 -29.53 22.16 -21.86
N TYR E 60 -30.78 22.39 -22.26
CA TYR E 60 -31.90 22.36 -21.34
C TYR E 60 -33.01 21.48 -21.89
N VAL E 61 -33.81 20.89 -20.99
CA VAL E 61 -35.02 20.22 -21.41
C VAL E 61 -35.99 21.27 -21.94
N ASP E 62 -36.86 20.85 -22.87
CA ASP E 62 -37.64 21.80 -23.65
C ASP E 62 -38.59 22.63 -22.77
N SER E 63 -39.10 22.05 -21.69
CA SER E 63 -40.11 22.71 -20.87
C SER E 63 -39.55 23.81 -19.98
N VAL E 64 -38.23 24.01 -19.95
CA VAL E 64 -37.62 25.01 -19.09
C VAL E 64 -36.82 26.04 -19.85
N LYS E 65 -36.78 25.96 -21.18
CA LYS E 65 -36.01 26.91 -21.97
C LYS E 65 -36.54 28.32 -21.78
N GLY E 66 -35.60 29.27 -21.62
CA GLY E 66 -35.96 30.65 -21.35
C GLY E 66 -36.32 30.94 -19.91
N ARG E 67 -36.53 29.93 -19.09
CA ARG E 67 -36.88 30.11 -17.68
C ARG E 67 -35.75 29.72 -16.74
N PHE E 68 -35.13 28.57 -16.95
CA PHE E 68 -34.01 28.16 -16.10
C PHE E 68 -32.70 28.57 -16.75
N SER E 69 -31.66 28.66 -15.94
CA SER E 69 -30.32 28.95 -16.44
C SER E 69 -29.31 28.28 -15.54
N ILE E 70 -28.53 27.35 -16.11
CA ILE E 70 -27.47 26.65 -15.38
C ILE E 70 -26.20 27.46 -15.51
N SER E 71 -25.37 27.41 -14.46
CA SER E 71 -24.07 28.05 -14.47
C SER E 71 -23.16 27.31 -13.49
N ARG E 72 -21.90 27.73 -13.43
CA ARG E 72 -20.91 27.06 -12.60
C ARG E 72 -19.75 28.00 -12.34
N ASP E 73 -18.96 27.68 -11.32
CA ASP E 73 -17.77 28.44 -10.95
C ASP E 73 -16.66 27.45 -10.66
N ASN E 74 -15.72 27.31 -11.60
CA ASN E 74 -14.63 26.36 -11.44
C ASN E 74 -13.53 26.86 -10.51
N ALA E 75 -13.41 28.17 -10.32
CA ALA E 75 -12.50 28.68 -9.31
C ALA E 75 -12.91 28.19 -7.93
N LYS E 76 -14.21 28.14 -7.66
CA LYS E 76 -14.74 27.46 -6.48
C LYS E 76 -15.11 26.03 -6.88
N ASN E 77 -16.13 25.46 -6.23
CA ASN E 77 -16.61 24.12 -6.55
C ASN E 77 -18.12 24.11 -6.35
N SER E 78 -18.85 24.72 -7.28
CA SER E 78 -20.27 24.95 -7.10
C SER E 78 -20.99 25.06 -8.43
N LEU E 79 -22.18 24.45 -8.50
CA LEU E 79 -23.11 24.66 -9.59
C LEU E 79 -24.20 25.65 -9.19
N TYR E 80 -24.95 26.10 -10.19
CA TYR E 80 -26.05 27.03 -9.98
C TYR E 80 -27.12 26.77 -11.02
N LEU E 81 -28.37 26.70 -10.58
CA LEU E 81 -29.52 26.54 -11.47
C LEU E 81 -30.50 27.67 -11.14
N GLN E 82 -30.31 28.82 -11.78
CA GLN E 82 -31.26 29.91 -11.63
C GLN E 82 -32.60 29.49 -12.24
N ILE E 83 -33.67 29.72 -11.49
CA ILE E 83 -34.99 29.17 -11.81
C ILE E 83 -35.99 30.33 -11.70
N SER E 84 -36.40 30.87 -12.84
CA SER E 84 -37.32 31.99 -12.89
C SER E 84 -38.62 31.59 -13.56
N SER E 85 -39.67 32.36 -13.28
CA SER E 85 -41.02 32.12 -13.80
C SER E 85 -41.46 30.68 -13.52
N LEU E 86 -41.58 30.38 -12.24
CA LEU E 86 -41.91 29.02 -11.82
C LEU E 86 -43.34 28.65 -12.13
N ARG E 87 -43.52 27.43 -12.61
CA ARG E 87 -44.82 26.88 -12.98
C ARG E 87 -45.23 25.82 -11.98
N ALA E 88 -46.53 25.51 -11.96
CA ALA E 88 -47.05 24.52 -11.01
C ALA E 88 -46.41 23.15 -11.22
N GLU E 89 -46.06 22.81 -12.45
CA GLU E 89 -45.48 21.51 -12.76
C GLU E 89 -43.99 21.44 -12.50
N ASP E 90 -43.41 22.42 -11.81
CA ASP E 90 -41.99 22.40 -11.47
C ASP E 90 -41.72 21.79 -10.10
N THR E 91 -42.76 21.38 -9.37
CA THR E 91 -42.59 20.78 -8.05
C THR E 91 -41.88 19.44 -8.19
N ALA E 92 -40.66 19.35 -7.67
CA ALA E 92 -39.87 18.13 -7.81
C ALA E 92 -38.67 18.20 -6.87
N VAL E 93 -38.05 17.04 -6.67
CA VAL E 93 -36.77 16.93 -5.98
C VAL E 93 -35.68 17.17 -7.01
N TYR E 94 -35.01 18.32 -6.94
CA TYR E 94 -33.96 18.64 -7.90
C TYR E 94 -32.64 18.07 -7.39
N TYR E 95 -32.12 17.06 -8.09
CA TYR E 95 -30.86 16.43 -7.73
C TYR E 95 -29.68 17.13 -8.42
N CYS E 96 -28.48 16.69 -8.07
CA CYS E 96 -27.25 17.22 -8.65
C CYS E 96 -26.37 16.03 -9.04
N ALA E 97 -26.17 15.85 -10.34
CA ALA E 97 -25.34 14.78 -10.86
C ALA E 97 -24.16 15.37 -11.61
N ARG E 98 -23.10 14.57 -11.74
CA ARG E 98 -21.86 14.99 -12.40
C ARG E 98 -21.64 14.26 -13.72
N ARG E 99 -22.72 13.93 -14.44
CA ARG E 99 -22.62 13.12 -15.65
C ARG E 99 -21.51 13.62 -16.55
N PHE E 100 -20.61 12.71 -16.93
CA PHE E 100 -19.47 13.05 -17.76
C PHE E 100 -19.41 12.12 -18.96
N VAL E 101 -18.65 12.53 -19.98
CA VAL E 101 -18.58 11.80 -21.24
C VAL E 101 -17.11 11.51 -21.56
N GLU E 102 -16.90 10.40 -22.27
CA GLU E 102 -15.60 10.07 -22.83
C GLU E 102 -15.80 9.03 -23.92
N ARG E 103 -14.91 9.04 -24.91
CA ARG E 103 -14.94 8.02 -25.94
C ARG E 103 -14.40 6.70 -25.39
N LEU E 104 -15.09 5.60 -25.68
CA LEU E 104 -14.70 4.32 -25.11
C LEU E 104 -13.98 3.41 -26.09
N TRP E 105 -14.05 3.69 -27.39
CA TRP E 105 -13.26 2.96 -28.38
C TRP E 105 -12.97 3.85 -29.59
N GLY E 106 -12.63 5.11 -29.34
CA GLY E 106 -12.42 6.05 -30.42
C GLY E 106 -13.67 6.40 -31.20
N GLN E 107 -14.84 6.25 -30.59
CA GLN E 107 -16.09 6.50 -31.28
C GLN E 107 -16.22 7.96 -31.67
N SER E 108 -16.96 8.21 -32.75
CA SER E 108 -17.21 9.59 -33.16
C SER E 108 -17.98 10.34 -32.09
N LYS E 109 -18.92 9.68 -31.42
CA LYS E 109 -19.71 10.28 -30.36
C LYS E 109 -19.41 9.57 -29.04
N PRO E 110 -19.22 10.31 -27.95
CA PRO E 110 -18.85 9.68 -26.68
C PRO E 110 -20.05 9.23 -25.86
N TYR E 111 -19.79 8.25 -25.00
CA TYR E 111 -20.80 7.66 -24.13
C TYR E 111 -20.95 8.48 -22.85
N ASP E 112 -22.17 8.52 -22.33
CA ASP E 112 -22.50 9.32 -21.16
C ASP E 112 -23.14 8.47 -20.07
N ALA E 113 -22.88 8.85 -18.83
CA ALA E 113 -23.50 8.28 -17.64
C ALA E 113 -23.21 9.24 -16.49
N VAL E 114 -23.94 9.06 -15.39
CA VAL E 114 -23.71 9.90 -14.23
C VAL E 114 -22.34 9.58 -13.63
N ASP E 115 -21.74 10.57 -12.98
CA ASP E 115 -20.51 10.37 -12.24
C ASP E 115 -20.74 10.34 -10.74
N ILE E 116 -21.64 11.20 -10.24
CA ILE E 116 -22.02 11.20 -8.82
C ILE E 116 -23.50 11.57 -8.73
N TRP E 117 -24.04 11.46 -7.53
CA TRP E 117 -25.41 11.87 -7.25
C TRP E 117 -25.45 12.79 -6.05
N GLY E 118 -26.56 13.51 -5.91
CA GLY E 118 -26.79 14.38 -4.79
C GLY E 118 -28.04 13.98 -4.02
N GLN E 119 -28.23 14.61 -2.86
CA GLN E 119 -29.40 14.33 -2.04
C GLN E 119 -30.66 15.00 -2.59
N GLY E 120 -30.53 16.22 -3.08
CA GLY E 120 -31.66 16.93 -3.65
C GLY E 120 -32.42 17.76 -2.64
N THR E 121 -33.16 18.74 -3.16
CA THR E 121 -33.97 19.61 -2.33
C THR E 121 -35.31 19.83 -3.01
N MET E 122 -36.36 19.95 -2.18
CA MET E 122 -37.71 20.15 -2.70
C MET E 122 -37.88 21.57 -3.20
N VAL E 123 -38.33 21.72 -4.44
CA VAL E 123 -38.69 23.02 -4.99
C VAL E 123 -40.19 23.03 -5.25
N THR E 124 -40.99 23.19 -4.19
CA THR E 124 -42.44 23.27 -4.30
C THR E 124 -42.87 24.68 -4.66
N VAL E 125 -43.91 24.79 -5.48
CA VAL E 125 -44.38 26.06 -6.03
C VAL E 125 -45.82 26.26 -5.59
N SER E 126 -46.09 27.40 -4.95
CA SER E 126 -47.41 27.70 -4.46
C SER E 126 -47.37 29.10 -3.89
N GLY E 127 -48.48 29.79 -4.07
CA GLY E 127 -48.76 31.06 -3.46
C GLY E 127 -49.61 30.98 -2.21
N ALA E 128 -49.96 29.78 -1.74
CA ALA E 128 -50.76 29.63 -0.53
C ALA E 128 -49.97 30.02 0.72
N SER E 129 -50.70 30.38 1.77
CA SER E 129 -50.09 30.82 3.03
C SER E 129 -49.77 29.62 3.91
N THR E 130 -48.57 29.64 4.49
CA THR E 130 -48.14 28.55 5.36
C THR E 130 -48.88 28.61 6.70
N LYS E 131 -48.99 27.44 7.34
CA LYS E 131 -49.61 27.36 8.66
C LYS E 131 -49.22 26.04 9.29
N GLY E 132 -49.23 26.01 10.62
CA GLY E 132 -48.85 24.84 11.37
C GLY E 132 -49.95 23.81 11.45
N PRO E 133 -49.60 22.58 11.81
CA PRO E 133 -50.59 21.51 11.89
C PRO E 133 -51.38 21.56 13.19
N SER E 134 -52.44 20.74 13.23
CA SER E 134 -53.22 20.51 14.43
C SER E 134 -53.12 19.03 14.76
N VAL E 135 -52.64 18.72 15.96
CA VAL E 135 -52.35 17.34 16.36
C VAL E 135 -53.57 16.77 17.07
N PHE E 136 -54.09 15.66 16.53
CA PHE E 136 -55.34 15.06 17.01
C PHE E 136 -55.07 13.61 17.35
N PRO E 137 -55.29 13.19 18.61
CA PRO E 137 -54.94 11.82 18.98
C PRO E 137 -55.88 10.79 18.41
N LEU E 138 -55.34 9.59 18.19
CA LEU E 138 -56.12 8.43 17.74
C LEU E 138 -56.13 7.42 18.88
N ALA E 139 -57.06 7.59 19.79
CA ALA E 139 -57.03 6.81 21.02
C ALA E 139 -57.53 5.39 20.75
N PRO E 140 -56.91 4.38 21.37
CA PRO E 140 -57.35 3.00 21.12
C PRO E 140 -58.71 2.72 21.71
N SER E 141 -59.45 1.83 21.06
CA SER E 141 -60.78 1.44 21.51
C SER E 141 -60.74 0.20 22.40
N GLY E 147 -57.98 -6.67 18.70
CA GLY E 147 -58.43 -7.34 19.90
C GLY E 147 -57.34 -7.54 20.93
N GLY E 148 -56.51 -8.56 20.72
CA GLY E 148 -55.41 -8.86 21.62
C GLY E 148 -54.21 -7.96 21.50
N THR E 149 -54.25 -6.95 20.63
CA THR E 149 -53.16 -6.00 20.47
C THR E 149 -53.76 -4.69 19.99
N ALA E 150 -53.53 -3.63 20.74
CA ALA E 150 -54.11 -2.32 20.43
C ALA E 150 -53.15 -1.49 19.58
N ALA E 151 -53.72 -0.51 18.89
CA ALA E 151 -52.94 0.42 18.07
C ALA E 151 -53.46 1.82 18.31
N LEU E 152 -52.54 2.77 18.42
CA LEU E 152 -52.86 4.17 18.67
C LEU E 152 -51.97 5.06 17.82
N GLY E 153 -52.41 6.29 17.64
CA GLY E 153 -51.66 7.19 16.79
C GLY E 153 -52.08 8.64 16.97
N CYS E 154 -51.54 9.49 16.09
CA CYS E 154 -51.85 10.91 16.07
C CYS E 154 -52.18 11.33 14.65
N LEU E 155 -53.23 12.14 14.50
CA LEU E 155 -53.58 12.72 13.22
C LEU E 155 -52.97 14.12 13.12
N VAL E 156 -52.19 14.33 12.06
CA VAL E 156 -51.54 15.62 11.83
C VAL E 156 -52.26 16.30 10.66
N LYS E 157 -53.26 17.12 10.98
CA LYS E 157 -54.20 17.63 9.98
C LYS E 157 -53.94 19.11 9.69
N ASP E 158 -54.10 19.48 8.42
CA ASP E 158 -54.19 20.87 7.98
C ASP E 158 -52.88 21.63 8.29
N TYR E 159 -51.83 21.22 7.60
CA TYR E 159 -50.54 21.91 7.69
C TYR E 159 -50.04 22.22 6.29
N PHE E 160 -49.08 23.13 6.23
CA PHE E 160 -48.49 23.59 4.99
C PHE E 160 -47.27 24.47 5.30
N PRO E 161 -46.13 24.26 4.62
CA PRO E 161 -45.95 23.23 3.60
C PRO E 161 -45.37 21.93 4.15
N GLU E 162 -44.90 21.08 3.25
CA GLU E 162 -44.22 19.86 3.64
C GLU E 162 -42.84 20.17 4.20
N PRO E 163 -42.30 19.29 5.08
CA PRO E 163 -42.98 18.17 5.71
C PRO E 163 -43.16 18.36 7.21
N VAL E 164 -43.52 17.30 7.92
CA VAL E 164 -43.56 17.29 9.38
C VAL E 164 -42.85 16.04 9.87
N THR E 165 -42.32 16.10 11.09
CA THR E 165 -41.63 14.98 11.71
C THR E 165 -42.39 14.55 12.96
N VAL E 166 -42.65 13.25 13.07
CA VAL E 166 -43.40 12.71 14.20
C VAL E 166 -42.57 11.61 14.84
N SER E 167 -42.23 11.78 16.12
CA SER E 167 -41.60 10.75 16.92
C SER E 167 -42.52 10.38 18.07
N TRP E 168 -42.18 9.30 18.76
CA TRP E 168 -43.02 8.76 19.84
C TRP E 168 -42.20 8.71 21.13
N ASN E 169 -42.67 9.43 22.15
CA ASN E 169 -42.02 9.47 23.45
C ASN E 169 -40.56 9.89 23.33
N SER E 170 -40.34 10.96 22.56
CA SER E 170 -39.03 11.53 22.27
C SER E 170 -38.11 10.56 21.54
N GLY E 171 -38.64 9.47 21.01
CA GLY E 171 -37.84 8.48 20.31
C GLY E 171 -37.68 7.14 21.01
N ALA E 172 -38.36 6.92 22.14
CA ALA E 172 -38.27 5.64 22.83
C ALA E 172 -39.05 4.55 22.12
N LEU E 173 -40.23 4.89 21.58
CA LEU E 173 -41.09 3.94 20.87
C LEU E 173 -40.86 4.12 19.37
N THR E 174 -40.19 3.16 18.76
CA THR E 174 -39.84 3.25 17.33
C THR E 174 -40.24 2.03 16.52
N SER E 175 -40.10 0.83 17.09
CA SER E 175 -40.43 -0.38 16.34
C SER E 175 -41.94 -0.51 16.20
N GLY E 176 -42.38 -0.85 14.99
CA GLY E 176 -43.80 -0.94 14.72
C GLY E 176 -44.50 0.37 14.50
N VAL E 177 -43.78 1.42 14.10
CA VAL E 177 -44.35 2.74 13.84
C VAL E 177 -44.52 2.90 12.34
N HIS E 178 -45.69 3.38 11.93
CA HIS E 178 -46.01 3.59 10.52
C HIS E 178 -46.49 5.03 10.33
N THR E 179 -45.60 5.88 9.81
CA THR E 179 -45.94 7.25 9.47
C THR E 179 -46.31 7.32 8.00
N PHE E 180 -47.55 7.66 7.71
CA PHE E 180 -48.10 7.60 6.36
C PHE E 180 -47.68 8.81 5.54
N PRO E 181 -47.58 8.65 4.22
CA PRO E 181 -47.38 9.82 3.36
C PRO E 181 -48.57 10.76 3.44
N ALA E 182 -48.29 12.05 3.35
CA ALA E 182 -49.34 13.06 3.50
C ALA E 182 -50.23 13.09 2.26
N VAL E 183 -51.47 13.49 2.47
CA VAL E 183 -52.44 13.65 1.40
C VAL E 183 -52.77 15.13 1.26
N LEU E 184 -52.71 15.64 0.03
CA LEU E 184 -53.03 17.04 -0.24
C LEU E 184 -54.54 17.18 -0.32
N GLN E 185 -55.13 17.66 0.77
CA GLN E 185 -56.57 17.86 0.81
C GLN E 185 -56.99 18.92 -0.21
N SER E 186 -58.27 18.89 -0.58
CA SER E 186 -58.78 19.84 -1.56
C SER E 186 -58.69 21.27 -1.07
N SER E 187 -58.51 21.48 0.23
CA SER E 187 -58.30 22.81 0.79
C SER E 187 -56.89 23.34 0.58
N GLY E 188 -56.00 22.56 -0.03
CA GLY E 188 -54.63 22.96 -0.21
C GLY E 188 -53.70 22.61 0.92
N LEU E 189 -54.23 22.16 2.05
CA LEU E 189 -53.44 21.78 3.21
C LEU E 189 -53.20 20.27 3.22
N TYR E 190 -52.05 19.87 3.75
CA TYR E 190 -51.70 18.46 3.84
C TYR E 190 -52.25 17.86 5.13
N SER E 191 -52.16 16.53 5.21
CA SER E 191 -52.62 15.81 6.39
C SER E 191 -52.06 14.39 6.34
N LEU E 192 -51.56 13.91 7.47
CA LEU E 192 -51.07 12.54 7.60
C LEU E 192 -51.39 12.04 9.00
N SER E 193 -51.06 10.78 9.25
CA SER E 193 -51.27 10.16 10.55
C SER E 193 -50.12 9.18 10.82
N SER E 194 -49.60 9.23 12.04
CA SER E 194 -48.53 8.33 12.47
C SER E 194 -49.11 7.38 13.52
N VAL E 195 -49.01 6.08 13.26
CA VAL E 195 -49.60 5.07 14.12
C VAL E 195 -48.49 4.16 14.65
N VAL E 196 -48.82 3.47 15.74
CA VAL E 196 -47.90 2.51 16.36
C VAL E 196 -48.73 1.48 17.11
N THR E 197 -48.31 0.22 17.04
CA THR E 197 -48.98 -0.88 17.72
C THR E 197 -48.26 -1.22 19.02
N VAL E 198 -49.02 -1.33 20.09
CA VAL E 198 -48.48 -1.58 21.42
C VAL E 198 -49.24 -2.75 22.03
N PRO E 199 -48.70 -3.36 23.09
CA PRO E 199 -49.45 -4.41 23.78
C PRO E 199 -50.78 -3.89 24.31
N SER E 200 -51.84 -4.68 24.09
CA SER E 200 -53.16 -4.32 24.57
C SER E 200 -53.31 -4.41 26.08
N SER E 201 -52.24 -4.75 26.80
CA SER E 201 -52.26 -4.85 28.25
C SER E 201 -51.58 -3.69 28.95
N SER E 202 -50.75 -2.92 28.25
CA SER E 202 -50.03 -1.79 28.82
C SER E 202 -50.67 -0.50 28.32
N LEU E 203 -51.81 -0.16 28.91
CA LEU E 203 -52.56 1.04 28.53
C LEU E 203 -52.78 1.98 29.70
N GLY E 204 -53.36 1.49 30.79
CA GLY E 204 -53.62 2.32 31.96
C GLY E 204 -52.39 2.69 32.77
N THR E 205 -51.20 2.23 32.37
CA THR E 205 -49.97 2.55 33.08
C THR E 205 -48.86 3.07 32.19
N GLN E 206 -48.94 2.90 30.87
CA GLN E 206 -47.89 3.33 29.96
C GLN E 206 -48.31 4.61 29.27
N THR E 207 -47.42 5.61 29.28
CA THR E 207 -47.70 6.91 28.69
C THR E 207 -47.25 6.93 27.23
N TYR E 208 -48.12 7.41 26.35
CA TYR E 208 -47.83 7.49 24.92
C TYR E 208 -48.03 8.93 24.45
N ILE E 209 -46.96 9.55 23.95
CA ILE E 209 -47.00 10.92 23.45
C ILE E 209 -46.29 10.96 22.11
N CYS E 210 -46.96 11.51 21.10
CA CYS E 210 -46.34 11.74 19.81
C CYS E 210 -45.75 13.14 19.77
N ASN E 211 -44.61 13.28 19.09
CA ASN E 211 -43.87 14.53 19.04
C ASN E 211 -43.86 15.04 17.60
N VAL E 212 -44.78 15.94 17.28
CA VAL E 212 -44.88 16.53 15.96
C VAL E 212 -44.10 17.84 15.96
N ASN E 213 -43.31 18.06 14.91
CA ASN E 213 -42.54 19.29 14.77
C ASN E 213 -42.63 19.76 13.33
N HIS E 214 -43.05 21.01 13.14
CA HIS E 214 -43.19 21.63 11.82
C HIS E 214 -42.21 22.79 11.75
N LYS E 215 -41.11 22.60 11.03
CA LYS E 215 -40.07 23.62 10.94
C LYS E 215 -40.52 24.88 10.20
N PRO E 216 -41.22 24.78 9.03
CA PRO E 216 -41.66 26.02 8.37
C PRO E 216 -42.70 26.82 9.13
N SER E 217 -42.99 26.45 10.39
CA SER E 217 -43.94 27.19 11.21
C SER E 217 -43.56 27.23 12.69
N ASN E 218 -42.49 26.55 13.09
CA ASN E 218 -42.02 26.57 14.48
C ASN E 218 -43.09 26.06 15.43
N THR E 219 -43.70 24.95 15.06
CA THR E 219 -44.79 24.34 15.81
C THR E 219 -44.36 22.95 16.24
N LYS E 220 -44.03 22.79 17.52
CA LYS E 220 -43.73 21.48 18.09
C LYS E 220 -44.78 21.16 19.14
N VAL E 221 -45.50 20.06 18.94
CA VAL E 221 -46.62 19.68 19.80
C VAL E 221 -46.31 18.33 20.44
N ASP E 222 -46.66 18.20 21.72
CA ASP E 222 -46.50 16.96 22.47
C ASP E 222 -47.88 16.58 23.01
N LYS E 223 -48.62 15.81 22.23
CA LYS E 223 -49.99 15.43 22.56
C LYS E 223 -50.03 14.02 23.13
N ARG E 224 -50.83 13.83 24.17
CA ARG E 224 -50.96 12.54 24.84
C ARG E 224 -52.08 11.74 24.20
N VAL E 225 -51.74 10.58 23.65
CA VAL E 225 -52.74 9.65 23.14
C VAL E 225 -53.19 8.80 24.32
N GLU E 226 -54.38 9.10 24.84
CA GLU E 226 -54.89 8.49 26.06
C GLU E 226 -56.17 7.72 25.75
N PRO E 227 -56.27 6.44 26.16
CA PRO E 227 -57.41 5.56 25.88
C PRO E 227 -58.75 6.15 26.30
N ASP F 1 -35.29 15.34 -28.30
CA ASP F 1 -35.61 14.90 -29.65
C ASP F 1 -36.10 13.46 -29.63
N ILE F 2 -35.48 12.65 -28.77
CA ILE F 2 -35.68 11.20 -28.79
C ILE F 2 -36.14 10.75 -27.41
N GLN F 3 -37.22 9.99 -27.37
CA GLN F 3 -37.93 9.64 -26.14
C GLN F 3 -37.93 8.12 -25.99
N MET F 4 -38.18 7.65 -24.76
CA MET F 4 -38.14 6.23 -24.48
C MET F 4 -39.52 5.66 -24.16
N THR F 5 -39.53 4.34 -23.94
CA THR F 5 -40.70 3.60 -23.49
C THR F 5 -40.19 2.45 -22.62
N GLN F 6 -40.27 2.62 -21.31
CA GLN F 6 -39.82 1.61 -20.36
C GLN F 6 -41.01 0.76 -19.93
N SER F 7 -40.86 -0.57 -20.04
CA SER F 7 -41.96 -1.48 -19.78
C SER F 7 -41.50 -2.62 -18.87
N PRO F 8 -42.34 -3.03 -17.90
CA PRO F 8 -43.63 -2.38 -17.62
C PRO F 8 -43.49 -1.18 -16.70
N SER F 9 -44.59 -0.48 -16.44
CA SER F 9 -44.55 0.62 -15.48
C SER F 9 -44.31 0.11 -14.07
N SER F 10 -44.80 -1.09 -13.76
CA SER F 10 -44.57 -1.73 -12.47
C SER F 10 -44.92 -3.21 -12.60
N LEU F 11 -44.41 -4.00 -11.67
CA LEU F 11 -44.65 -5.44 -11.69
C LEU F 11 -44.48 -5.99 -10.29
N SER F 12 -45.03 -7.18 -10.07
CA SER F 12 -44.96 -7.89 -8.79
C SER F 12 -44.41 -9.28 -9.05
N ALA F 13 -43.22 -9.56 -8.52
CA ALA F 13 -42.59 -10.86 -8.69
C ALA F 13 -42.50 -11.58 -7.35
N SER F 14 -41.38 -12.23 -7.06
CA SER F 14 -41.11 -12.81 -5.74
C SER F 14 -39.66 -13.29 -5.70
N VAL F 15 -39.22 -13.63 -4.48
CA VAL F 15 -37.83 -14.03 -4.26
C VAL F 15 -37.48 -15.25 -5.11
N GLY F 16 -36.30 -15.22 -5.72
CA GLY F 16 -35.85 -16.30 -6.60
C GLY F 16 -36.31 -16.19 -8.04
N ASP F 17 -37.32 -15.38 -8.32
CA ASP F 17 -37.84 -15.27 -9.68
C ASP F 17 -36.91 -14.43 -10.55
N ARG F 18 -36.94 -14.72 -11.85
CA ARG F 18 -36.20 -13.93 -12.82
C ARG F 18 -37.12 -12.84 -13.38
N VAL F 19 -36.71 -11.59 -13.23
CA VAL F 19 -37.46 -10.45 -13.71
C VAL F 19 -36.64 -9.72 -14.75
N THR F 20 -37.31 -9.30 -15.84
CA THR F 20 -36.67 -8.56 -16.92
C THR F 20 -37.46 -7.30 -17.20
N ILE F 21 -36.75 -6.18 -17.39
CA ILE F 21 -37.35 -4.89 -17.66
C ILE F 21 -36.86 -4.43 -19.03
N THR F 22 -37.80 -4.20 -19.94
CA THR F 22 -37.49 -3.76 -21.30
C THR F 22 -37.60 -2.25 -21.39
N CYS F 23 -36.71 -1.65 -22.17
CA CYS F 23 -36.68 -0.20 -22.35
C CYS F 23 -36.30 0.11 -23.79
N ARG F 24 -37.21 0.77 -24.52
CA ARG F 24 -37.06 1.04 -25.94
C ARG F 24 -37.13 2.55 -26.19
N ALA F 25 -36.61 2.97 -27.35
CA ALA F 25 -36.54 4.38 -27.69
C ALA F 25 -36.72 4.57 -29.19
N SER F 26 -36.72 5.83 -29.62
CA SER F 26 -37.02 6.18 -31.01
C SER F 26 -35.88 5.83 -31.95
N GLN F 27 -34.77 6.57 -31.89
CA GLN F 27 -33.66 6.30 -32.78
C GLN F 27 -32.86 5.08 -32.31
N SER F 28 -31.90 4.67 -33.13
CA SER F 28 -31.02 3.56 -32.81
C SER F 28 -29.87 4.08 -31.96
N ILE F 29 -29.86 3.72 -30.68
CA ILE F 29 -28.82 4.20 -29.77
C ILE F 29 -27.61 3.29 -29.77
N SER F 30 -27.80 2.00 -29.99
CA SER F 30 -26.75 0.98 -29.86
C SER F 30 -26.23 1.06 -28.43
N ASN F 31 -24.92 1.11 -28.20
CA ASN F 31 -24.35 0.94 -26.87
C ASN F 31 -24.74 2.02 -25.88
N TYR F 32 -25.45 3.07 -26.31
CA TYR F 32 -25.63 4.28 -25.51
C TYR F 32 -26.80 4.14 -24.52
N LEU F 33 -26.68 3.18 -23.61
CA LEU F 33 -27.69 2.95 -22.57
C LEU F 33 -27.03 2.81 -21.21
N ASN F 34 -27.75 3.27 -20.18
CA ASN F 34 -27.34 3.08 -18.79
C ASN F 34 -28.58 2.73 -17.97
N TRP F 35 -28.39 1.91 -16.94
CA TRP F 35 -29.46 1.53 -16.02
C TRP F 35 -29.18 2.11 -14.63
N TYR F 36 -30.24 2.22 -13.84
CA TYR F 36 -30.14 2.85 -12.52
C TYR F 36 -31.03 2.15 -11.51
N GLN F 37 -30.55 2.09 -10.27
CA GLN F 37 -31.30 1.59 -9.12
C GLN F 37 -31.53 2.73 -8.15
N GLN F 38 -32.79 3.03 -7.86
CA GLN F 38 -33.15 4.12 -6.95
C GLN F 38 -33.85 3.53 -5.74
N LYS F 39 -33.18 3.59 -4.59
CA LYS F 39 -33.81 3.22 -3.34
C LYS F 39 -34.91 4.22 -3.00
N PRO F 40 -35.88 3.82 -2.17
CA PRO F 40 -36.98 4.75 -1.84
C PRO F 40 -36.49 5.96 -1.09
N GLY F 41 -36.81 7.14 -1.63
CA GLY F 41 -36.39 8.38 -1.00
C GLY F 41 -34.89 8.54 -0.90
N LYS F 42 -34.16 8.06 -1.91
CA LYS F 42 -32.70 8.11 -1.87
C LYS F 42 -32.18 8.33 -3.27
N ALA F 43 -30.96 8.83 -3.36
CA ALA F 43 -30.38 9.18 -4.66
C ALA F 43 -30.24 7.93 -5.53
N PRO F 44 -30.45 8.05 -6.84
CA PRO F 44 -30.26 6.90 -7.72
C PRO F 44 -28.82 6.42 -7.72
N LYS F 45 -28.64 5.14 -8.04
CA LYS F 45 -27.33 4.51 -8.11
C LYS F 45 -27.10 4.01 -9.52
N LEU F 46 -25.92 4.32 -10.08
CA LEU F 46 -25.56 3.80 -11.39
C LEU F 46 -25.43 2.29 -11.35
N LEU F 47 -26.25 1.60 -12.16
CA LEU F 47 -26.33 0.16 -12.11
C LEU F 47 -25.57 -0.52 -13.23
N ILE F 48 -25.78 -0.09 -14.48
CA ILE F 48 -25.09 -0.69 -15.62
C ILE F 48 -24.62 0.42 -16.56
N TYR F 49 -23.44 0.23 -17.14
CA TYR F 49 -22.80 1.15 -18.07
C TYR F 49 -22.71 0.44 -19.42
N VAL F 50 -23.38 0.99 -20.43
CA VAL F 50 -23.41 0.44 -21.79
C VAL F 50 -24.17 -0.89 -21.77
N ALA F 51 -25.20 -0.95 -20.94
CA ALA F 51 -26.18 -2.05 -20.96
C ALA F 51 -25.56 -3.45 -20.84
N SER F 52 -24.28 -3.53 -20.45
CA SER F 52 -23.62 -4.83 -20.34
C SER F 52 -22.70 -4.88 -19.13
N ASN F 53 -21.72 -4.00 -19.11
CA ASN F 53 -20.79 -4.00 -18.00
C ASN F 53 -21.46 -3.51 -16.71
N LEU F 54 -21.11 -4.15 -15.60
CA LEU F 54 -21.66 -3.78 -14.30
C LEU F 54 -20.75 -2.74 -13.62
N GLN F 55 -21.14 -2.31 -12.41
CA GLN F 55 -20.43 -1.24 -11.72
C GLN F 55 -20.11 -1.62 -10.28
N SER F 56 -19.70 -0.63 -9.49
CA SER F 56 -19.30 -0.88 -8.12
C SER F 56 -20.51 -1.20 -7.25
N GLY F 57 -20.36 -2.21 -6.40
CA GLY F 57 -21.45 -2.60 -5.51
C GLY F 57 -22.66 -3.17 -6.20
N VAL F 58 -22.51 -3.67 -7.42
CA VAL F 58 -23.61 -4.25 -8.18
C VAL F 58 -23.54 -5.77 -8.01
N PRO F 59 -24.56 -6.41 -7.44
CA PRO F 59 -24.51 -7.86 -7.27
C PRO F 59 -24.39 -8.59 -8.60
N SER F 60 -23.93 -9.85 -8.52
CA SER F 60 -23.75 -10.66 -9.72
C SER F 60 -25.06 -11.03 -10.39
N ARG F 61 -26.18 -10.96 -9.67
CA ARG F 61 -27.46 -11.35 -10.23
C ARG F 61 -27.99 -10.34 -11.25
N PHE F 62 -27.47 -9.12 -11.24
CA PHE F 62 -27.87 -8.13 -12.24
C PHE F 62 -27.11 -8.34 -13.54
N SER F 63 -27.80 -8.06 -14.65
CA SER F 63 -27.20 -8.17 -15.97
C SER F 63 -28.07 -7.41 -16.97
N GLY F 64 -27.43 -6.85 -17.99
CA GLY F 64 -28.13 -6.18 -19.05
C GLY F 64 -27.74 -6.76 -20.41
N SER F 65 -28.50 -6.37 -21.42
CA SER F 65 -28.23 -6.81 -22.79
C SER F 65 -29.00 -5.92 -23.75
N GLY F 66 -28.71 -6.09 -25.04
CA GLY F 66 -29.41 -5.39 -26.09
C GLY F 66 -28.49 -4.52 -26.94
N SER F 67 -29.07 -4.02 -28.02
CA SER F 67 -28.40 -3.11 -28.93
C SER F 67 -29.46 -2.49 -29.84
N GLY F 68 -29.12 -1.33 -30.41
CA GLY F 68 -30.02 -0.65 -31.31
C GLY F 68 -31.12 0.11 -30.61
N THR F 69 -32.25 -0.55 -30.36
CA THR F 69 -33.38 0.08 -29.67
C THR F 69 -33.98 -0.77 -28.56
N ASP F 70 -33.79 -2.09 -28.56
CA ASP F 70 -34.41 -2.98 -27.59
C ASP F 70 -33.36 -3.38 -26.55
N PHE F 71 -33.67 -3.12 -25.28
CA PHE F 71 -32.75 -3.38 -24.19
C PHE F 71 -33.49 -3.98 -23.01
N ALA F 72 -32.78 -4.77 -22.21
CA ALA F 72 -33.38 -5.48 -21.10
C ALA F 72 -32.44 -5.51 -19.90
N LEU F 73 -32.97 -5.14 -18.75
CA LEU F 73 -32.30 -5.34 -17.47
C LEU F 73 -32.83 -6.60 -16.82
N THR F 74 -31.92 -7.49 -16.41
CA THR F 74 -32.29 -8.82 -15.94
C THR F 74 -31.74 -9.06 -14.54
N ILE F 75 -32.62 -9.49 -13.64
CA ILE F 75 -32.24 -9.96 -12.31
C ILE F 75 -32.41 -11.47 -12.31
N SER F 76 -31.31 -12.20 -12.19
CA SER F 76 -31.36 -13.65 -12.30
C SER F 76 -32.16 -14.27 -11.15
N SER F 77 -31.80 -13.94 -9.92
CA SER F 77 -32.49 -14.45 -8.74
C SER F 77 -32.91 -13.26 -7.88
N LEU F 78 -34.20 -12.94 -7.89
CA LEU F 78 -34.68 -11.74 -7.22
C LEU F 78 -34.56 -11.87 -5.71
N GLN F 79 -34.25 -10.76 -5.05
CA GLN F 79 -33.95 -10.71 -3.63
C GLN F 79 -34.78 -9.63 -2.95
N PRO F 80 -34.94 -9.72 -1.62
CA PRO F 80 -35.77 -8.72 -0.92
C PRO F 80 -35.20 -7.31 -0.94
N GLU F 81 -33.90 -7.14 -1.13
CA GLU F 81 -33.30 -5.82 -1.11
C GLU F 81 -33.29 -5.15 -2.48
N ASP F 82 -33.89 -5.79 -3.49
CA ASP F 82 -33.96 -5.23 -4.83
C ASP F 82 -35.20 -4.36 -5.04
N PHE F 83 -36.05 -4.22 -4.03
CA PHE F 83 -37.21 -3.35 -4.09
C PHE F 83 -36.79 -1.91 -4.39
N ALA F 84 -36.97 -1.49 -5.64
CA ALA F 84 -36.53 -0.16 -6.07
C ALA F 84 -37.23 0.19 -7.37
N SER F 85 -37.03 1.44 -7.80
CA SER F 85 -37.48 1.92 -9.09
C SER F 85 -36.28 1.99 -10.02
N TYR F 86 -36.39 1.35 -11.18
CA TYR F 86 -35.27 1.21 -12.11
C TYR F 86 -35.48 2.10 -13.32
N TYR F 87 -34.43 2.84 -13.68
CA TYR F 87 -34.47 3.78 -14.80
C TYR F 87 -33.40 3.42 -15.81
N CYS F 88 -33.70 3.64 -17.08
CA CYS F 88 -32.83 3.33 -18.21
C CYS F 88 -32.37 4.63 -18.86
N GLN F 89 -31.08 4.95 -18.73
CA GLN F 89 -30.55 6.23 -19.20
C GLN F 89 -30.12 6.16 -20.65
N GLN F 90 -30.33 7.26 -21.36
CA GLN F 90 -30.03 7.38 -22.77
C GLN F 90 -28.95 8.43 -22.98
N SER F 91 -27.81 8.00 -23.49
CA SER F 91 -26.72 8.92 -23.78
C SER F 91 -26.73 9.28 -25.26
N TYR F 92 -27.71 10.10 -25.64
CA TYR F 92 -27.65 10.64 -27.00
C TYR F 92 -26.70 11.83 -27.01
N SER F 93 -26.87 12.69 -28.00
CA SER F 93 -25.99 13.84 -28.15
C SER F 93 -26.26 14.89 -27.08
N PRO F 94 -27.52 15.11 -26.64
CA PRO F 94 -27.73 16.10 -25.56
C PRO F 94 -28.19 15.49 -24.23
N VAL F 95 -28.35 14.17 -24.18
CA VAL F 95 -28.86 13.45 -23.01
C VAL F 95 -30.19 14.10 -22.62
N THR F 96 -31.17 14.01 -23.52
CA THR F 96 -32.46 14.69 -23.30
C THR F 96 -33.21 14.07 -22.14
N THR F 97 -33.58 12.80 -22.25
CA THR F 97 -34.41 12.15 -21.25
C THR F 97 -33.93 10.73 -21.03
N PHE F 98 -34.53 10.08 -20.04
CA PHE F 98 -34.31 8.66 -19.80
C PHE F 98 -35.58 8.06 -19.24
N GLY F 99 -35.49 6.83 -18.75
CA GLY F 99 -36.67 5.99 -18.62
C GLY F 99 -37.73 6.59 -17.72
N GLY F 100 -38.98 6.19 -17.95
CA GLY F 100 -40.08 6.64 -17.13
C GLY F 100 -40.18 5.91 -15.80
N GLY F 101 -39.52 4.76 -15.67
CA GLY F 101 -39.44 4.08 -14.39
C GLY F 101 -40.13 2.73 -14.36
N THR F 102 -39.74 1.92 -13.38
CA THR F 102 -40.36 0.60 -13.18
C THR F 102 -40.19 0.23 -11.71
N LYS F 103 -41.31 0.21 -10.97
CA LYS F 103 -41.30 -0.16 -9.56
C LYS F 103 -41.51 -1.66 -9.44
N VAL F 104 -40.54 -2.35 -8.86
CA VAL F 104 -40.59 -3.80 -8.67
C VAL F 104 -41.04 -4.08 -7.24
N GLU F 105 -42.12 -4.84 -7.11
CA GLU F 105 -42.64 -5.24 -5.80
C GLU F 105 -42.41 -6.73 -5.62
N ILE F 106 -41.88 -7.11 -4.46
CA ILE F 106 -41.34 -8.44 -4.27
C ILE F 106 -42.42 -9.47 -3.97
N LYS F 107 -43.49 -9.06 -3.28
CA LYS F 107 -44.64 -9.92 -3.06
C LYS F 107 -44.43 -11.12 -2.14
N ARG F 108 -45.50 -11.46 -1.43
CA ARG F 108 -45.63 -12.53 -0.45
C ARG F 108 -47.12 -12.90 -0.44
N THR F 109 -47.52 -13.67 0.57
CA THR F 109 -48.95 -13.97 0.66
C THR F 109 -49.50 -13.86 2.09
N VAL F 110 -48.89 -13.02 2.94
CA VAL F 110 -49.25 -13.00 4.36
C VAL F 110 -50.68 -12.50 4.55
N ALA F 111 -50.96 -11.29 4.08
CA ALA F 111 -52.29 -10.66 4.15
C ALA F 111 -52.67 -10.54 5.63
N ALA F 112 -53.86 -10.97 6.03
CA ALA F 112 -54.34 -10.87 7.40
C ALA F 112 -54.23 -9.45 7.98
N PRO F 113 -54.98 -8.49 7.43
CA PRO F 113 -54.95 -7.14 7.98
C PRO F 113 -55.60 -7.06 9.36
N SER F 114 -55.30 -5.96 10.04
CA SER F 114 -55.96 -5.59 11.28
C SER F 114 -56.61 -4.23 11.09
N VAL F 115 -57.84 -4.10 11.60
CA VAL F 115 -58.67 -2.93 11.31
C VAL F 115 -59.12 -2.29 12.62
N PHE F 116 -58.70 -1.05 12.85
CA PHE F 116 -59.14 -0.24 13.99
C PHE F 116 -59.75 1.06 13.49
N ILE F 117 -60.77 1.54 14.22
CA ILE F 117 -61.43 2.79 13.91
C ILE F 117 -61.19 3.75 15.07
N PHE F 118 -61.18 5.06 14.75
CA PHE F 118 -60.85 6.08 15.74
C PHE F 118 -61.85 7.24 15.65
N PRO F 119 -62.49 7.60 16.77
CA PRO F 119 -63.42 8.73 16.75
C PRO F 119 -62.67 10.04 16.62
N PRO F 120 -63.35 11.12 16.23
CA PRO F 120 -62.72 12.45 16.27
C PRO F 120 -62.43 12.86 17.70
N SER F 121 -61.24 13.43 17.90
CA SER F 121 -60.86 13.89 19.23
C SER F 121 -61.78 15.01 19.68
N ASP F 122 -61.92 15.15 21.00
CA ASP F 122 -62.75 16.22 21.55
C ASP F 122 -62.20 17.60 21.19
N GLU F 123 -60.89 17.68 20.93
CA GLU F 123 -60.27 18.98 20.69
C GLU F 123 -60.60 19.50 19.30
N GLN F 124 -60.67 18.63 18.29
CA GLN F 124 -61.02 19.11 16.96
C GLN F 124 -62.52 19.31 16.80
N LEU F 125 -63.33 18.57 17.57
CA LEU F 125 -64.77 18.77 17.50
C LEU F 125 -65.20 20.15 17.96
N LYS F 126 -64.35 20.84 18.73
CA LYS F 126 -64.63 22.22 19.08
C LYS F 126 -64.28 23.17 17.94
N SER F 127 -63.30 22.82 17.12
CA SER F 127 -62.86 23.66 16.02
C SER F 127 -63.78 23.63 14.81
N GLY F 128 -64.85 22.84 14.86
CA GLY F 128 -65.76 22.76 13.74
C GLY F 128 -65.41 21.75 12.67
N THR F 129 -64.54 20.79 12.99
CA THR F 129 -64.10 19.80 12.02
C THR F 129 -64.02 18.44 12.69
N ALA F 130 -64.58 17.42 12.05
CA ALA F 130 -64.55 16.06 12.54
C ALA F 130 -63.77 15.19 11.57
N SER F 131 -62.82 14.42 12.10
CA SER F 131 -62.00 13.53 11.29
C SER F 131 -62.01 12.14 11.91
N VAL F 132 -62.58 11.17 11.19
CA VAL F 132 -62.65 9.79 11.63
C VAL F 132 -61.62 8.99 10.84
N VAL F 133 -60.66 8.39 11.55
CA VAL F 133 -59.54 7.69 10.93
C VAL F 133 -59.75 6.19 11.08
N CYS F 134 -59.54 5.45 10.00
CA CYS F 134 -59.61 4.00 10.00
C CYS F 134 -58.24 3.45 9.62
N LEU F 135 -57.80 2.41 10.34
CA LEU F 135 -56.45 1.88 10.21
C LEU F 135 -56.49 0.46 9.68
N LEU F 136 -55.74 0.20 8.62
CA LEU F 136 -55.51 -1.14 8.10
C LEU F 136 -54.03 -1.45 8.29
N ASN F 137 -53.72 -2.40 9.15
CA ASN F 137 -52.35 -2.66 9.57
C ASN F 137 -51.85 -4.00 9.04
N ASN F 138 -50.59 -4.00 8.60
CA ASN F 138 -49.85 -5.20 8.20
C ASN F 138 -50.68 -6.16 7.35
N PHE F 139 -51.06 -5.73 6.14
CA PHE F 139 -51.75 -6.58 5.20
C PHE F 139 -50.92 -6.71 3.92
N TYR F 140 -51.12 -7.83 3.21
CA TYR F 140 -50.43 -7.96 1.93
C TYR F 140 -51.08 -9.06 1.08
N PRO F 141 -51.50 -8.81 -0.17
CA PRO F 141 -51.15 -7.76 -1.14
C PRO F 141 -51.66 -6.35 -0.88
N ARG F 142 -51.14 -5.43 -1.70
CA ARG F 142 -51.48 -4.01 -1.60
C ARG F 142 -52.97 -3.78 -1.80
N GLU F 143 -53.60 -4.54 -2.70
CA GLU F 143 -54.98 -4.27 -3.08
C GLU F 143 -55.93 -4.49 -1.91
N ALA F 144 -56.74 -3.47 -1.63
CA ALA F 144 -57.76 -3.53 -0.59
C ALA F 144 -58.77 -2.42 -0.86
N LYS F 145 -59.87 -2.45 -0.13
CA LYS F 145 -60.92 -1.45 -0.29
C LYS F 145 -61.43 -1.01 1.07
N VAL F 146 -61.53 0.30 1.26
CA VAL F 146 -62.08 0.90 2.47
C VAL F 146 -63.40 1.57 2.12
N GLN F 147 -64.46 1.25 2.87
CA GLN F 147 -65.80 1.76 2.62
C GLN F 147 -66.29 2.45 3.88
N TRP F 148 -66.68 3.72 3.75
CA TRP F 148 -67.23 4.49 4.86
C TRP F 148 -68.75 4.49 4.80
N LYS F 149 -69.37 4.27 5.95
CA LYS F 149 -70.83 4.25 6.07
C LYS F 149 -71.26 5.07 7.28
N VAL F 150 -72.15 6.02 7.04
CA VAL F 150 -72.65 6.94 8.07
C VAL F 150 -74.14 6.69 8.24
N ASP F 151 -74.53 6.20 9.40
CA ASP F 151 -75.88 5.65 9.61
C ASP F 151 -76.20 4.62 8.52
N ASN F 152 -75.20 3.80 8.19
CA ASN F 152 -75.32 2.74 7.18
C ASN F 152 -75.64 3.33 5.81
N ALA F 153 -75.06 4.49 5.51
CA ALA F 153 -75.20 5.13 4.20
C ALA F 153 -73.81 5.26 3.57
N LEU F 154 -73.68 4.79 2.33
CA LEU F 154 -72.39 4.79 1.66
C LEU F 154 -71.86 6.22 1.50
N GLN F 155 -70.57 6.38 1.78
CA GLN F 155 -69.92 7.69 1.72
C GLN F 155 -68.88 7.68 0.61
N SER F 156 -68.87 8.75 -0.18
CA SER F 156 -67.97 8.85 -1.32
C SER F 156 -67.55 10.31 -1.50
N GLY F 157 -66.26 10.51 -1.79
CA GLY F 157 -65.73 11.83 -2.08
C GLY F 157 -65.23 12.60 -0.87
N ASN F 158 -65.61 12.20 0.34
CA ASN F 158 -65.24 12.92 1.56
C ASN F 158 -64.25 12.13 2.40
N SER F 159 -63.47 11.24 1.78
CA SER F 159 -62.46 10.47 2.49
C SER F 159 -61.18 10.44 1.66
N GLN F 160 -60.05 10.34 2.36
CA GLN F 160 -58.75 10.22 1.71
C GLN F 160 -57.91 9.21 2.47
N GLU F 161 -57.00 8.56 1.76
CA GLU F 161 -56.22 7.48 2.32
C GLU F 161 -54.82 7.47 1.73
N SER F 162 -53.90 6.81 2.42
CA SER F 162 -52.54 6.63 1.95
C SER F 162 -52.02 5.30 2.45
N VAL F 163 -50.97 4.81 1.80
CA VAL F 163 -50.39 3.52 2.11
C VAL F 163 -48.90 3.68 2.35
N THR F 164 -48.39 2.99 3.37
CA THR F 164 -46.96 2.96 3.61
C THR F 164 -46.26 2.04 2.60
N GLU F 165 -44.95 2.18 2.51
CA GLU F 165 -44.17 1.28 1.69
C GLU F 165 -44.08 -0.09 2.35
N GLN F 166 -43.50 -1.05 1.63
CA GLN F 166 -43.31 -2.38 2.19
C GLN F 166 -42.43 -2.31 3.43
N ASP F 167 -42.87 -2.97 4.49
CA ASP F 167 -42.07 -3.05 5.70
C ASP F 167 -40.77 -3.81 5.42
N SER F 168 -39.67 -3.30 5.94
CA SER F 168 -38.36 -3.92 5.73
C SER F 168 -38.15 -5.14 6.61
N LYS F 169 -39.19 -5.67 7.24
CA LYS F 169 -39.06 -6.83 8.10
C LYS F 169 -40.09 -7.90 7.73
N ASP F 170 -41.37 -7.55 7.76
CA ASP F 170 -42.44 -8.49 7.46
C ASP F 170 -43.03 -8.30 6.05
N SER F 171 -42.57 -7.28 5.32
CA SER F 171 -42.93 -7.05 3.92
C SER F 171 -44.42 -6.77 3.73
N THR F 172 -45.12 -6.35 4.77
CA THR F 172 -46.54 -6.05 4.67
C THR F 172 -46.73 -4.56 4.36
N TYR F 173 -47.99 -4.17 4.17
CA TYR F 173 -48.36 -2.77 3.99
C TYR F 173 -49.25 -2.32 5.14
N SER F 174 -49.46 -1.00 5.21
CA SER F 174 -50.42 -0.42 6.13
C SER F 174 -51.17 0.69 5.41
N LEU F 175 -52.46 0.84 5.73
CA LEU F 175 -53.31 1.82 5.10
C LEU F 175 -54.09 2.57 6.16
N SER F 176 -54.23 3.88 5.96
CA SER F 176 -54.98 4.74 6.88
C SER F 176 -55.90 5.64 6.06
N SER F 177 -57.20 5.35 6.10
CA SER F 177 -58.20 6.18 5.46
C SER F 177 -58.87 7.06 6.51
N THR F 178 -59.09 8.31 6.17
CA THR F 178 -59.69 9.28 7.09
C THR F 178 -60.92 9.90 6.45
N LEU F 179 -61.99 10.00 7.24
CA LEU F 179 -63.22 10.66 6.82
C LEU F 179 -63.27 12.06 7.41
N THR F 180 -63.69 13.03 6.60
CA THR F 180 -63.68 14.42 7.00
C THR F 180 -65.06 15.03 6.76
N LEU F 181 -65.70 15.48 7.85
CA LEU F 181 -66.99 16.16 7.76
C LEU F 181 -66.99 17.33 8.74
N SER F 182 -68.00 18.19 8.62
CA SER F 182 -68.13 19.31 9.51
C SER F 182 -68.64 18.86 10.88
N LYS F 183 -68.50 19.76 11.87
CA LYS F 183 -68.93 19.43 13.22
C LYS F 183 -70.44 19.32 13.32
N ALA F 184 -71.18 20.01 12.45
CA ALA F 184 -72.63 19.87 12.44
C ALA F 184 -73.06 18.61 11.70
N ASP F 185 -72.42 18.31 10.57
CA ASP F 185 -72.74 17.07 9.84
C ASP F 185 -72.31 15.84 10.63
N TYR F 186 -71.24 15.94 11.42
CA TYR F 186 -70.86 14.83 12.28
C TYR F 186 -71.92 14.54 13.33
N GLU F 187 -72.60 15.58 13.81
CA GLU F 187 -73.57 15.46 14.88
C GLU F 187 -74.98 15.14 14.40
N LYS F 188 -75.22 15.20 13.09
CA LYS F 188 -76.51 14.81 12.53
C LYS F 188 -76.69 13.29 12.50
N HIS F 189 -75.63 12.53 12.68
CA HIS F 189 -75.66 11.07 12.55
C HIS F 189 -74.99 10.45 13.77
N LYS F 190 -74.98 9.13 13.84
CA LYS F 190 -74.42 8.45 14.99
C LYS F 190 -73.51 7.28 14.61
N VAL F 191 -74.02 6.33 13.84
CA VAL F 191 -73.29 5.11 13.53
C VAL F 191 -72.30 5.40 12.41
N TYR F 192 -71.01 5.34 12.74
CA TYR F 192 -69.92 5.46 11.76
C TYR F 192 -69.18 4.13 11.70
N ALA F 193 -69.11 3.55 10.51
CA ALA F 193 -68.52 2.24 10.31
C ALA F 193 -67.45 2.28 9.24
N CYS F 194 -66.47 1.38 9.36
CA CYS F 194 -65.38 1.23 8.40
C CYS F 194 -65.40 -0.21 7.88
N GLU F 195 -65.93 -0.40 6.68
CA GLU F 195 -65.97 -1.71 6.05
C GLU F 195 -64.70 -1.95 5.26
N VAL F 196 -64.03 -3.06 5.54
CA VAL F 196 -62.75 -3.40 4.92
C VAL F 196 -62.92 -4.67 4.11
N THR F 197 -62.62 -4.58 2.82
CA THR F 197 -62.66 -5.72 1.90
C THR F 197 -61.23 -6.10 1.52
N HIS F 198 -60.89 -7.37 1.71
CA HIS F 198 -59.53 -7.83 1.43
C HIS F 198 -59.56 -9.32 1.15
N GLN F 199 -58.52 -9.78 0.44
CA GLN F 199 -58.42 -11.20 0.09
C GLN F 199 -58.25 -12.06 1.33
N GLY F 200 -57.37 -11.65 2.25
CA GLY F 200 -57.07 -12.43 3.42
C GLY F 200 -58.22 -12.58 4.40
N LEU F 201 -59.34 -11.93 4.10
CA LEU F 201 -60.55 -12.03 4.91
C LEU F 201 -61.61 -12.79 4.13
N SER F 202 -62.19 -13.82 4.77
CA SER F 202 -63.24 -14.60 4.12
C SER F 202 -64.49 -13.78 3.85
N SER F 203 -64.68 -12.68 4.57
CA SER F 203 -65.82 -11.80 4.37
C SER F 203 -65.42 -10.41 4.86
N PRO F 204 -66.05 -9.35 4.37
CA PRO F 204 -65.69 -8.00 4.80
C PRO F 204 -65.87 -7.82 6.30
N VAL F 205 -64.89 -7.15 6.92
CA VAL F 205 -64.86 -6.91 8.36
C VAL F 205 -65.21 -5.45 8.60
N THR F 206 -66.14 -5.20 9.51
CA THR F 206 -66.63 -3.86 9.80
C THR F 206 -66.31 -3.50 11.25
N LYS F 207 -65.60 -2.39 11.43
CA LYS F 207 -65.35 -1.81 12.75
C LYS F 207 -66.12 -0.50 12.85
N SER F 208 -67.04 -0.44 13.80
CA SER F 208 -67.93 0.71 13.93
C SER F 208 -67.87 1.25 15.35
N PHE F 209 -68.69 2.28 15.60
CA PHE F 209 -68.69 3.02 16.85
C PHE F 209 -69.96 3.87 16.88
N ASN F 210 -70.36 4.26 18.08
CA ASN F 210 -71.59 5.02 18.29
C ASN F 210 -71.28 6.37 18.91
N ARG F 211 -72.16 7.33 18.66
CA ARG F 211 -72.04 8.74 19.08
C ARG F 211 -71.00 9.46 18.22
C1 NAG G . 14.59 8.03 35.45
C2 NAG G . 13.18 7.79 36.01
C3 NAG G . 13.01 6.36 36.54
C4 NAG G . 13.52 5.33 35.55
C5 NAG G . 14.95 5.66 35.15
C6 NAG G . 15.52 4.71 34.12
C7 NAG G . 13.47 8.82 38.24
C8 NAG G . 12.98 9.89 39.18
N2 NAG G . 12.86 8.76 37.06
O3 NAG G . 11.62 6.16 36.77
O4 NAG G . 13.46 4.00 36.06
O5 NAG G . 14.97 6.97 34.56
O6 NAG G . 14.49 4.14 33.33
O7 NAG G . 14.39 8.06 38.56
C1 NAG G . 13.61 3.92 37.50
C2 NAG G . 12.97 2.59 37.97
C3 NAG G . 13.16 2.39 39.48
C4 NAG G . 14.62 2.58 39.88
C5 NAG G . 15.19 3.87 39.30
C6 NAG G . 16.69 4.01 39.51
C7 NAG G . 10.50 3.14 37.96
C8 NAG G . 10.70 4.26 38.95
N2 NAG G . 11.58 2.45 37.56
O3 NAG G . 12.73 1.08 39.84
O4 NAG G . 14.74 2.59 41.30
O5 NAG G . 14.99 3.92 37.87
O6 NAG G . 17.11 3.30 40.66
O7 NAG G . 9.38 2.88 37.51
C1 BMA G . 14.12 3.76 41.89
C2 BMA G . 13.01 3.30 42.90
C3 BMA G . 12.52 4.48 43.74
C4 BMA G . 13.69 5.27 44.31
C5 BMA G . 14.58 5.74 43.17
C6 BMA G . 15.75 6.59 43.64
O2 BMA G . 13.53 2.32 43.80
O3 BMA G . 11.65 4.05 44.78
O4 BMA G . 13.21 6.40 45.04
O5 BMA G . 15.10 4.57 42.52
O6 BMA G . 16.42 5.89 44.69
C1 NAG H . -3.79 16.62 16.70
C2 NAG H . -5.28 16.95 16.79
C3 NAG H . -5.50 18.22 17.60
C4 NAG H . -4.83 18.10 18.97
C5 NAG H . -3.37 17.68 18.83
C6 NAG H . -2.71 17.37 20.15
C7 NAG H . -5.52 17.98 14.55
C8 NAG H . -6.27 17.92 13.25
N2 NAG H . -5.88 17.07 15.46
O3 NAG H . -6.89 18.45 17.75
O4 NAG H . -4.87 19.37 19.63
O5 NAG H . -3.26 16.49 18.03
O6 NAG H . -2.73 18.49 21.03
O7 NAG H . -4.64 18.81 14.74
C1 NAG H . -5.83 19.43 20.69
C2 NAG H . -6.24 20.90 20.85
C3 NAG H . -7.33 21.05 21.92
C4 NAG H . -8.49 20.09 21.67
C5 NAG H . -7.95 18.67 21.50
C6 NAG H . -9.03 17.67 21.15
C7 NAG H . -4.34 21.60 22.27
C8 NAG H . -3.20 22.56 22.41
N2 NAG H . -5.09 21.73 21.17
O3 NAG H . -7.81 22.39 21.93
O4 NAG H . -9.38 20.13 22.77
O5 NAG H . -7.00 18.63 20.43
O6 NAG H . -9.50 17.01 22.33
O7 NAG H . -4.56 20.73 23.13
C1 BMA H . -10.70 20.61 22.42
C2 BMA H . -10.93 21.95 23.16
C3 BMA H . -12.30 22.53 22.79
C4 BMA H . -12.53 22.54 21.26
C5 BMA H . -12.23 21.15 20.65
C6 BMA H . -12.37 21.12 19.15
O2 BMA H . -9.96 22.92 22.77
O3 BMA H . -12.49 23.84 23.31
O4 BMA H . -13.86 22.90 20.98
O5 BMA H . -10.88 20.78 21.01
O6 BMA H . -12.82 19.83 18.76
C1 NAG I . -18.55 -14.41 -31.59
C2 NAG I . -18.40 -15.92 -31.52
C3 NAG I . -19.69 -16.57 -31.00
C4 NAG I . -20.11 -15.94 -29.67
C5 NAG I . -20.20 -14.42 -29.82
C6 NAG I . -20.48 -13.71 -28.52
C7 NAG I . -16.83 -16.84 -33.17
C8 NAG I . -16.67 -17.38 -34.55
N2 NAG I . -18.07 -16.47 -32.84
O3 NAG I . -19.50 -17.97 -30.83
O4 NAG I . -21.38 -16.46 -29.29
O5 NAG I . -18.95 -13.90 -30.31
O6 NAG I . -19.51 -14.04 -27.53
O7 NAG I . -15.88 -16.73 -32.40
C1 NAG I . -21.40 -17.02 -27.96
C2 NAG I . -21.83 -18.49 -28.03
C3 NAG I . -21.82 -19.15 -26.64
C4 NAG I . -20.47 -18.92 -25.97
C5 NAG I . -20.13 -17.43 -25.95
C6 NAG I . -18.79 -17.13 -25.35
C7 NAG I . -24.33 -18.25 -28.39
C8 NAG I . -24.47 -17.42 -27.13
N2 NAG I . -23.10 -18.69 -28.72
O3 NAG I . -22.06 -20.55 -26.79
O4 NAG I . -20.52 -19.40 -24.62
O5 NAG I . -20.11 -16.92 -27.29
O6 NAG I . -18.66 -15.76 -24.98
O7 NAG I . -25.31 -18.51 -29.08
C1 NAG J . 7.93 28.22 -2.47
C2 NAG J . 8.78 28.45 -3.73
C3 NAG J . 8.22 29.61 -4.55
C4 NAG J . 6.75 29.39 -4.84
C5 NAG J . 5.99 29.14 -3.54
C6 NAG J . 4.53 28.80 -3.78
C7 NAG J . 10.64 29.71 -2.69
C8 NAG J . 12.12 29.75 -2.47
N2 NAG J . 10.18 28.67 -3.40
O3 NAG J . 8.95 29.72 -5.77
O4 NAG J . 6.20 30.53 -5.50
O5 NAG J . 6.56 28.03 -2.85
O6 NAG J . 4.38 27.76 -4.74
O7 NAG J . 9.89 30.58 -2.25
C1 NAG K . 7.60 -11.02 -20.87
C2 NAG K . 8.88 -11.72 -20.43
C3 NAG K . 9.77 -11.98 -21.64
C4 NAG K . 9.01 -12.79 -22.68
C5 NAG K . 7.66 -12.15 -23.01
C6 NAG K . 6.79 -13.04 -23.86
C7 NAG K . 10.48 -9.99 -19.55
C8 NAG K . 11.04 -9.40 -18.29
N2 NAG K . 9.59 -10.97 -19.38
O3 NAG K . 10.95 -12.67 -21.22
O4 NAG K . 9.78 -12.87 -23.88
O5 NAG K . 6.91 -11.86 -21.82
O6 NAG K . 7.56 -13.76 -24.81
O7 NAG K . 10.82 -9.56 -20.66
C1 NAG L . 18.24 10.45 -23.38
C2 NAG L . 18.18 11.97 -23.23
C3 NAG L . 18.96 12.64 -24.36
C4 NAG L . 20.37 12.07 -24.45
C5 NAG L . 20.31 10.56 -24.58
C6 NAG L . 21.68 9.91 -24.59
C7 NAG L . 16.29 13.15 -22.20
C8 NAG L . 14.85 13.57 -22.36
N2 NAG L . 16.81 12.45 -23.21
O3 NAG L . 19.01 14.04 -24.14
O4 NAG L . 21.04 12.61 -25.60
O5 NAG L . 19.61 10.02 -23.47
O6 NAG L . 21.58 8.50 -24.47
O7 NAG L . 16.95 13.44 -21.21
#